data_2MLB
#
_entry.id   2MLB
#
_entity_poly.entity_id   1
_entity_poly.type   'polypeptide(L)'
_entity_poly.pdbx_seq_one_letter_code
;MDTINITLPDGKTLTLTVTPEFTVKELAEEIARRLGLSPEDIKLTHNGKTLDPSLTLAEYGITPGSTITLEIKKKGGLE
;
_entity_poly.pdbx_strand_id   A
#
# COMPACT_ATOMS: atom_id res chain seq x y z
N MET A 1 -11.77 12.28 -8.46
CA MET A 1 -11.54 11.03 -7.71
C MET A 1 -10.74 11.30 -6.44
N ASP A 2 -11.09 10.59 -5.37
CA ASP A 2 -10.41 10.75 -4.09
C ASP A 2 -10.19 9.41 -3.41
N THR A 3 -10.77 8.35 -3.97
CA THR A 3 -10.66 7.01 -3.40
C THR A 3 -9.76 6.12 -4.26
N ILE A 4 -9.11 5.16 -3.61
CA ILE A 4 -8.21 4.23 -4.29
C ILE A 4 -8.59 2.79 -3.99
N ASN A 5 -8.10 1.87 -4.81
CA ASN A 5 -8.37 0.45 -4.62
C ASN A 5 -7.08 -0.30 -4.35
N ILE A 6 -7.12 -1.21 -3.38
CA ILE A 6 -5.95 -2.00 -3.03
C ILE A 6 -6.30 -3.48 -3.08
N THR A 7 -5.64 -4.20 -3.99
CA THR A 7 -5.88 -5.64 -4.15
C THR A 7 -4.91 -6.46 -3.31
N LEU A 8 -5.46 -7.25 -2.39
CA LEU A 8 -4.67 -8.10 -1.53
C LEU A 8 -4.66 -9.54 -2.06
N PRO A 9 -3.71 -10.38 -1.59
CA PRO A 9 -3.62 -11.79 -2.01
C PRO A 9 -4.91 -12.59 -1.78
N ASP A 10 -5.77 -12.11 -0.88
CA ASP A 10 -7.04 -12.79 -0.59
C ASP A 10 -7.98 -12.66 -1.80
N GLY A 11 -7.74 -11.65 -2.63
CA GLY A 11 -8.56 -11.47 -3.82
C GLY A 11 -9.57 -10.36 -3.70
N LYS A 12 -9.89 -9.94 -2.48
CA LYS A 12 -10.85 -8.85 -2.29
C LYS A 12 -10.15 -7.50 -2.40
N THR A 13 -10.94 -6.43 -2.38
CA THR A 13 -10.38 -5.09 -2.50
C THR A 13 -10.90 -4.17 -1.42
N LEU A 14 -10.09 -3.19 -1.04
CA LEU A 14 -10.44 -2.23 -0.01
C LEU A 14 -10.46 -0.81 -0.55
N THR A 15 -11.32 0.03 0.01
CA THR A 15 -11.42 1.42 -0.43
C THR A 15 -10.93 2.38 0.65
N LEU A 16 -9.95 3.21 0.30
CA LEU A 16 -9.38 4.19 1.22
C LEU A 16 -9.20 5.53 0.54
N THR A 17 -9.09 6.59 1.33
CA THR A 17 -8.90 7.94 0.80
C THR A 17 -7.43 8.33 0.84
N VAL A 18 -6.96 9.00 -0.22
CA VAL A 18 -5.57 9.41 -0.30
C VAL A 18 -5.44 10.93 -0.38
N THR A 19 -4.35 11.46 0.18
CA THR A 19 -4.10 12.90 0.16
C THR A 19 -2.62 13.17 -0.11
N PRO A 20 -2.29 14.38 -0.63
CA PRO A 20 -0.90 14.75 -0.94
C PRO A 20 -0.09 15.03 0.33
N GLU A 21 -0.75 15.03 1.49
CA GLU A 21 -0.08 15.28 2.75
C GLU A 21 0.25 13.97 3.47
N PHE A 22 -0.30 12.87 2.98
CA PHE A 22 -0.06 11.57 3.58
C PHE A 22 1.23 10.97 3.03
N THR A 23 1.95 10.25 3.87
CA THR A 23 3.17 9.59 3.45
C THR A 23 2.88 8.14 3.12
N VAL A 24 3.85 7.45 2.51
CA VAL A 24 3.67 6.05 2.16
C VAL A 24 3.60 5.20 3.43
N LYS A 25 4.33 5.63 4.44
CA LYS A 25 4.36 4.93 5.73
C LYS A 25 3.05 5.13 6.49
N GLU A 26 2.49 6.33 6.40
CA GLU A 26 1.25 6.66 7.08
C GLU A 26 0.06 5.96 6.42
N LEU A 27 -0.03 6.06 5.10
CA LEU A 27 -1.09 5.42 4.34
C LEU A 27 -1.08 3.90 4.54
N ALA A 28 0.13 3.34 4.66
CA ALA A 28 0.29 1.89 4.86
C ALA A 28 -0.15 1.45 6.26
N GLU A 29 0.13 2.27 7.26
CA GLU A 29 -0.23 1.94 8.64
C GLU A 29 -1.75 2.00 8.87
N GLU A 30 -2.45 2.79 8.05
CA GLU A 30 -3.90 2.92 8.15
C GLU A 30 -4.59 1.66 7.65
N ILE A 31 -4.24 1.23 6.44
CA ILE A 31 -4.82 0.04 5.83
C ILE A 31 -4.40 -1.24 6.54
N ALA A 32 -3.18 -1.25 7.08
CA ALA A 32 -2.65 -2.41 7.79
C ALA A 32 -3.37 -2.65 9.11
N ARG A 33 -3.89 -1.57 9.70
CA ARG A 33 -4.60 -1.66 10.98
C ARG A 33 -5.90 -2.45 10.85
N ARG A 34 -6.55 -2.36 9.69
CA ARG A 34 -7.82 -3.05 9.46
C ARG A 34 -7.58 -4.53 9.11
N LEU A 35 -6.40 -4.85 8.60
CA LEU A 35 -6.09 -6.22 8.24
C LEU A 35 -5.34 -6.94 9.37
N GLY A 36 -4.78 -6.17 10.30
CA GLY A 36 -4.06 -6.75 11.42
C GLY A 36 -2.64 -7.14 11.06
N LEU A 37 -1.95 -6.29 10.30
CA LEU A 37 -0.57 -6.56 9.90
C LEU A 37 0.33 -5.37 10.21
N SER A 38 1.61 -5.53 9.91
CA SER A 38 2.61 -4.48 10.15
C SER A 38 3.07 -3.86 8.83
N PRO A 39 3.36 -2.54 8.82
CA PRO A 39 3.79 -1.82 7.61
C PRO A 39 5.18 -2.23 7.09
N GLU A 40 6.01 -2.78 7.98
CA GLU A 40 7.36 -3.21 7.61
C GLU A 40 7.38 -4.51 6.80
N ASP A 41 6.22 -5.16 6.71
CA ASP A 41 6.11 -6.42 5.97
C ASP A 41 5.37 -6.23 4.64
N ILE A 42 4.48 -5.24 4.60
CA ILE A 42 3.72 -4.96 3.40
C ILE A 42 4.43 -3.95 2.51
N LYS A 43 4.51 -4.26 1.23
CA LYS A 43 5.15 -3.36 0.28
C LYS A 43 4.19 -3.01 -0.86
N LEU A 44 4.16 -1.73 -1.20
CA LEU A 44 3.29 -1.26 -2.28
C LEU A 44 4.03 -1.29 -3.60
N THR A 45 3.38 -1.83 -4.62
CA THR A 45 4.00 -1.93 -5.93
C THR A 45 3.11 -1.29 -7.00
N HIS A 46 3.69 -0.36 -7.75
CA HIS A 46 2.97 0.33 -8.82
C HIS A 46 3.82 0.42 -10.07
N ASN A 47 3.29 -0.11 -11.18
CA ASN A 47 3.99 -0.10 -12.47
C ASN A 47 5.27 -0.93 -12.42
N GLY A 48 5.31 -1.91 -11.51
CA GLY A 48 6.49 -2.75 -11.39
C GLY A 48 7.50 -2.22 -10.39
N LYS A 49 7.37 -0.95 -10.01
CA LYS A 49 8.29 -0.32 -9.06
C LYS A 49 7.69 -0.31 -7.66
N THR A 50 8.56 -0.40 -6.66
CA THR A 50 8.12 -0.39 -5.27
C THR A 50 8.23 1.01 -4.67
N LEU A 51 7.42 1.26 -3.65
CA LEU A 51 7.40 2.56 -2.98
C LEU A 51 8.11 2.48 -1.63
N ASP A 52 8.94 3.48 -1.35
CA ASP A 52 9.66 3.52 -0.09
C ASP A 52 8.90 4.34 0.97
N PRO A 53 8.93 3.89 2.24
CA PRO A 53 8.23 4.57 3.34
C PRO A 53 8.81 5.95 3.67
N SER A 54 10.06 6.17 3.30
CA SER A 54 10.75 7.43 3.56
C SER A 54 10.28 8.56 2.64
N LEU A 55 9.77 8.21 1.47
CA LEU A 55 9.32 9.18 0.52
C LEU A 55 7.84 9.51 0.70
N THR A 56 7.32 10.31 -0.21
CA THR A 56 5.92 10.74 -0.15
C THR A 56 5.13 10.20 -1.36
N LEU A 57 3.81 10.25 -1.25
CA LEU A 57 2.93 9.77 -2.31
C LEU A 57 2.90 10.71 -3.51
N ALA A 58 3.11 12.01 -3.25
CA ALA A 58 3.10 13.02 -4.30
C ALA A 58 4.44 13.10 -5.03
N GLU A 59 5.46 12.42 -4.52
CA GLU A 59 6.78 12.42 -5.14
C GLU A 59 6.84 11.40 -6.27
N TYR A 60 6.08 10.32 -6.12
CA TYR A 60 6.04 9.26 -7.10
C TYR A 60 5.09 9.60 -8.25
N GLY A 61 4.18 10.53 -8.02
CA GLY A 61 3.22 10.92 -9.05
C GLY A 61 2.01 10.02 -9.10
N ILE A 62 1.45 9.71 -7.94
CA ILE A 62 0.28 8.85 -7.86
C ILE A 62 -1.01 9.66 -7.74
N THR A 63 -2.06 9.19 -8.41
CA THR A 63 -3.36 9.85 -8.38
C THR A 63 -4.45 8.90 -7.90
N PRO A 64 -5.56 9.45 -7.34
CA PRO A 64 -6.67 8.63 -6.85
C PRO A 64 -7.46 7.99 -7.99
N GLY A 65 -7.92 6.75 -7.77
CA GLY A 65 -8.68 6.05 -8.79
C GLY A 65 -7.83 5.08 -9.57
N SER A 66 -6.63 4.82 -9.09
CA SER A 66 -5.72 3.88 -9.76
C SER A 66 -5.75 2.52 -9.07
N THR A 67 -5.22 1.51 -9.76
CA THR A 67 -5.17 0.16 -9.23
C THR A 67 -3.81 -0.12 -8.57
N ILE A 68 -3.85 -0.55 -7.31
CA ILE A 68 -2.61 -0.85 -6.57
C ILE A 68 -2.63 -2.28 -6.03
N THR A 69 -1.48 -2.95 -6.13
CA THR A 69 -1.34 -4.31 -5.65
C THR A 69 -0.26 -4.38 -4.56
N LEU A 70 -0.61 -5.01 -3.44
CA LEU A 70 0.33 -5.14 -2.32
C LEU A 70 0.90 -6.56 -2.26
N GLU A 71 2.01 -6.69 -1.55
CA GLU A 71 2.67 -7.99 -1.39
C GLU A 71 3.25 -8.14 0.01
N ILE A 72 3.27 -9.38 0.53
CA ILE A 72 3.79 -9.66 1.86
C ILE A 72 4.79 -10.80 1.80
N LYS A 73 5.81 -10.75 2.65
CA LYS A 73 6.83 -11.78 2.69
C LYS A 73 6.59 -12.71 3.88
N LYS A 74 6.56 -14.01 3.62
CA LYS A 74 6.36 -15.00 4.67
C LYS A 74 7.59 -15.87 4.84
N LYS A 75 7.81 -16.34 6.06
CA LYS A 75 8.95 -17.18 6.36
C LYS A 75 8.52 -18.46 7.07
N GLY A 76 9.07 -19.60 6.63
CA GLY A 76 8.72 -20.87 7.23
C GLY A 76 9.80 -21.39 8.15
N GLY A 77 10.92 -21.78 7.56
CA GLY A 77 12.03 -22.30 8.34
C GLY A 77 13.38 -21.95 7.75
N LEU A 78 14.29 -22.91 7.78
CA LEU A 78 15.63 -22.72 7.25
C LEU A 78 15.74 -23.29 5.84
N GLU A 79 15.24 -24.52 5.68
CA GLU A 79 15.27 -25.20 4.38
C GLU A 79 13.86 -25.60 3.97
N MET A 1 -10.86 12.61 -7.41
CA MET A 1 -11.10 11.39 -6.61
C MET A 1 -10.41 11.48 -5.26
N ASP A 2 -10.93 10.73 -4.29
CA ASP A 2 -10.38 10.73 -2.94
C ASP A 2 -10.26 9.30 -2.40
N THR A 3 -10.78 8.34 -3.15
CA THR A 3 -10.73 6.94 -2.75
C THR A 3 -9.85 6.13 -3.69
N ILE A 4 -9.23 5.08 -3.15
CA ILE A 4 -8.36 4.22 -3.95
C ILE A 4 -8.71 2.76 -3.72
N ASN A 5 -8.31 1.92 -4.66
CA ASN A 5 -8.57 0.48 -4.57
C ASN A 5 -7.27 -0.27 -4.31
N ILE A 6 -7.28 -1.11 -3.30
CA ILE A 6 -6.12 -1.91 -2.94
C ILE A 6 -6.45 -3.39 -3.07
N THR A 7 -5.84 -4.05 -4.04
CA THR A 7 -6.10 -5.46 -4.29
C THR A 7 -5.21 -6.36 -3.44
N LEU A 8 -5.82 -7.35 -2.82
CA LEU A 8 -5.13 -8.29 -1.97
C LEU A 8 -4.81 -9.56 -2.76
N PRO A 9 -3.87 -10.39 -2.27
CA PRO A 9 -3.51 -11.65 -2.94
C PRO A 9 -4.60 -12.71 -2.79
N ASP A 10 -5.67 -12.36 -2.07
CA ASP A 10 -6.79 -13.27 -1.86
C ASP A 10 -7.84 -13.12 -2.95
N GLY A 11 -7.74 -12.02 -3.70
CA GLY A 11 -8.68 -11.76 -4.77
C GLY A 11 -9.76 -10.75 -4.40
N LYS A 12 -9.64 -10.16 -3.21
CA LYS A 12 -10.62 -9.17 -2.76
C LYS A 12 -10.02 -7.77 -2.79
N THR A 13 -10.88 -6.79 -3.07
CA THR A 13 -10.45 -5.40 -3.14
C THR A 13 -10.83 -4.62 -1.88
N LEU A 14 -10.11 -3.53 -1.62
CA LEU A 14 -10.35 -2.69 -0.47
C LEU A 14 -10.38 -1.22 -0.86
N THR A 15 -11.16 -0.42 -0.14
CA THR A 15 -11.26 1.00 -0.40
C THR A 15 -10.80 1.82 0.81
N LEU A 16 -9.89 2.76 0.57
CA LEU A 16 -9.36 3.60 1.64
C LEU A 16 -9.46 5.08 1.28
N THR A 17 -9.56 5.93 2.30
CA THR A 17 -9.66 7.37 2.10
C THR A 17 -8.33 8.06 2.35
N VAL A 18 -7.67 8.49 1.28
CA VAL A 18 -6.37 9.16 1.39
C VAL A 18 -6.26 10.27 0.35
N THR A 19 -5.18 11.05 0.43
CA THR A 19 -4.96 12.13 -0.53
C THR A 19 -3.48 12.21 -0.90
N PRO A 20 -3.16 12.89 -2.03
CA PRO A 20 -1.77 13.06 -2.48
C PRO A 20 -0.91 13.83 -1.48
N GLU A 21 -1.57 14.50 -0.53
CA GLU A 21 -0.87 15.27 0.50
C GLU A 21 -0.40 14.37 1.65
N PHE A 22 -0.86 13.13 1.64
CA PHE A 22 -0.49 12.17 2.67
C PHE A 22 0.85 11.53 2.34
N THR A 23 1.48 10.95 3.35
CA THR A 23 2.78 10.30 3.15
C THR A 23 2.59 8.81 2.89
N VAL A 24 3.64 8.15 2.42
CA VAL A 24 3.58 6.72 2.15
C VAL A 24 3.49 5.94 3.46
N LYS A 25 4.10 6.49 4.51
CA LYS A 25 4.09 5.86 5.82
C LYS A 25 2.69 5.90 6.44
N GLU A 26 1.96 6.99 6.18
CA GLU A 26 0.61 7.16 6.69
C GLU A 26 -0.37 6.22 5.99
N LEU A 27 -0.30 6.18 4.65
CA LEU A 27 -1.15 5.30 3.87
C LEU A 27 -0.94 3.83 4.26
N ALA A 28 0.31 3.45 4.51
CA ALA A 28 0.64 2.08 4.88
C ALA A 28 0.18 1.72 6.29
N GLU A 29 0.24 2.69 7.22
CA GLU A 29 -0.17 2.45 8.60
C GLU A 29 -1.70 2.36 8.72
N GLU A 30 -2.41 2.99 7.78
CA GLU A 30 -3.87 2.98 7.79
C GLU A 30 -4.41 1.62 7.36
N ILE A 31 -3.86 1.08 6.26
CA ILE A 31 -4.28 -0.21 5.73
C ILE A 31 -3.89 -1.36 6.67
N ALA A 32 -2.74 -1.20 7.34
CA ALA A 32 -2.24 -2.22 8.26
C ALA A 32 -3.11 -2.34 9.51
N ARG A 33 -3.76 -1.23 9.87
CA ARG A 33 -4.61 -1.21 11.07
C ARG A 33 -5.90 -1.99 10.88
N ARG A 34 -6.44 -2.00 9.65
CA ARG A 34 -7.70 -2.69 9.37
C ARG A 34 -7.51 -4.20 9.25
N LEU A 35 -6.35 -4.64 8.78
CA LEU A 35 -6.10 -6.06 8.61
C LEU A 35 -5.33 -6.65 9.79
N GLY A 36 -4.69 -5.80 10.58
CA GLY A 36 -3.94 -6.27 11.73
C GLY A 36 -2.55 -6.76 11.37
N LEU A 37 -1.83 -5.96 10.57
CA LEU A 37 -0.48 -6.31 10.15
C LEU A 37 0.47 -5.14 10.35
N SER A 38 1.74 -5.37 10.02
CA SER A 38 2.76 -4.34 10.17
C SER A 38 3.12 -3.75 8.81
N PRO A 39 3.48 -2.45 8.76
CA PRO A 39 3.85 -1.75 7.51
C PRO A 39 5.13 -2.29 6.87
N GLU A 40 5.98 -2.90 7.69
CA GLU A 40 7.25 -3.45 7.20
C GLU A 40 7.04 -4.76 6.43
N ASP A 41 5.86 -5.34 6.57
CA ASP A 41 5.53 -6.59 5.89
C ASP A 41 4.76 -6.34 4.60
N ILE A 42 3.96 -5.28 4.59
CA ILE A 42 3.17 -4.92 3.42
C ILE A 42 3.93 -3.97 2.51
N LYS A 43 4.21 -4.42 1.29
CA LYS A 43 4.92 -3.61 0.32
C LYS A 43 3.98 -3.17 -0.81
N LEU A 44 4.04 -1.89 -1.14
CA LEU A 44 3.21 -1.34 -2.20
C LEU A 44 3.97 -1.33 -3.52
N THR A 45 3.39 -1.94 -4.54
CA THR A 45 4.03 -2.00 -5.85
C THR A 45 3.18 -1.32 -6.92
N HIS A 46 3.78 -0.37 -7.62
CA HIS A 46 3.10 0.36 -8.68
C HIS A 46 3.99 0.46 -9.92
N ASN A 47 3.52 -0.12 -11.02
CA ASN A 47 4.25 -0.12 -12.30
C ASN A 47 5.55 -0.91 -12.19
N GLY A 48 5.60 -1.86 -11.27
CA GLY A 48 6.79 -2.68 -11.10
C GLY A 48 7.75 -2.10 -10.06
N LYS A 49 7.55 -0.84 -9.69
CA LYS A 49 8.41 -0.18 -8.71
C LYS A 49 7.74 -0.18 -7.34
N THR A 50 8.55 -0.33 -6.30
CA THR A 50 8.04 -0.34 -4.94
C THR A 50 8.12 1.05 -4.31
N LEU A 51 7.21 1.33 -3.39
CA LEU A 51 7.16 2.62 -2.71
C LEU A 51 7.81 2.55 -1.33
N ASP A 52 8.63 3.55 -1.01
CA ASP A 52 9.30 3.62 0.28
C ASP A 52 8.50 4.47 1.27
N PRO A 53 8.38 4.01 2.54
CA PRO A 53 7.64 4.73 3.58
C PRO A 53 8.21 6.10 3.92
N SER A 54 9.50 6.30 3.62
CA SER A 54 10.17 7.57 3.91
C SER A 54 9.83 8.64 2.89
N LEU A 55 9.49 8.23 1.68
CA LEU A 55 9.16 9.15 0.62
C LEU A 55 7.70 9.57 0.67
N THR A 56 7.28 10.33 -0.34
CA THR A 56 5.90 10.81 -0.42
C THR A 56 5.18 10.18 -1.61
N LEU A 57 3.85 10.19 -1.56
CA LEU A 57 3.03 9.61 -2.62
C LEU A 57 3.02 10.48 -3.87
N ALA A 58 3.14 11.80 -3.68
CA ALA A 58 3.13 12.74 -4.80
C ALA A 58 4.49 12.79 -5.50
N GLU A 59 5.51 12.17 -4.92
CA GLU A 59 6.85 12.16 -5.51
C GLU A 59 6.95 11.08 -6.58
N TYR A 60 6.06 10.10 -6.50
CA TYR A 60 6.04 8.99 -7.44
C TYR A 60 5.16 9.30 -8.65
N GLY A 61 4.25 10.26 -8.48
CA GLY A 61 3.37 10.64 -9.57
C GLY A 61 2.11 9.79 -9.62
N ILE A 62 1.48 9.58 -8.46
CA ILE A 62 0.26 8.78 -8.39
C ILE A 62 -0.91 9.60 -7.88
N THR A 63 -2.09 9.34 -8.45
CA THR A 63 -3.31 10.04 -8.06
C THR A 63 -4.38 9.05 -7.62
N PRO A 64 -5.37 9.49 -6.83
CA PRO A 64 -6.46 8.62 -6.36
C PRO A 64 -7.34 8.13 -7.50
N GLY A 65 -7.73 6.85 -7.45
CA GLY A 65 -8.56 6.30 -8.49
C GLY A 65 -7.83 5.26 -9.33
N SER A 66 -6.59 4.96 -8.97
CA SER A 66 -5.79 3.99 -9.70
C SER A 66 -5.81 2.64 -8.99
N THR A 67 -5.24 1.63 -9.64
CA THR A 67 -5.19 0.28 -9.08
C THR A 67 -3.87 0.02 -8.37
N ILE A 68 -3.93 -0.29 -7.08
CA ILE A 68 -2.72 -0.54 -6.31
C ILE A 68 -2.71 -1.98 -5.79
N THR A 69 -1.62 -2.70 -6.09
CA THR A 69 -1.47 -4.08 -5.67
C THR A 69 -0.45 -4.18 -4.54
N LEU A 70 -0.83 -4.85 -3.45
CA LEU A 70 0.05 -5.01 -2.31
C LEU A 70 0.75 -6.38 -2.34
N GLU A 71 1.84 -6.48 -1.58
CA GLU A 71 2.62 -7.71 -1.52
C GLU A 71 3.09 -7.98 -0.09
N ILE A 72 3.13 -9.26 0.29
CA ILE A 72 3.57 -9.65 1.64
C ILE A 72 4.62 -10.75 1.55
N LYS A 73 5.57 -10.74 2.48
CA LYS A 73 6.63 -11.74 2.50
C LYS A 73 6.30 -12.85 3.50
N LYS A 74 6.36 -14.10 3.04
CA LYS A 74 6.08 -15.25 3.88
C LYS A 74 7.30 -16.13 4.03
N LYS A 75 7.47 -16.74 5.19
CA LYS A 75 8.60 -17.62 5.45
C LYS A 75 8.14 -18.97 5.97
N GLY A 76 8.82 -20.03 5.56
CA GLY A 76 8.47 -21.36 5.99
C GLY A 76 8.80 -22.43 4.96
N GLY A 77 7.83 -22.72 4.10
CA GLY A 77 8.02 -23.72 3.08
C GLY A 77 7.03 -24.87 3.22
N LEU A 78 7.56 -26.07 3.48
CA LEU A 78 6.75 -27.27 3.66
C LEU A 78 6.15 -27.75 2.35
N GLU A 79 6.55 -28.96 1.93
CA GLU A 79 6.06 -29.54 0.68
C GLU A 79 4.93 -30.53 0.94
N MET A 1 -11.33 12.17 -8.44
CA MET A 1 -11.39 10.99 -7.54
C MET A 1 -10.66 11.28 -6.24
N ASP A 2 -11.02 10.54 -5.20
CA ASP A 2 -10.41 10.70 -3.87
C ASP A 2 -10.19 9.35 -3.20
N THR A 3 -10.74 8.30 -3.81
CA THR A 3 -10.61 6.95 -3.26
C THR A 3 -9.73 6.08 -4.16
N ILE A 4 -9.08 5.10 -3.56
CA ILE A 4 -8.21 4.18 -4.30
C ILE A 4 -8.60 2.73 -4.04
N ASN A 5 -8.17 1.85 -4.93
CA ASN A 5 -8.45 0.44 -4.80
C ASN A 5 -7.17 -0.33 -4.52
N ILE A 6 -7.21 -1.16 -3.48
CA ILE A 6 -6.05 -1.97 -3.11
C ILE A 6 -6.41 -3.45 -3.19
N THR A 7 -5.80 -4.14 -4.14
CA THR A 7 -6.06 -5.56 -4.35
C THR A 7 -5.19 -6.43 -3.46
N LEU A 8 -5.83 -7.38 -2.80
CA LEU A 8 -5.14 -8.30 -1.92
C LEU A 8 -4.87 -9.61 -2.66
N PRO A 9 -3.93 -10.43 -2.16
CA PRO A 9 -3.62 -11.73 -2.78
C PRO A 9 -4.72 -12.76 -2.52
N ASP A 10 -5.76 -12.35 -1.80
CA ASP A 10 -6.88 -13.24 -1.49
C ASP A 10 -7.98 -13.11 -2.54
N GLY A 11 -7.89 -12.06 -3.35
CA GLY A 11 -8.88 -11.83 -4.39
C GLY A 11 -9.91 -10.78 -4.03
N LYS A 12 -9.72 -10.14 -2.88
CA LYS A 12 -10.66 -9.10 -2.44
C LYS A 12 -10.00 -7.73 -2.49
N THR A 13 -10.79 -6.71 -2.83
CA THR A 13 -10.29 -5.35 -2.93
C THR A 13 -10.72 -4.49 -1.74
N LEU A 14 -9.95 -3.45 -1.46
CA LEU A 14 -10.24 -2.54 -0.37
C LEU A 14 -10.29 -1.10 -0.84
N THR A 15 -11.10 -0.27 -0.19
CA THR A 15 -11.22 1.14 -0.54
C THR A 15 -10.74 2.04 0.59
N LEU A 16 -9.76 2.88 0.28
CA LEU A 16 -9.20 3.81 1.25
C LEU A 16 -9.06 5.20 0.64
N THR A 17 -8.92 6.21 1.48
CA THR A 17 -8.78 7.57 1.01
C THR A 17 -7.31 7.98 0.94
N VAL A 18 -6.96 8.82 -0.03
CA VAL A 18 -5.59 9.27 -0.19
C VAL A 18 -5.50 10.78 -0.28
N THR A 19 -4.39 11.34 0.22
CA THR A 19 -4.16 12.78 0.19
C THR A 19 -2.70 13.06 -0.15
N PRO A 20 -2.40 14.27 -0.66
CA PRO A 20 -1.03 14.66 -1.02
C PRO A 20 -0.17 14.96 0.21
N GLU A 21 -0.79 14.95 1.39
CA GLU A 21 -0.08 15.21 2.63
C GLU A 21 0.29 13.91 3.35
N PHE A 22 -0.28 12.80 2.90
CA PHE A 22 0.00 11.51 3.50
C PHE A 22 1.28 10.93 2.92
N THR A 23 2.05 10.25 3.74
CA THR A 23 3.28 9.61 3.29
C THR A 23 3.01 8.14 3.01
N VAL A 24 3.99 7.46 2.40
CA VAL A 24 3.83 6.05 2.10
C VAL A 24 3.79 5.23 3.40
N LYS A 25 4.51 5.72 4.41
CA LYS A 25 4.57 5.06 5.71
C LYS A 25 3.26 5.23 6.46
N GLU A 26 2.68 6.43 6.37
CA GLU A 26 1.43 6.73 7.04
C GLU A 26 0.27 5.99 6.38
N LEU A 27 0.20 6.04 5.05
CA LEU A 27 -0.85 5.34 4.31
C LEU A 27 -0.76 3.83 4.55
N ALA A 28 0.46 3.32 4.76
CA ALA A 28 0.68 1.90 5.01
C ALA A 28 0.19 1.48 6.40
N GLU A 29 0.31 2.37 7.38
CA GLU A 29 -0.14 2.05 8.75
C GLU A 29 -1.66 2.06 8.83
N GLU A 30 -2.31 2.81 7.93
CA GLU A 30 -3.76 2.89 7.87
C GLU A 30 -4.36 1.56 7.42
N ILE A 31 -3.83 1.03 6.31
CA ILE A 31 -4.29 -0.23 5.74
C ILE A 31 -3.91 -1.42 6.64
N ALA A 32 -2.76 -1.30 7.31
CA ALA A 32 -2.26 -2.34 8.19
C ALA A 32 -3.12 -2.49 9.45
N ARG A 33 -3.75 -1.40 9.86
CA ARG A 33 -4.59 -1.40 11.05
C ARG A 33 -5.89 -2.18 10.86
N ARG A 34 -6.42 -2.14 9.64
CA ARG A 34 -7.68 -2.83 9.33
C ARG A 34 -7.50 -4.35 9.19
N LEU A 35 -6.31 -4.77 8.77
CA LEU A 35 -6.05 -6.20 8.57
C LEU A 35 -5.29 -6.80 9.76
N GLY A 36 -4.68 -5.96 10.58
CA GLY A 36 -3.95 -6.43 11.74
C GLY A 36 -2.54 -6.88 11.41
N LEU A 37 -1.83 -6.08 10.61
CA LEU A 37 -0.47 -6.40 10.21
C LEU A 37 0.45 -5.19 10.40
N SER A 38 1.73 -5.39 10.09
CA SER A 38 2.72 -4.32 10.22
C SER A 38 3.09 -3.76 8.86
N PRO A 39 3.42 -2.45 8.77
CA PRO A 39 3.78 -1.80 7.50
C PRO A 39 5.11 -2.28 6.92
N GLU A 40 5.94 -2.91 7.75
CA GLU A 40 7.24 -3.42 7.33
C GLU A 40 7.12 -4.68 6.47
N ASP A 41 5.98 -5.36 6.58
CA ASP A 41 5.73 -6.60 5.83
C ASP A 41 4.94 -6.33 4.56
N ILE A 42 4.10 -5.31 4.58
CA ILE A 42 3.28 -4.96 3.43
C ILE A 42 3.97 -3.93 2.54
N LYS A 43 4.18 -4.29 1.28
CA LYS A 43 4.82 -3.40 0.34
C LYS A 43 3.85 -3.01 -0.77
N LEU A 44 3.83 -1.73 -1.09
CA LEU A 44 2.95 -1.22 -2.14
C LEU A 44 3.68 -1.18 -3.48
N THR A 45 3.12 -1.87 -4.47
CA THR A 45 3.72 -1.93 -5.79
C THR A 45 2.81 -1.30 -6.84
N HIS A 46 3.37 -0.37 -7.61
CA HIS A 46 2.64 0.33 -8.65
C HIS A 46 3.41 0.28 -9.97
N ASN A 47 2.83 -0.40 -10.97
CA ASN A 47 3.44 -0.54 -12.30
C ASN A 47 4.74 -1.35 -12.23
N GLY A 48 4.86 -2.20 -11.22
CA GLY A 48 6.05 -3.01 -11.07
C GLY A 48 7.10 -2.36 -10.19
N LYS A 49 6.89 -1.10 -9.84
CA LYS A 49 7.83 -0.37 -8.99
C LYS A 49 7.33 -0.29 -7.55
N THR A 50 8.25 -0.41 -6.61
CA THR A 50 7.90 -0.36 -5.20
C THR A 50 8.02 1.06 -4.65
N LEU A 51 7.21 1.35 -3.64
CA LEU A 51 7.20 2.67 -3.01
C LEU A 51 8.00 2.66 -1.70
N ASP A 52 8.81 3.70 -1.51
CA ASP A 52 9.63 3.82 -0.31
C ASP A 52 8.85 4.48 0.83
N PRO A 53 8.87 3.88 2.03
CA PRO A 53 8.16 4.41 3.21
C PRO A 53 8.71 5.75 3.70
N SER A 54 9.97 6.05 3.37
CA SER A 54 10.60 7.29 3.80
C SER A 54 10.20 8.49 2.95
N LEU A 55 9.86 8.23 1.68
CA LEU A 55 9.48 9.29 0.77
C LEU A 55 7.99 9.60 0.85
N THR A 56 7.55 10.48 -0.04
CA THR A 56 6.15 10.90 -0.08
C THR A 56 5.43 10.31 -1.29
N LEU A 57 4.12 10.23 -1.20
CA LEU A 57 3.29 9.68 -2.27
C LEU A 57 3.20 10.64 -3.46
N ALA A 58 3.23 11.93 -3.18
CA ALA A 58 3.13 12.96 -4.21
C ALA A 58 4.43 13.13 -5.01
N GLU A 59 5.53 12.59 -4.49
CA GLU A 59 6.82 12.70 -5.16
C GLU A 59 6.97 11.62 -6.23
N TYR A 60 6.16 10.57 -6.11
CA TYR A 60 6.20 9.46 -7.05
C TYR A 60 5.24 9.69 -8.22
N GLY A 61 4.28 10.58 -8.03
CA GLY A 61 3.31 10.88 -9.08
C GLY A 61 2.12 9.93 -9.07
N ILE A 62 1.56 9.70 -7.90
CA ILE A 62 0.40 8.81 -7.77
C ILE A 62 -0.89 9.60 -7.63
N THR A 63 -1.92 9.15 -8.35
CA THR A 63 -3.23 9.81 -8.31
C THR A 63 -4.33 8.83 -7.91
N PRO A 64 -5.45 9.34 -7.35
CA PRO A 64 -6.58 8.50 -6.94
C PRO A 64 -7.32 7.91 -8.12
N GLY A 65 -7.83 6.68 -7.95
CA GLY A 65 -8.57 6.03 -9.02
C GLY A 65 -7.72 5.04 -9.79
N SER A 66 -6.54 4.75 -9.26
CA SER A 66 -5.62 3.81 -9.91
C SER A 66 -5.68 2.44 -9.22
N THR A 67 -5.14 1.43 -9.90
CA THR A 67 -5.13 0.07 -9.38
C THR A 67 -3.80 -0.25 -8.71
N ILE A 68 -3.84 -0.57 -7.42
CA ILE A 68 -2.63 -0.89 -6.67
C ILE A 68 -2.67 -2.30 -6.11
N THR A 69 -1.54 -3.00 -6.18
CA THR A 69 -1.44 -4.37 -5.69
C THR A 69 -0.40 -4.45 -4.58
N LEU A 70 -0.81 -5.00 -3.44
CA LEU A 70 0.07 -5.14 -2.28
C LEU A 70 0.72 -6.52 -2.24
N GLU A 71 1.81 -6.63 -1.48
CA GLU A 71 2.54 -7.89 -1.35
C GLU A 71 2.96 -8.12 0.10
N ILE A 72 2.74 -9.34 0.60
CA ILE A 72 3.09 -9.69 1.98
C ILE A 72 4.08 -10.85 2.01
N LYS A 73 5.03 -10.81 2.94
CA LYS A 73 6.03 -11.86 3.07
C LYS A 73 6.10 -12.38 4.50
N LYS A 74 5.84 -13.67 4.67
CA LYS A 74 5.88 -14.28 6.00
C LYS A 74 6.66 -15.60 5.97
N LYS A 75 7.51 -15.79 6.97
CA LYS A 75 8.31 -17.01 7.06
C LYS A 75 8.24 -17.60 8.46
N GLY A 76 7.97 -18.90 8.55
CA GLY A 76 7.89 -19.56 9.83
C GLY A 76 6.46 -19.79 10.29
N GLY A 77 6.27 -20.85 11.09
CA GLY A 77 4.94 -21.17 11.59
C GLY A 77 4.84 -22.62 12.02
N LEU A 78 5.62 -22.97 13.04
CA LEU A 78 5.62 -24.33 13.57
C LEU A 78 5.45 -24.32 15.09
N GLU A 79 4.50 -25.13 15.58
CA GLU A 79 4.24 -25.22 17.01
C GLU A 79 4.66 -26.58 17.55
N MET A 1 -11.08 12.60 -7.17
CA MET A 1 -11.22 11.32 -6.44
C MET A 1 -10.51 11.39 -5.10
N ASP A 2 -10.98 10.59 -4.14
CA ASP A 2 -10.39 10.56 -2.80
C ASP A 2 -10.23 9.13 -2.31
N THR A 3 -10.74 8.17 -3.08
CA THR A 3 -10.66 6.76 -2.72
C THR A 3 -9.74 6.00 -3.66
N ILE A 4 -9.08 4.98 -3.14
CA ILE A 4 -8.16 4.17 -3.92
C ILE A 4 -8.48 2.69 -3.76
N ASN A 5 -8.11 1.89 -4.77
CA ASN A 5 -8.35 0.46 -4.72
C ASN A 5 -7.02 -0.27 -4.51
N ILE A 6 -7.03 -1.26 -3.62
CA ILE A 6 -5.86 -2.04 -3.32
C ILE A 6 -6.18 -3.53 -3.39
N THR A 7 -5.61 -4.21 -4.37
CA THR A 7 -5.84 -5.64 -4.55
C THR A 7 -4.87 -6.47 -3.74
N LEU A 8 -5.43 -7.33 -2.88
CA LEU A 8 -4.64 -8.20 -2.04
C LEU A 8 -4.57 -9.61 -2.64
N PRO A 9 -3.64 -10.47 -2.14
CA PRO A 9 -3.47 -11.85 -2.64
C PRO A 9 -4.77 -12.67 -2.60
N ASP A 10 -5.71 -12.29 -1.73
CA ASP A 10 -6.98 -12.99 -1.63
C ASP A 10 -7.79 -12.81 -2.90
N GLY A 11 -7.52 -11.71 -3.62
CA GLY A 11 -8.23 -11.47 -4.87
C GLY A 11 -9.33 -10.42 -4.77
N LYS A 12 -9.66 -10.00 -3.55
CA LYS A 12 -10.71 -9.00 -3.37
C LYS A 12 -10.09 -7.60 -3.40
N THR A 13 -10.95 -6.59 -3.51
CA THR A 13 -10.49 -5.21 -3.56
C THR A 13 -10.80 -4.47 -2.26
N LEU A 14 -9.93 -3.53 -1.92
CA LEU A 14 -10.09 -2.74 -0.70
C LEU A 14 -10.20 -1.26 -1.05
N THR A 15 -10.93 -0.52 -0.22
CA THR A 15 -11.11 0.92 -0.44
C THR A 15 -10.63 1.70 0.77
N LEU A 16 -9.72 2.65 0.52
CA LEU A 16 -9.18 3.48 1.59
C LEU A 16 -9.26 4.96 1.22
N THR A 17 -9.48 5.79 2.23
CA THR A 17 -9.58 7.24 2.03
C THR A 17 -8.28 7.94 2.41
N VAL A 18 -7.62 8.53 1.42
CA VAL A 18 -6.36 9.24 1.65
C VAL A 18 -6.29 10.51 0.82
N THR A 19 -5.21 11.28 1.01
CA THR A 19 -5.03 12.52 0.27
C THR A 19 -3.58 12.63 -0.23
N PRO A 20 -3.30 13.55 -1.17
CA PRO A 20 -1.96 13.75 -1.70
C PRO A 20 -0.97 14.25 -0.63
N GLU A 21 -1.50 14.71 0.50
CA GLU A 21 -0.66 15.21 1.60
C GLU A 21 -0.23 14.06 2.51
N PHE A 22 -0.76 12.87 2.24
CA PHE A 22 -0.43 11.69 3.02
C PHE A 22 0.91 11.13 2.56
N THR A 23 1.72 10.68 3.52
CA THR A 23 3.01 10.10 3.20
C THR A 23 2.86 8.61 2.92
N VAL A 24 3.90 7.98 2.37
CA VAL A 24 3.85 6.55 2.08
C VAL A 24 3.79 5.75 3.38
N LYS A 25 4.45 6.26 4.41
CA LYS A 25 4.48 5.61 5.72
C LYS A 25 3.12 5.74 6.40
N GLU A 26 2.42 6.84 6.13
CA GLU A 26 1.10 7.09 6.71
C GLU A 26 0.05 6.18 6.07
N LEU A 27 0.04 6.14 4.73
CA LEU A 27 -0.88 5.29 4.00
C LEU A 27 -0.70 3.83 4.37
N ALA A 28 0.54 3.44 4.65
CA ALA A 28 0.88 2.07 5.02
C ALA A 28 0.39 1.72 6.43
N GLU A 29 0.45 2.69 7.35
CA GLU A 29 0.02 2.45 8.73
C GLU A 29 -1.51 2.38 8.84
N GLU A 30 -2.21 3.02 7.89
CA GLU A 30 -3.67 3.01 7.88
C GLU A 30 -4.21 1.67 7.40
N ILE A 31 -3.62 1.16 6.32
CA ILE A 31 -4.05 -0.12 5.74
C ILE A 31 -3.66 -1.30 6.63
N ALA A 32 -2.50 -1.18 7.30
CA ALA A 32 -2.02 -2.23 8.18
C ALA A 32 -2.88 -2.38 9.42
N ARG A 33 -3.34 -1.24 9.96
CA ARG A 33 -4.16 -1.23 11.17
C ARG A 33 -5.55 -1.82 10.91
N ARG A 34 -6.07 -1.61 9.71
CA ARG A 34 -7.39 -2.10 9.36
C ARG A 34 -7.40 -3.60 9.11
N LEU A 35 -6.29 -4.14 8.63
CA LEU A 35 -6.20 -5.57 8.35
C LEU A 35 -5.64 -6.35 9.55
N GLY A 36 -4.99 -5.66 10.47
CA GLY A 36 -4.43 -6.31 11.65
C GLY A 36 -3.04 -6.86 11.41
N LEU A 37 -2.25 -6.15 10.59
CA LEU A 37 -0.90 -6.57 10.28
C LEU A 37 0.07 -5.42 10.46
N SER A 38 1.36 -5.69 10.23
CA SER A 38 2.40 -4.68 10.37
C SER A 38 2.77 -4.08 9.01
N PRO A 39 3.12 -2.79 8.97
CA PRO A 39 3.50 -2.09 7.72
C PRO A 39 4.82 -2.60 7.12
N GLU A 40 5.64 -3.22 7.97
CA GLU A 40 6.93 -3.75 7.53
C GLU A 40 6.77 -5.03 6.71
N ASP A 41 5.58 -5.62 6.77
CA ASP A 41 5.30 -6.85 6.03
C ASP A 41 4.59 -6.55 4.72
N ILE A 42 3.71 -5.56 4.75
CA ILE A 42 2.95 -5.18 3.56
C ILE A 42 3.71 -4.15 2.73
N LYS A 43 3.96 -4.50 1.48
CA LYS A 43 4.67 -3.63 0.55
C LYS A 43 3.76 -3.22 -0.60
N LEU A 44 3.82 -1.96 -0.97
CA LEU A 44 3.01 -1.45 -2.07
C LEU A 44 3.80 -1.51 -3.37
N THR A 45 3.15 -2.02 -4.41
CA THR A 45 3.80 -2.15 -5.71
C THR A 45 2.95 -1.54 -6.81
N HIS A 46 3.57 -0.68 -7.61
CA HIS A 46 2.88 -0.02 -8.71
C HIS A 46 3.68 -0.18 -10.00
N ASN A 47 3.01 -0.69 -11.04
CA ASN A 47 3.59 -0.92 -12.38
C ASN A 47 4.96 -1.64 -12.32
N GLY A 48 5.13 -2.50 -11.32
CA GLY A 48 6.38 -3.25 -11.18
C GLY A 48 7.45 -2.53 -10.39
N LYS A 49 7.04 -1.59 -9.53
CA LYS A 49 7.98 -0.83 -8.71
C LYS A 49 7.48 -0.72 -7.28
N THR A 50 8.39 -0.81 -6.32
CA THR A 50 8.03 -0.72 -4.92
C THR A 50 8.09 0.72 -4.43
N LEU A 51 7.24 1.03 -3.45
CA LEU A 51 7.18 2.38 -2.89
C LEU A 51 7.95 2.46 -1.57
N ASP A 52 8.73 3.54 -1.41
CA ASP A 52 9.52 3.75 -0.21
C ASP A 52 8.72 4.50 0.86
N PRO A 53 8.66 3.95 2.09
CA PRO A 53 7.91 4.56 3.21
C PRO A 53 8.45 5.91 3.66
N SER A 54 9.72 6.17 3.37
CA SER A 54 10.36 7.42 3.77
C SER A 54 10.00 8.58 2.84
N LEU A 55 9.68 8.26 1.59
CA LEU A 55 9.35 9.26 0.61
C LEU A 55 7.86 9.60 0.63
N THR A 56 7.46 10.43 -0.33
CA THR A 56 6.07 10.86 -0.44
C THR A 56 5.40 10.23 -1.66
N LEU A 57 4.07 10.13 -1.61
CA LEU A 57 3.28 9.55 -2.70
C LEU A 57 3.21 10.49 -3.90
N ALA A 58 3.17 11.80 -3.64
CA ALA A 58 3.07 12.80 -4.70
C ALA A 58 4.38 12.95 -5.48
N GLU A 59 5.48 12.43 -4.92
CA GLU A 59 6.78 12.51 -5.59
C GLU A 59 6.93 11.41 -6.62
N TYR A 60 6.14 10.36 -6.46
CA TYR A 60 6.18 9.21 -7.36
C TYR A 60 5.22 9.40 -8.54
N GLY A 61 4.24 10.30 -8.37
CA GLY A 61 3.27 10.55 -9.42
C GLY A 61 2.05 9.66 -9.31
N ILE A 62 1.51 9.53 -8.10
CA ILE A 62 0.34 8.70 -7.87
C ILE A 62 -0.90 9.55 -7.56
N THR A 63 -2.02 9.18 -8.15
CA THR A 63 -3.29 9.89 -7.94
C THR A 63 -4.37 8.94 -7.44
N PRO A 64 -5.40 9.47 -6.76
CA PRO A 64 -6.51 8.65 -6.24
C PRO A 64 -7.38 8.09 -7.35
N GLY A 65 -7.76 6.82 -7.21
CA GLY A 65 -8.59 6.19 -8.22
C GLY A 65 -7.78 5.27 -9.14
N SER A 66 -6.55 4.97 -8.73
CA SER A 66 -5.67 4.11 -9.52
C SER A 66 -5.61 2.71 -8.91
N THR A 67 -5.16 1.75 -9.71
CA THR A 67 -5.03 0.37 -9.27
C THR A 67 -3.68 0.11 -8.63
N ILE A 68 -3.69 -0.33 -7.36
CA ILE A 68 -2.47 -0.62 -6.63
C ILE A 68 -2.47 -2.05 -6.11
N THR A 69 -1.41 -2.79 -6.40
CA THR A 69 -1.28 -4.16 -5.96
C THR A 69 -0.27 -4.27 -4.82
N LEU A 70 -0.65 -4.94 -3.75
CA LEU A 70 0.25 -5.10 -2.60
C LEU A 70 0.89 -6.48 -2.58
N GLU A 71 1.98 -6.59 -1.84
CA GLU A 71 2.71 -7.85 -1.72
C GLU A 71 3.21 -8.05 -0.29
N ILE A 72 3.20 -9.29 0.18
CA ILE A 72 3.65 -9.61 1.53
C ILE A 72 4.68 -10.74 1.50
N LYS A 73 5.65 -10.68 2.40
CA LYS A 73 6.68 -11.69 2.48
C LYS A 73 6.55 -12.51 3.76
N LYS A 74 6.94 -13.78 3.70
CA LYS A 74 6.85 -14.66 4.85
C LYS A 74 8.20 -14.77 5.54
N LYS A 75 8.16 -15.10 6.83
CA LYS A 75 9.38 -15.24 7.63
C LYS A 75 9.74 -16.71 7.80
N GLY A 76 11.02 -17.01 7.80
CA GLY A 76 11.48 -18.38 7.95
C GLY A 76 12.42 -18.81 6.86
N GLY A 77 11.98 -19.76 6.03
CA GLY A 77 12.80 -20.25 4.94
C GLY A 77 11.99 -20.62 3.73
N LEU A 78 11.62 -21.90 3.63
CA LEU A 78 10.84 -22.39 2.51
C LEU A 78 9.36 -22.51 2.88
N GLU A 79 9.11 -23.03 4.08
CA GLU A 79 7.75 -23.20 4.58
C GLU A 79 7.59 -22.54 5.94
N MET A 1 -11.71 12.23 -8.68
CA MET A 1 -11.61 11.02 -7.81
C MET A 1 -10.80 11.33 -6.56
N ASP A 2 -11.17 10.67 -5.47
CA ASP A 2 -10.50 10.87 -4.19
C ASP A 2 -10.23 9.53 -3.50
N THR A 3 -10.86 8.47 -4.00
CA THR A 3 -10.70 7.13 -3.42
C THR A 3 -9.88 6.24 -4.33
N ILE A 4 -9.24 5.23 -3.75
CA ILE A 4 -8.43 4.29 -4.50
C ILE A 4 -8.83 2.85 -4.19
N ASN A 5 -8.46 1.93 -5.07
CA ASN A 5 -8.79 0.52 -4.91
C ASN A 5 -7.54 -0.25 -4.49
N ILE A 6 -7.68 -1.06 -3.45
CA ILE A 6 -6.57 -1.86 -2.96
C ILE A 6 -6.74 -3.32 -3.36
N THR A 7 -5.91 -3.78 -4.29
CA THR A 7 -5.99 -5.14 -4.76
C THR A 7 -5.02 -6.03 -4.01
N LEU A 8 -5.54 -6.96 -3.22
CA LEU A 8 -4.74 -7.86 -2.45
C LEU A 8 -4.56 -9.19 -3.18
N PRO A 9 -3.56 -10.01 -2.78
CA PRO A 9 -3.34 -11.32 -3.40
C PRO A 9 -4.40 -12.33 -2.97
N ASP A 10 -5.33 -11.89 -2.13
CA ASP A 10 -6.40 -12.75 -1.63
C ASP A 10 -7.61 -12.69 -2.57
N GLY A 11 -7.67 -11.65 -3.39
CA GLY A 11 -8.77 -11.49 -4.31
C GLY A 11 -9.82 -10.49 -3.85
N LYS A 12 -9.55 -9.81 -2.74
CA LYS A 12 -10.49 -8.83 -2.21
C LYS A 12 -9.95 -7.42 -2.39
N THR A 13 -10.87 -6.47 -2.59
CA THR A 13 -10.50 -5.08 -2.79
C THR A 13 -10.99 -4.18 -1.66
N LEU A 14 -10.20 -3.17 -1.33
CA LEU A 14 -10.54 -2.24 -0.26
C LEU A 14 -10.56 -0.80 -0.79
N THR A 15 -11.39 0.04 -0.20
CA THR A 15 -11.49 1.43 -0.62
C THR A 15 -10.99 2.38 0.47
N LEU A 16 -9.98 3.17 0.13
CA LEU A 16 -9.40 4.12 1.08
C LEU A 16 -9.21 5.49 0.42
N THR A 17 -9.17 6.53 1.24
CA THR A 17 -8.99 7.89 0.74
C THR A 17 -7.52 8.30 0.81
N VAL A 18 -7.03 8.93 -0.25
CA VAL A 18 -5.63 9.36 -0.31
C VAL A 18 -5.51 10.87 -0.33
N THR A 19 -4.43 11.38 0.24
CA THR A 19 -4.17 12.81 0.28
C THR A 19 -2.69 13.09 -0.03
N PRO A 20 -2.37 14.31 -0.50
CA PRO A 20 -1.00 14.70 -0.82
C PRO A 20 -0.14 14.92 0.41
N GLU A 21 -0.76 14.88 1.59
CA GLU A 21 -0.06 15.09 2.85
C GLU A 21 0.27 13.75 3.53
N PHE A 22 -0.29 12.66 3.01
CA PHE A 22 -0.05 11.35 3.57
C PHE A 22 1.23 10.75 3.00
N THR A 23 2.01 10.13 3.86
CA THR A 23 3.24 9.50 3.43
C THR A 23 2.98 8.03 3.13
N VAL A 24 3.96 7.35 2.53
CA VAL A 24 3.81 5.94 2.21
C VAL A 24 3.74 5.10 3.49
N LYS A 25 4.46 5.57 4.52
CA LYS A 25 4.48 4.89 5.82
C LYS A 25 3.16 5.07 6.55
N GLU A 26 2.57 6.25 6.38
CA GLU A 26 1.29 6.56 7.03
C GLU A 26 0.16 5.81 6.36
N LEU A 27 0.09 5.88 5.03
CA LEU A 27 -0.94 5.17 4.28
C LEU A 27 -0.84 3.65 4.52
N ALA A 28 0.37 3.17 4.74
CA ALA A 28 0.62 1.75 4.99
C ALA A 28 0.12 1.32 6.38
N GLU A 29 0.27 2.20 7.37
CA GLU A 29 -0.16 1.88 8.73
C GLU A 29 -1.69 1.87 8.84
N GLU A 30 -2.36 2.60 7.94
CA GLU A 30 -3.82 2.65 7.92
C GLU A 30 -4.39 1.31 7.49
N ILE A 31 -3.89 0.80 6.35
CA ILE A 31 -4.35 -0.47 5.81
C ILE A 31 -3.88 -1.66 6.66
N ALA A 32 -2.69 -1.52 7.27
CA ALA A 32 -2.12 -2.58 8.10
C ALA A 32 -2.91 -2.77 9.39
N ARG A 33 -3.52 -1.70 9.88
CA ARG A 33 -4.30 -1.73 11.12
C ARG A 33 -5.56 -2.58 10.96
N ARG A 34 -6.14 -2.56 9.77
CA ARG A 34 -7.37 -3.31 9.50
C ARG A 34 -7.08 -4.76 9.11
N LEU A 35 -5.84 -5.04 8.72
CA LEU A 35 -5.45 -6.40 8.33
C LEU A 35 -4.77 -7.14 9.48
N GLY A 36 -4.30 -6.39 10.48
CA GLY A 36 -3.64 -6.99 11.63
C GLY A 36 -2.17 -7.28 11.38
N LEU A 37 -1.52 -6.44 10.59
CA LEU A 37 -0.10 -6.61 10.27
C LEU A 37 0.66 -5.30 10.44
N SER A 38 1.97 -5.36 10.20
CA SER A 38 2.82 -4.19 10.32
C SER A 38 3.18 -3.65 8.94
N PRO A 39 3.21 -2.31 8.79
CA PRO A 39 3.53 -1.65 7.50
C PRO A 39 4.97 -1.90 7.03
N GLU A 40 5.84 -2.30 7.94
CA GLU A 40 7.24 -2.58 7.62
C GLU A 40 7.41 -3.90 6.86
N ASP A 41 6.42 -4.78 7.00
CA ASP A 41 6.46 -6.09 6.33
C ASP A 41 5.73 -6.05 4.98
N ILE A 42 4.73 -5.17 4.87
CA ILE A 42 3.95 -5.05 3.65
C ILE A 42 4.61 -4.11 2.66
N LYS A 43 4.78 -4.58 1.42
CA LYS A 43 5.39 -3.76 0.39
C LYS A 43 4.35 -3.35 -0.65
N LEU A 44 4.38 -2.07 -1.01
CA LEU A 44 3.46 -1.54 -2.00
C LEU A 44 4.11 -1.51 -3.37
N THR A 45 3.42 -2.07 -4.36
CA THR A 45 3.94 -2.10 -5.71
C THR A 45 2.97 -1.45 -6.70
N HIS A 46 3.52 -0.57 -7.54
CA HIS A 46 2.72 0.12 -8.53
C HIS A 46 3.42 0.08 -9.89
N ASN A 47 2.71 -0.42 -10.90
CA ASN A 47 3.20 -0.55 -12.29
C ASN A 47 4.61 -1.19 -12.35
N GLY A 48 4.90 -2.08 -11.42
CA GLY A 48 6.19 -2.76 -11.40
C GLY A 48 7.27 -2.03 -10.64
N LYS A 49 6.88 -1.16 -9.71
CA LYS A 49 7.83 -0.39 -8.91
C LYS A 49 7.41 -0.37 -7.45
N THR A 50 8.40 -0.51 -6.55
CA THR A 50 8.14 -0.52 -5.12
C THR A 50 8.25 0.88 -4.53
N LEU A 51 7.43 1.16 -3.54
CA LEU A 51 7.41 2.46 -2.88
C LEU A 51 8.16 2.42 -1.54
N ASP A 52 8.98 3.44 -1.29
CA ASP A 52 9.74 3.52 -0.04
C ASP A 52 8.96 4.27 1.03
N PRO A 53 8.99 3.78 2.29
CA PRO A 53 8.28 4.41 3.42
C PRO A 53 8.80 5.80 3.77
N SER A 54 10.05 6.10 3.38
CA SER A 54 10.66 7.40 3.68
C SER A 54 10.19 8.50 2.75
N LEU A 55 9.81 8.12 1.52
CA LEU A 55 9.36 9.07 0.54
C LEU A 55 7.87 9.42 0.71
N THR A 56 7.36 10.21 -0.21
CA THR A 56 5.97 10.64 -0.19
C THR A 56 5.19 10.10 -1.39
N LEU A 57 3.87 10.11 -1.28
CA LEU A 57 3.00 9.63 -2.35
C LEU A 57 2.95 10.59 -3.53
N ALA A 58 3.11 11.88 -3.24
CA ALA A 58 3.08 12.91 -4.28
C ALA A 58 4.41 13.04 -5.02
N GLU A 59 5.44 12.35 -4.52
CA GLU A 59 6.76 12.39 -5.16
C GLU A 59 6.83 11.41 -6.32
N TYR A 60 6.09 10.31 -6.19
CA TYR A 60 6.05 9.27 -7.19
C TYR A 60 5.09 9.62 -8.33
N GLY A 61 4.17 10.54 -8.07
CA GLY A 61 3.21 10.93 -9.08
C GLY A 61 1.99 10.04 -9.13
N ILE A 62 1.44 9.73 -7.96
CA ILE A 62 0.27 8.86 -7.86
C ILE A 62 -1.01 9.67 -7.71
N THR A 63 -2.05 9.26 -8.45
CA THR A 63 -3.35 9.94 -8.39
C THR A 63 -4.45 8.96 -8.03
N PRO A 64 -5.58 9.44 -7.48
CA PRO A 64 -6.72 8.60 -7.10
C PRO A 64 -7.44 8.02 -8.32
N GLY A 65 -7.77 6.74 -8.25
CA GLY A 65 -8.45 6.10 -9.35
C GLY A 65 -7.60 5.05 -10.04
N SER A 66 -6.40 4.82 -9.52
CA SER A 66 -5.49 3.83 -10.08
C SER A 66 -5.58 2.52 -9.32
N THR A 67 -5.10 1.45 -9.95
CA THR A 67 -5.12 0.13 -9.34
C THR A 67 -3.79 -0.15 -8.63
N ILE A 68 -3.88 -0.45 -7.34
CA ILE A 68 -2.69 -0.74 -6.54
C ILE A 68 -2.58 -2.24 -6.26
N THR A 69 -1.35 -2.74 -6.19
CA THR A 69 -1.12 -4.15 -5.94
C THR A 69 -0.32 -4.32 -4.67
N LEU A 70 -0.98 -4.85 -3.65
CA LEU A 70 -0.36 -5.05 -2.35
C LEU A 70 0.19 -6.47 -2.22
N GLU A 71 1.38 -6.59 -1.65
CA GLU A 71 2.01 -7.88 -1.45
C GLU A 71 2.55 -8.02 -0.03
N ILE A 72 2.24 -9.14 0.61
CA ILE A 72 2.68 -9.40 1.98
C ILE A 72 3.78 -10.46 2.00
N LYS A 73 4.79 -10.24 2.83
CA LYS A 73 5.90 -11.18 2.94
C LYS A 73 5.97 -11.78 4.34
N LYS A 74 5.91 -13.10 4.42
CA LYS A 74 5.96 -13.79 5.70
C LYS A 74 6.85 -15.02 5.60
N LYS A 75 7.50 -15.35 6.71
CA LYS A 75 8.39 -16.52 6.77
C LYS A 75 7.93 -17.49 7.84
N GLY A 76 7.86 -18.77 7.48
CA GLY A 76 7.44 -19.78 8.43
C GLY A 76 6.60 -20.87 7.79
N GLY A 77 6.77 -22.10 8.26
CA GLY A 77 6.02 -23.22 7.72
C GLY A 77 6.87 -24.46 7.55
N LEU A 78 6.75 -25.38 8.49
CA LEU A 78 7.50 -26.63 8.44
C LEU A 78 6.59 -27.79 8.10
N GLU A 79 6.98 -28.56 7.09
CA GLU A 79 6.19 -29.71 6.65
C GLU A 79 6.83 -31.01 7.12
N MET A 1 -11.00 12.55 -7.60
CA MET A 1 -11.11 11.36 -6.72
C MET A 1 -10.25 11.55 -5.47
N ASP A 2 -10.66 10.90 -4.38
CA ASP A 2 -9.94 10.99 -3.12
C ASP A 2 -9.76 9.61 -2.49
N THR A 3 -10.33 8.59 -3.14
CA THR A 3 -10.23 7.22 -2.64
C THR A 3 -9.34 6.36 -3.53
N ILE A 4 -8.73 5.36 -2.94
CA ILE A 4 -7.85 4.45 -3.68
C ILE A 4 -8.22 2.99 -3.44
N ASN A 5 -7.84 2.13 -4.38
CA ASN A 5 -8.13 0.72 -4.27
C ASN A 5 -6.92 -0.06 -3.75
N ILE A 6 -7.19 -1.20 -3.14
CA ILE A 6 -6.15 -2.06 -2.58
C ILE A 6 -6.45 -3.52 -2.93
N THR A 7 -5.59 -4.12 -3.73
CA THR A 7 -5.78 -5.51 -4.15
C THR A 7 -4.97 -6.48 -3.30
N LEU A 8 -5.67 -7.42 -2.68
CA LEU A 8 -5.04 -8.41 -1.83
C LEU A 8 -4.80 -9.69 -2.63
N PRO A 9 -3.94 -10.61 -2.12
CA PRO A 9 -3.68 -11.89 -2.81
C PRO A 9 -4.88 -12.84 -2.71
N ASP A 10 -5.92 -12.39 -2.02
CA ASP A 10 -7.13 -13.20 -1.86
C ASP A 10 -8.13 -12.93 -2.98
N GLY A 11 -7.94 -11.80 -3.66
CA GLY A 11 -8.82 -11.44 -4.75
C GLY A 11 -9.85 -10.39 -4.38
N LYS A 12 -9.74 -9.85 -3.16
CA LYS A 12 -10.69 -8.83 -2.71
C LYS A 12 -10.02 -7.46 -2.68
N THR A 13 -10.80 -6.44 -3.04
CA THR A 13 -10.30 -5.08 -3.07
C THR A 13 -10.95 -4.23 -1.97
N LEU A 14 -10.24 -3.19 -1.55
CA LEU A 14 -10.72 -2.29 -0.50
C LEU A 14 -10.52 -0.84 -0.90
N THR A 15 -11.39 0.04 -0.44
CA THR A 15 -11.29 1.46 -0.76
C THR A 15 -10.90 2.27 0.48
N LEU A 16 -9.87 3.10 0.34
CA LEU A 16 -9.41 3.93 1.45
C LEU A 16 -9.35 5.41 1.04
N THR A 17 -9.65 6.28 1.99
CA THR A 17 -9.65 7.73 1.73
C THR A 17 -8.36 8.38 2.24
N VAL A 18 -7.62 9.00 1.33
CA VAL A 18 -6.36 9.66 1.70
C VAL A 18 -6.21 10.99 0.98
N THR A 19 -5.09 11.67 1.23
CA THR A 19 -4.82 12.96 0.60
C THR A 19 -3.38 12.99 0.08
N PRO A 20 -3.05 13.96 -0.79
CA PRO A 20 -1.69 14.12 -1.34
C PRO A 20 -0.66 14.46 -0.27
N GLU A 21 -1.14 14.90 0.90
CA GLU A 21 -0.25 15.25 2.00
C GLU A 21 0.10 14.02 2.84
N PHE A 22 -0.50 12.89 2.50
CA PHE A 22 -0.25 11.65 3.19
C PHE A 22 1.03 11.02 2.68
N THR A 23 1.84 10.49 3.59
CA THR A 23 3.10 9.85 3.21
C THR A 23 2.86 8.37 2.97
N VAL A 24 3.86 7.68 2.43
CA VAL A 24 3.73 6.25 2.17
C VAL A 24 3.63 5.49 3.49
N LYS A 25 4.29 6.00 4.51
CA LYS A 25 4.27 5.38 5.85
C LYS A 25 2.90 5.57 6.51
N GLU A 26 2.28 6.71 6.24
CA GLU A 26 0.96 7.03 6.81
C GLU A 26 -0.12 6.19 6.15
N LEU A 27 -0.11 6.15 4.81
CA LEU A 27 -1.09 5.37 4.06
C LEU A 27 -0.98 3.88 4.42
N ALA A 28 0.25 3.43 4.65
CA ALA A 28 0.50 2.02 4.99
C ALA A 28 0.02 1.68 6.40
N GLU A 29 0.16 2.61 7.35
CA GLU A 29 -0.24 2.38 8.73
C GLU A 29 -1.77 2.35 8.88
N GLU A 30 -2.47 3.01 7.97
CA GLU A 30 -3.94 3.05 8.01
C GLU A 30 -4.54 1.74 7.50
N ILE A 31 -4.03 1.26 6.36
CA ILE A 31 -4.52 0.02 5.77
C ILE A 31 -4.09 -1.21 6.56
N ALA A 32 -2.87 -1.18 7.12
CA ALA A 32 -2.34 -2.29 7.89
C ALA A 32 -3.09 -2.45 9.21
N ARG A 33 -3.44 -1.33 9.83
CA ARG A 33 -4.16 -1.35 11.10
C ARG A 33 -5.60 -1.82 10.93
N ARG A 34 -6.21 -1.50 9.80
CA ARG A 34 -7.58 -1.87 9.53
C ARG A 34 -7.71 -3.37 9.25
N LEU A 35 -6.64 -3.98 8.74
CA LEU A 35 -6.66 -5.40 8.43
C LEU A 35 -6.00 -6.24 9.53
N GLY A 36 -5.21 -5.58 10.37
CA GLY A 36 -4.53 -6.28 11.45
C GLY A 36 -3.23 -6.93 11.03
N LEU A 37 -2.39 -6.18 10.32
CA LEU A 37 -1.11 -6.68 9.86
C LEU A 37 0.02 -5.71 10.19
N SER A 38 1.24 -6.11 9.85
CA SER A 38 2.42 -5.28 10.11
C SER A 38 2.86 -4.55 8.85
N PRO A 39 2.98 -3.21 8.92
CA PRO A 39 3.39 -2.37 7.77
C PRO A 39 4.80 -2.68 7.26
N GLU A 40 5.62 -3.31 8.10
CA GLU A 40 7.00 -3.65 7.72
C GLU A 40 7.05 -4.84 6.77
N ASP A 41 5.97 -5.62 6.75
CA ASP A 41 5.90 -6.81 5.88
C ASP A 41 5.18 -6.51 4.57
N ILE A 42 4.32 -5.50 4.59
CA ILE A 42 3.56 -5.12 3.39
C ILE A 42 4.30 -4.08 2.57
N LYS A 43 4.49 -4.38 1.29
CA LYS A 43 5.17 -3.47 0.38
C LYS A 43 4.24 -3.05 -0.75
N LEU A 44 4.24 -1.76 -1.05
CA LEU A 44 3.41 -1.22 -2.11
C LEU A 44 4.17 -1.20 -3.43
N THR A 45 3.57 -1.79 -4.47
CA THR A 45 4.20 -1.84 -5.77
C THR A 45 3.32 -1.22 -6.84
N HIS A 46 3.88 -0.24 -7.55
CA HIS A 46 3.16 0.45 -8.61
C HIS A 46 4.02 0.55 -9.87
N ASN A 47 3.52 -0.05 -10.96
CA ASN A 47 4.22 -0.05 -12.26
C ASN A 47 5.53 -0.84 -12.19
N GLY A 48 5.60 -1.78 -11.24
CA GLY A 48 6.80 -2.58 -11.09
C GLY A 48 7.78 -2.00 -10.08
N LYS A 49 7.59 -0.72 -9.74
CA LYS A 49 8.48 -0.06 -8.79
C LYS A 49 7.86 -0.04 -7.40
N THR A 50 8.70 -0.18 -6.38
CA THR A 50 8.23 -0.17 -5.00
C THR A 50 8.32 1.22 -4.39
N LEU A 51 7.46 1.48 -3.41
CA LEU A 51 7.42 2.78 -2.75
C LEU A 51 8.14 2.73 -1.40
N ASP A 52 8.95 3.76 -1.14
CA ASP A 52 9.69 3.84 0.11
C ASP A 52 8.91 4.62 1.17
N PRO A 53 8.95 4.15 2.44
CA PRO A 53 8.23 4.81 3.55
C PRO A 53 8.73 6.22 3.85
N SER A 54 9.96 6.52 3.44
CA SER A 54 10.54 7.84 3.68
C SER A 54 10.10 8.86 2.64
N LEU A 55 9.75 8.40 1.45
CA LEU A 55 9.33 9.28 0.38
C LEU A 55 7.85 9.59 0.46
N THR A 56 7.35 10.30 -0.54
CA THR A 56 5.95 10.69 -0.60
C THR A 56 5.26 10.03 -1.79
N LEU A 57 3.92 9.97 -1.72
CA LEU A 57 3.12 9.36 -2.78
C LEU A 57 3.08 10.24 -4.04
N ALA A 58 3.12 11.55 -3.84
CA ALA A 58 3.06 12.50 -4.95
C ALA A 58 4.41 12.65 -5.66
N GLU A 59 5.46 12.08 -5.07
CA GLU A 59 6.80 12.16 -5.66
C GLU A 59 6.98 11.09 -6.73
N TYR A 60 6.14 10.05 -6.66
CA TYR A 60 6.20 8.95 -7.60
C TYR A 60 5.33 9.22 -8.82
N GLY A 61 4.38 10.15 -8.70
CA GLY A 61 3.51 10.48 -9.81
C GLY A 61 2.27 9.61 -9.86
N ILE A 62 1.62 9.42 -8.71
CA ILE A 62 0.42 8.60 -8.63
C ILE A 62 -0.80 9.44 -8.27
N THR A 63 -1.94 9.11 -8.88
CA THR A 63 -3.18 9.81 -8.63
C THR A 63 -4.23 8.86 -8.03
N PRO A 64 -5.23 9.40 -7.32
CA PRO A 64 -6.29 8.60 -6.71
C PRO A 64 -7.23 7.98 -7.74
N GLY A 65 -7.75 6.80 -7.41
CA GLY A 65 -8.65 6.11 -8.33
C GLY A 65 -7.96 4.99 -9.09
N SER A 66 -6.71 4.72 -8.74
CA SER A 66 -5.94 3.68 -9.40
C SER A 66 -5.91 2.42 -8.55
N THR A 67 -5.65 1.28 -9.20
CA THR A 67 -5.59 0.01 -8.51
C THR A 67 -4.18 -0.26 -7.98
N ILE A 68 -4.06 -0.46 -6.68
CA ILE A 68 -2.76 -0.72 -6.05
C ILE A 68 -2.64 -2.17 -5.59
N THR A 69 -1.52 -2.80 -5.91
CA THR A 69 -1.27 -4.18 -5.54
C THR A 69 -0.24 -4.26 -4.42
N LEU A 70 -0.52 -5.09 -3.42
CA LEU A 70 0.39 -5.26 -2.29
C LEU A 70 1.11 -6.60 -2.36
N GLU A 71 2.22 -6.70 -1.62
CA GLU A 71 3.01 -7.93 -1.59
C GLU A 71 3.45 -8.24 -0.16
N ILE A 72 3.38 -9.51 0.21
CA ILE A 72 3.78 -9.94 1.55
C ILE A 72 4.89 -11.00 1.47
N LYS A 73 5.81 -10.97 2.43
CA LYS A 73 6.91 -11.92 2.47
C LYS A 73 6.61 -13.06 3.44
N LYS A 74 7.08 -14.27 3.09
CA LYS A 74 6.86 -15.44 3.93
C LYS A 74 8.15 -15.82 4.65
N LYS A 75 8.02 -16.35 5.86
CA LYS A 75 9.16 -16.77 6.65
C LYS A 75 9.20 -18.29 6.80
N GLY A 76 10.41 -18.82 6.97
CA GLY A 76 10.57 -20.26 7.12
C GLY A 76 10.80 -20.66 8.57
N GLY A 77 12.02 -21.11 8.87
CA GLY A 77 12.34 -21.53 10.22
C GLY A 77 13.34 -20.59 10.89
N LEU A 78 12.82 -19.55 11.53
CA LEU A 78 13.66 -18.57 12.20
C LEU A 78 13.36 -18.55 13.70
N GLU A 79 12.08 -18.56 14.05
CA GLU A 79 11.65 -18.55 15.44
C GLU A 79 10.93 -19.84 15.79
N MET A 1 -11.84 11.49 -9.06
CA MET A 1 -11.68 10.41 -8.06
C MET A 1 -10.80 10.87 -6.91
N ASP A 2 -11.05 10.33 -5.72
CA ASP A 2 -10.28 10.68 -4.54
C ASP A 2 -9.87 9.44 -3.75
N THR A 3 -10.45 8.30 -4.09
CA THR A 3 -10.16 7.05 -3.42
C THR A 3 -9.42 6.07 -4.34
N ILE A 4 -8.65 5.17 -3.74
CA ILE A 4 -7.88 4.19 -4.50
C ILE A 4 -8.27 2.77 -4.08
N ASN A 5 -7.95 1.80 -4.93
CA ASN A 5 -8.27 0.41 -4.68
C ASN A 5 -7.07 -0.32 -4.11
N ILE A 6 -7.34 -1.35 -3.34
CA ILE A 6 -6.30 -2.17 -2.72
C ILE A 6 -6.54 -3.64 -3.05
N THR A 7 -5.62 -4.25 -3.79
CA THR A 7 -5.76 -5.65 -4.18
C THR A 7 -4.93 -6.57 -3.31
N LEU A 8 -5.61 -7.42 -2.56
CA LEU A 8 -4.95 -8.36 -1.67
C LEU A 8 -4.77 -9.70 -2.37
N PRO A 9 -3.90 -10.58 -1.84
CA PRO A 9 -3.69 -11.92 -2.42
C PRO A 9 -4.87 -12.84 -2.16
N ASP A 10 -5.87 -12.33 -1.44
CA ASP A 10 -7.06 -13.12 -1.13
C ASP A 10 -8.13 -12.93 -2.20
N GLY A 11 -7.99 -11.87 -2.98
CA GLY A 11 -8.94 -11.60 -4.05
C GLY A 11 -9.95 -10.52 -3.69
N LYS A 12 -9.78 -9.90 -2.54
CA LYS A 12 -10.70 -8.85 -2.10
C LYS A 12 -10.06 -7.47 -2.27
N THR A 13 -10.89 -6.49 -2.62
CA THR A 13 -10.43 -5.13 -2.82
C THR A 13 -11.00 -4.19 -1.77
N LEU A 14 -10.25 -3.13 -1.47
CA LEU A 14 -10.68 -2.14 -0.49
C LEU A 14 -10.41 -0.73 -1.01
N THR A 15 -11.29 0.21 -0.68
CA THR A 15 -11.14 1.59 -1.13
C THR A 15 -10.73 2.51 0.01
N LEU A 16 -9.60 3.19 -0.17
CA LEU A 16 -9.10 4.12 0.85
C LEU A 16 -8.90 5.51 0.28
N THR A 17 -8.98 6.53 1.13
CA THR A 17 -8.81 7.91 0.70
C THR A 17 -7.33 8.29 0.73
N VAL A 18 -6.85 8.90 -0.35
CA VAL A 18 -5.45 9.32 -0.43
C VAL A 18 -5.33 10.82 -0.55
N THR A 19 -4.25 11.36 0.02
CA THR A 19 -3.98 12.79 -0.02
C THR A 19 -2.49 13.04 -0.26
N PRO A 20 -2.13 14.24 -0.77
CA PRO A 20 -0.74 14.60 -1.03
C PRO A 20 0.04 14.87 0.25
N GLU A 21 -0.65 14.87 1.38
CA GLU A 21 -0.01 15.11 2.67
C GLU A 21 0.30 13.81 3.39
N PHE A 22 -0.29 12.71 2.93
CA PHE A 22 -0.05 11.41 3.53
C PHE A 22 1.22 10.80 3.00
N THR A 23 1.98 10.14 3.87
CA THR A 23 3.21 9.49 3.46
C THR A 23 2.92 8.03 3.16
N VAL A 24 3.90 7.33 2.60
CA VAL A 24 3.73 5.92 2.29
C VAL A 24 3.64 5.10 3.58
N LYS A 25 4.35 5.56 4.60
CA LYS A 25 4.35 4.89 5.90
C LYS A 25 3.02 5.10 6.63
N GLU A 26 2.45 6.30 6.48
CA GLU A 26 1.18 6.62 7.11
C GLU A 26 0.03 5.90 6.43
N LEU A 27 0.00 5.95 5.09
CA LEU A 27 -1.05 5.28 4.33
C LEU A 27 -1.00 3.76 4.55
N ALA A 28 0.20 3.23 4.77
CA ALA A 28 0.38 1.80 5.00
C ALA A 28 -0.13 1.39 6.38
N GLU A 29 0.06 2.23 7.39
CA GLU A 29 -0.39 1.93 8.75
C GLU A 29 -1.91 1.98 8.85
N GLU A 30 -2.55 2.73 7.96
CA GLU A 30 -4.02 2.84 7.94
C GLU A 30 -4.66 1.53 7.52
N ILE A 31 -4.22 1.01 6.37
CA ILE A 31 -4.74 -0.24 5.84
C ILE A 31 -4.30 -1.46 6.67
N ALA A 32 -3.10 -1.37 7.24
CA ALA A 32 -2.55 -2.45 8.06
C ALA A 32 -3.31 -2.61 9.37
N ARG A 33 -3.90 -1.52 9.85
CA ARG A 33 -4.66 -1.54 11.11
C ARG A 33 -5.93 -2.37 11.00
N ARG A 34 -6.54 -2.37 9.81
CA ARG A 34 -7.80 -3.11 9.59
C ARG A 34 -7.55 -4.61 9.47
N LEU A 35 -6.40 -5.00 8.94
CA LEU A 35 -6.08 -6.41 8.75
C LEU A 35 -5.24 -6.96 9.90
N GLY A 36 -4.61 -6.08 10.66
CA GLY A 36 -3.79 -6.50 11.78
C GLY A 36 -2.39 -6.93 11.36
N LEU A 37 -1.73 -6.11 10.54
CA LEU A 37 -0.37 -6.42 10.08
C LEU A 37 0.54 -5.23 10.27
N SER A 38 1.81 -5.41 9.91
CA SER A 38 2.81 -4.37 10.03
C SER A 38 3.17 -3.78 8.67
N PRO A 39 3.42 -2.45 8.60
CA PRO A 39 3.76 -1.76 7.35
C PRO A 39 5.11 -2.19 6.77
N GLU A 40 5.98 -2.72 7.62
CA GLU A 40 7.31 -3.17 7.18
C GLU A 40 7.24 -4.49 6.41
N ASP A 41 6.13 -5.20 6.53
CA ASP A 41 5.94 -6.47 5.84
C ASP A 41 5.18 -6.30 4.53
N ILE A 42 4.31 -5.30 4.48
CA ILE A 42 3.51 -5.03 3.28
C ILE A 42 4.22 -4.05 2.35
N LYS A 43 4.46 -4.47 1.12
CA LYS A 43 5.11 -3.61 0.14
C LYS A 43 4.12 -3.21 -0.94
N LEU A 44 4.06 -1.92 -1.22
CA LEU A 44 3.17 -1.40 -2.23
C LEU A 44 3.89 -1.28 -3.57
N THR A 45 3.30 -1.81 -4.62
CA THR A 45 3.91 -1.77 -5.94
C THR A 45 2.99 -1.08 -6.94
N HIS A 46 3.54 -0.08 -7.63
CA HIS A 46 2.80 0.66 -8.62
C HIS A 46 3.61 0.81 -9.90
N ASN A 47 3.09 0.24 -10.99
CA ASN A 47 3.74 0.29 -12.31
C ASN A 47 5.07 -0.47 -12.31
N GLY A 48 5.20 -1.43 -11.39
CA GLY A 48 6.41 -2.21 -11.30
C GLY A 48 7.41 -1.63 -10.30
N LYS A 49 7.18 -0.38 -9.88
CA LYS A 49 8.06 0.27 -8.92
C LYS A 49 7.48 0.21 -7.52
N THR A 50 8.34 0.01 -6.54
CA THR A 50 7.92 -0.07 -5.15
C THR A 50 7.99 1.28 -4.47
N LEU A 51 7.14 1.49 -3.48
CA LEU A 51 7.08 2.75 -2.75
C LEU A 51 7.90 2.67 -1.45
N ASP A 52 8.67 3.73 -1.19
CA ASP A 52 9.51 3.78 0.01
C ASP A 52 8.80 4.52 1.14
N PRO A 53 8.89 4.01 2.38
CA PRO A 53 8.25 4.63 3.56
C PRO A 53 8.79 6.02 3.89
N SER A 54 10.01 6.31 3.43
CA SER A 54 10.64 7.61 3.71
C SER A 54 10.12 8.70 2.77
N LEU A 55 9.69 8.31 1.58
CA LEU A 55 9.20 9.24 0.60
C LEU A 55 7.71 9.50 0.76
N THR A 56 7.17 10.27 -0.17
CA THR A 56 5.76 10.61 -0.15
C THR A 56 5.03 10.02 -1.36
N LEU A 57 3.70 10.04 -1.30
CA LEU A 57 2.87 9.50 -2.38
C LEU A 57 2.88 10.41 -3.61
N ALA A 58 3.03 11.71 -3.37
CA ALA A 58 3.05 12.70 -4.44
C ALA A 58 4.43 12.82 -5.10
N GLU A 59 5.43 12.17 -4.51
CA GLU A 59 6.79 12.22 -5.04
C GLU A 59 6.96 11.20 -6.16
N TYR A 60 6.10 10.19 -6.17
CA TYR A 60 6.16 9.14 -7.17
C TYR A 60 5.30 9.47 -8.38
N GLY A 61 4.36 10.39 -8.22
CA GLY A 61 3.48 10.79 -9.31
C GLY A 61 2.30 9.85 -9.48
N ILE A 62 1.65 9.51 -8.38
CA ILE A 62 0.50 8.61 -8.42
C ILE A 62 -0.80 9.38 -8.43
N THR A 63 -1.78 8.86 -9.18
CA THR A 63 -3.09 9.47 -9.28
C THR A 63 -4.19 8.49 -8.87
N PRO A 64 -5.29 9.01 -8.29
CA PRO A 64 -6.42 8.18 -7.86
C PRO A 64 -7.20 7.58 -9.04
N GLY A 65 -7.78 6.40 -8.81
CA GLY A 65 -8.53 5.74 -9.85
C GLY A 65 -7.82 4.52 -10.41
N SER A 66 -6.64 4.22 -9.86
CA SER A 66 -5.85 3.08 -10.30
C SER A 66 -5.89 1.96 -9.26
N THR A 67 -5.58 0.75 -9.70
CA THR A 67 -5.57 -0.41 -8.82
C THR A 67 -4.20 -0.59 -8.18
N ILE A 68 -4.17 -0.69 -6.86
CA ILE A 68 -2.91 -0.85 -6.14
C ILE A 68 -2.72 -2.29 -5.67
N THR A 69 -1.64 -2.91 -6.11
CA THR A 69 -1.33 -4.28 -5.77
C THR A 69 -0.28 -4.34 -4.65
N LEU A 70 -0.52 -5.19 -3.66
CA LEU A 70 0.39 -5.32 -2.54
C LEU A 70 1.06 -6.70 -2.50
N GLU A 71 2.15 -6.80 -1.77
CA GLU A 71 2.89 -8.06 -1.64
C GLU A 71 3.43 -8.20 -0.21
N ILE A 72 3.24 -9.38 0.37
CA ILE A 72 3.71 -9.65 1.73
C ILE A 72 4.70 -10.80 1.76
N LYS A 73 5.74 -10.66 2.57
CA LYS A 73 6.77 -11.68 2.69
C LYS A 73 6.56 -12.53 3.93
N LYS A 74 6.63 -13.84 3.77
CA LYS A 74 6.45 -14.77 4.88
C LYS A 74 7.72 -15.58 5.12
N LYS A 75 7.95 -15.96 6.38
CA LYS A 75 9.13 -16.74 6.73
C LYS A 75 8.73 -18.13 7.22
N GLY A 76 9.59 -19.11 6.94
CA GLY A 76 9.32 -20.48 7.34
C GLY A 76 9.91 -21.50 6.40
N GLY A 77 10.59 -22.49 6.95
CA GLY A 77 11.21 -23.51 6.13
C GLY A 77 11.12 -24.89 6.75
N LEU A 78 12.27 -25.43 7.14
CA LEU A 78 12.34 -26.75 7.75
C LEU A 78 12.43 -26.64 9.27
N GLU A 79 13.27 -25.70 9.74
CA GLU A 79 13.46 -25.49 11.17
C GLU A 79 12.66 -24.28 11.64
N MET A 1 -10.99 9.86 -7.86
CA MET A 1 -10.83 11.31 -7.55
C MET A 1 -10.35 11.52 -6.12
N ASP A 2 -10.89 10.72 -5.20
CA ASP A 2 -10.52 10.82 -3.79
C ASP A 2 -10.33 9.43 -3.18
N THR A 3 -10.87 8.42 -3.84
CA THR A 3 -10.77 7.05 -3.34
C THR A 3 -9.86 6.20 -4.22
N ILE A 4 -9.27 5.16 -3.62
CA ILE A 4 -8.38 4.27 -4.33
C ILE A 4 -8.75 2.81 -4.05
N ASN A 5 -8.28 1.91 -4.90
CA ASN A 5 -8.56 0.50 -4.74
C ASN A 5 -7.26 -0.26 -4.43
N ILE A 6 -7.29 -1.06 -3.38
CA ILE A 6 -6.14 -1.85 -2.97
C ILE A 6 -6.49 -3.34 -3.02
N THR A 7 -5.86 -4.06 -3.93
CA THR A 7 -6.12 -5.47 -4.10
C THR A 7 -5.23 -6.33 -3.21
N LEU A 8 -5.83 -7.31 -2.56
CA LEU A 8 -5.12 -8.21 -1.68
C LEU A 8 -4.86 -9.53 -2.40
N PRO A 9 -3.92 -10.35 -1.91
CA PRO A 9 -3.62 -11.66 -2.51
C PRO A 9 -4.75 -12.66 -2.25
N ASP A 10 -5.78 -12.23 -1.52
CA ASP A 10 -6.91 -13.09 -1.22
C ASP A 10 -8.00 -12.94 -2.27
N GLY A 11 -7.91 -11.87 -3.07
CA GLY A 11 -8.88 -11.64 -4.11
C GLY A 11 -9.92 -10.60 -3.75
N LYS A 12 -9.75 -9.97 -2.60
CA LYS A 12 -10.69 -8.94 -2.15
C LYS A 12 -10.07 -7.55 -2.25
N THR A 13 -10.90 -6.55 -2.50
CA THR A 13 -10.44 -5.17 -2.64
C THR A 13 -10.98 -4.30 -1.51
N LEU A 14 -10.26 -3.22 -1.22
CA LEU A 14 -10.65 -2.31 -0.16
C LEU A 14 -10.60 -0.86 -0.66
N THR A 15 -11.45 -0.01 -0.10
CA THR A 15 -11.51 1.39 -0.48
C THR A 15 -10.93 2.28 0.61
N LEU A 16 -9.97 3.12 0.24
CA LEU A 16 -9.33 4.03 1.19
C LEU A 16 -9.22 5.43 0.59
N THR A 17 -9.03 6.42 1.44
CA THR A 17 -8.89 7.80 0.99
C THR A 17 -7.43 8.21 0.94
N VAL A 18 -7.04 8.91 -0.12
CA VAL A 18 -5.65 9.34 -0.28
C VAL A 18 -5.54 10.86 -0.31
N THR A 19 -4.44 11.38 0.23
CA THR A 19 -4.18 12.80 0.25
C THR A 19 -2.72 13.08 -0.07
N PRO A 20 -2.40 14.31 -0.54
CA PRO A 20 -1.03 14.69 -0.87
C PRO A 20 -0.16 14.92 0.37
N GLU A 21 -0.78 14.87 1.54
CA GLU A 21 -0.07 15.07 2.80
C GLU A 21 0.26 13.75 3.48
N PHE A 22 -0.33 12.66 2.99
CA PHE A 22 -0.09 11.34 3.55
C PHE A 22 1.19 10.75 2.97
N THR A 23 1.96 10.08 3.82
CA THR A 23 3.19 9.45 3.37
C THR A 23 2.91 7.99 3.04
N VAL A 24 3.89 7.31 2.47
CA VAL A 24 3.72 5.89 2.13
C VAL A 24 3.63 5.06 3.39
N LYS A 25 4.35 5.49 4.43
CA LYS A 25 4.36 4.81 5.71
C LYS A 25 3.03 5.00 6.43
N GLU A 26 2.48 6.20 6.33
CA GLU A 26 1.21 6.52 6.97
C GLU A 26 0.06 5.80 6.27
N LEU A 27 0.02 5.88 4.95
CA LEU A 27 -1.03 5.23 4.16
C LEU A 27 -1.01 3.72 4.37
N ALA A 28 0.19 3.14 4.45
CA ALA A 28 0.34 1.70 4.65
C ALA A 28 -0.06 1.32 6.09
N GLU A 29 0.10 2.26 7.00
CA GLU A 29 -0.25 2.07 8.40
C GLU A 29 -1.76 2.00 8.59
N GLU A 30 -2.49 2.65 7.68
CA GLU A 30 -3.95 2.68 7.73
C GLU A 30 -4.52 1.33 7.32
N ILE A 31 -4.07 0.81 6.17
CA ILE A 31 -4.54 -0.48 5.67
C ILE A 31 -4.11 -1.63 6.58
N ALA A 32 -2.94 -1.48 7.21
CA ALA A 32 -2.41 -2.50 8.10
C ALA A 32 -3.22 -2.62 9.39
N ARG A 33 -3.85 -1.53 9.79
CA ARG A 33 -4.65 -1.50 11.02
C ARG A 33 -5.93 -2.31 10.89
N ARG A 34 -6.51 -2.34 9.70
CA ARG A 34 -7.75 -3.07 9.45
C ARG A 34 -7.54 -4.57 9.35
N LEU A 35 -6.37 -4.98 8.86
CA LEU A 35 -6.08 -6.40 8.69
C LEU A 35 -5.27 -6.96 9.86
N GLY A 36 -4.65 -6.07 10.63
CA GLY A 36 -3.87 -6.51 11.78
C GLY A 36 -2.45 -6.93 11.41
N LEU A 37 -1.78 -6.09 10.62
CA LEU A 37 -0.41 -6.36 10.20
C LEU A 37 0.48 -5.14 10.40
N SER A 38 1.76 -5.29 10.06
CA SER A 38 2.72 -4.21 10.20
C SER A 38 3.15 -3.68 8.82
N PRO A 39 3.45 -2.38 8.71
CA PRO A 39 3.86 -1.75 7.44
C PRO A 39 5.22 -2.22 6.93
N GLU A 40 6.02 -2.82 7.82
CA GLU A 40 7.34 -3.31 7.45
C GLU A 40 7.28 -4.60 6.63
N ASP A 41 6.15 -5.29 6.71
CA ASP A 41 5.96 -6.55 5.99
C ASP A 41 5.20 -6.33 4.68
N ILE A 42 4.34 -5.32 4.67
CA ILE A 42 3.56 -5.02 3.47
C ILE A 42 4.26 -4.02 2.57
N LYS A 43 4.44 -4.39 1.31
CA LYS A 43 5.10 -3.53 0.35
C LYS A 43 4.14 -3.19 -0.78
N LEU A 44 4.06 -1.90 -1.12
CA LEU A 44 3.19 -1.46 -2.19
C LEU A 44 3.96 -1.43 -3.51
N THR A 45 3.36 -2.00 -4.55
CA THR A 45 4.00 -2.03 -5.86
C THR A 45 3.10 -1.38 -6.91
N HIS A 46 3.65 -0.41 -7.62
CA HIS A 46 2.90 0.30 -8.65
C HIS A 46 3.75 0.46 -9.91
N ASN A 47 3.24 -0.03 -11.04
CA ASN A 47 3.93 0.06 -12.33
C ASN A 47 5.24 -0.74 -12.33
N GLY A 48 5.31 -1.76 -11.48
CA GLY A 48 6.49 -2.60 -11.40
C GLY A 48 7.50 -2.16 -10.36
N LYS A 49 7.45 -0.89 -9.96
CA LYS A 49 8.37 -0.36 -8.97
C LYS A 49 7.70 -0.28 -7.60
N THR A 50 8.51 -0.42 -6.56
CA THR A 50 8.00 -0.37 -5.19
C THR A 50 8.09 1.03 -4.61
N LEU A 51 7.29 1.29 -3.59
CA LEU A 51 7.25 2.60 -2.94
C LEU A 51 8.02 2.55 -1.61
N ASP A 52 8.82 3.58 -1.37
CA ASP A 52 9.61 3.66 -0.14
C ASP A 52 8.82 4.36 0.96
N PRO A 53 8.84 3.81 2.19
CA PRO A 53 8.13 4.38 3.34
C PRO A 53 8.67 5.75 3.78
N SER A 54 9.91 6.04 3.41
CA SER A 54 10.54 7.31 3.79
C SER A 54 10.12 8.45 2.88
N LEU A 55 9.76 8.14 1.63
CA LEU A 55 9.37 9.14 0.68
C LEU A 55 7.88 9.47 0.78
N THR A 56 7.42 10.30 -0.13
CA THR A 56 6.01 10.73 -0.15
C THR A 56 5.29 10.19 -1.38
N LEU A 57 3.96 10.14 -1.29
CA LEU A 57 3.13 9.64 -2.38
C LEU A 57 3.05 10.64 -3.54
N ALA A 58 3.13 11.93 -3.22
CA ALA A 58 3.04 12.98 -4.24
C ALA A 58 4.36 13.17 -4.99
N GLU A 59 5.44 12.60 -4.47
CA GLU A 59 6.74 12.72 -5.12
C GLU A 59 6.91 11.70 -6.23
N TYR A 60 6.11 10.64 -6.15
CA TYR A 60 6.17 9.56 -7.13
C TYR A 60 5.23 9.85 -8.32
N GLY A 61 4.26 10.74 -8.11
CA GLY A 61 3.32 11.08 -9.17
C GLY A 61 2.13 10.13 -9.22
N ILE A 62 1.55 9.85 -8.06
CA ILE A 62 0.40 8.95 -7.99
C ILE A 62 -0.90 9.72 -7.79
N THR A 63 -1.94 9.30 -8.51
CA THR A 63 -3.25 9.94 -8.42
C THR A 63 -4.33 8.92 -8.04
N PRO A 64 -5.44 9.39 -7.47
CA PRO A 64 -6.55 8.52 -7.06
C PRO A 64 -7.31 7.94 -8.25
N GLY A 65 -7.80 6.72 -8.10
CA GLY A 65 -8.54 6.08 -9.18
C GLY A 65 -7.71 5.04 -9.91
N SER A 66 -6.50 4.78 -9.40
CA SER A 66 -5.62 3.80 -10.02
C SER A 66 -5.70 2.47 -9.29
N THR A 67 -5.17 1.42 -9.91
CA THR A 67 -5.17 0.10 -9.32
C THR A 67 -3.84 -0.19 -8.63
N ILE A 68 -3.90 -0.55 -7.34
CA ILE A 68 -2.69 -0.83 -6.58
C ILE A 68 -2.73 -2.24 -6.01
N THR A 69 -1.60 -2.95 -6.11
CA THR A 69 -1.49 -4.31 -5.60
C THR A 69 -0.42 -4.40 -4.52
N LEU A 70 -0.80 -4.92 -3.36
CA LEU A 70 0.14 -5.05 -2.24
C LEU A 70 0.80 -6.43 -2.23
N GLU A 71 1.93 -6.53 -1.53
CA GLU A 71 2.67 -7.78 -1.42
C GLU A 71 3.17 -7.99 0.01
N ILE A 72 3.29 -9.25 0.42
CA ILE A 72 3.76 -9.57 1.76
C ILE A 72 4.88 -10.60 1.70
N LYS A 73 5.85 -10.48 2.60
CA LYS A 73 6.98 -11.41 2.65
C LYS A 73 7.08 -12.08 4.02
N LYS A 74 7.36 -13.38 4.01
CA LYS A 74 7.48 -14.13 5.25
C LYS A 74 8.94 -14.50 5.52
N LYS A 75 9.31 -14.58 6.78
CA LYS A 75 10.67 -14.92 7.17
C LYS A 75 10.69 -16.11 8.12
N GLY A 76 11.74 -16.93 8.01
CA GLY A 76 11.86 -18.09 8.87
C GLY A 76 11.53 -19.39 8.18
N GLY A 77 12.46 -19.87 7.36
CA GLY A 77 12.24 -21.11 6.63
C GLY A 77 12.25 -20.92 5.13
N LEU A 78 12.69 -21.96 4.41
CA LEU A 78 12.78 -21.95 2.94
C LEU A 78 13.97 -21.15 2.45
N GLU A 79 14.07 -19.90 2.88
CA GLU A 79 15.17 -19.02 2.49
C GLU A 79 16.27 -19.03 3.56
N MET A 1 -11.43 12.44 -8.19
CA MET A 1 -11.51 11.21 -7.35
C MET A 1 -10.77 11.42 -6.04
N ASP A 2 -11.18 10.67 -5.02
CA ASP A 2 -10.56 10.77 -3.71
C ASP A 2 -10.34 9.37 -3.10
N THR A 3 -10.93 8.37 -3.73
CA THR A 3 -10.81 6.99 -3.25
C THR A 3 -9.91 6.16 -4.15
N ILE A 4 -9.26 5.16 -3.56
CA ILE A 4 -8.37 4.27 -4.31
C ILE A 4 -8.73 2.82 -4.04
N ASN A 5 -8.26 1.93 -4.91
CA ASN A 5 -8.52 0.52 -4.77
C ASN A 5 -7.23 -0.21 -4.41
N ILE A 6 -7.30 -1.06 -3.39
CA ILE A 6 -6.15 -1.83 -2.96
C ILE A 6 -6.48 -3.31 -3.07
N THR A 7 -5.77 -3.99 -3.97
CA THR A 7 -6.01 -5.42 -4.19
C THR A 7 -5.14 -6.28 -3.30
N LEU A 8 -5.77 -7.27 -2.68
CA LEU A 8 -5.09 -8.20 -1.81
C LEU A 8 -4.81 -9.51 -2.55
N PRO A 9 -3.87 -10.34 -2.04
CA PRO A 9 -3.57 -11.63 -2.67
C PRO A 9 -4.69 -12.65 -2.44
N ASP A 10 -5.73 -12.24 -1.70
CA ASP A 10 -6.87 -13.10 -1.41
C ASP A 10 -7.95 -12.94 -2.47
N GLY A 11 -7.87 -11.86 -3.25
CA GLY A 11 -8.85 -11.61 -4.29
C GLY A 11 -9.89 -10.59 -3.90
N LYS A 12 -9.74 -9.97 -2.73
CA LYS A 12 -10.68 -8.97 -2.27
C LYS A 12 -10.07 -7.56 -2.34
N THR A 13 -10.88 -6.60 -2.74
CA THR A 13 -10.43 -5.22 -2.86
C THR A 13 -10.89 -4.36 -1.69
N LEU A 14 -10.16 -3.29 -1.43
CA LEU A 14 -10.48 -2.37 -0.34
C LEU A 14 -10.52 -0.93 -0.84
N THR A 15 -11.34 -0.11 -0.20
CA THR A 15 -11.47 1.29 -0.58
C THR A 15 -10.98 2.20 0.54
N LEU A 16 -9.98 3.03 0.23
CA LEU A 16 -9.42 3.96 1.20
C LEU A 16 -9.24 5.34 0.59
N THR A 17 -9.09 6.36 1.44
CA THR A 17 -8.91 7.73 0.98
C THR A 17 -7.44 8.12 0.99
N VAL A 18 -7.01 8.83 -0.04
CA VAL A 18 -5.61 9.26 -0.15
C VAL A 18 -5.49 10.78 -0.20
N THR A 19 -4.37 11.29 0.33
CA THR A 19 -4.11 12.72 0.34
C THR A 19 -2.65 12.99 0.01
N PRO A 20 -2.35 14.14 -0.62
CA PRO A 20 -0.98 14.52 -0.99
C PRO A 20 -0.11 14.86 0.23
N GLU A 21 -0.75 14.97 1.39
CA GLU A 21 -0.05 15.29 2.63
C GLU A 21 0.32 14.01 3.39
N PHE A 22 -0.20 12.87 2.93
CA PHE A 22 0.09 11.60 3.56
C PHE A 22 1.35 10.98 2.99
N THR A 23 2.10 10.30 3.83
CA THR A 23 3.32 9.64 3.39
C THR A 23 3.02 8.18 3.08
N VAL A 24 3.97 7.49 2.45
CA VAL A 24 3.78 6.07 2.12
C VAL A 24 3.76 5.23 3.40
N LYS A 25 4.49 5.70 4.41
CA LYS A 25 4.56 5.01 5.69
C LYS A 25 3.26 5.16 6.47
N GLU A 26 2.66 6.35 6.40
CA GLU A 26 1.41 6.64 7.10
C GLU A 26 0.25 5.92 6.43
N LEU A 27 0.16 6.03 5.10
CA LEU A 27 -0.91 5.36 4.36
C LEU A 27 -0.85 3.84 4.54
N ALA A 28 0.37 3.31 4.68
CA ALA A 28 0.57 1.87 4.87
C ALA A 28 0.13 1.41 6.26
N GLU A 29 0.34 2.24 7.27
CA GLU A 29 -0.04 1.88 8.64
C GLU A 29 -1.56 1.92 8.83
N GLU A 30 -2.25 2.71 8.01
CA GLU A 30 -3.71 2.81 8.08
C GLU A 30 -4.36 1.53 7.57
N ILE A 31 -3.94 1.10 6.38
CA ILE A 31 -4.48 -0.10 5.75
C ILE A 31 -4.07 -1.37 6.52
N ALA A 32 -2.88 -1.35 7.12
CA ALA A 32 -2.37 -2.49 7.88
C ALA A 32 -3.16 -2.73 9.16
N ARG A 33 -3.67 -1.65 9.74
CA ARG A 33 -4.44 -1.73 10.98
C ARG A 33 -5.79 -2.43 10.80
N ARG A 34 -6.38 -2.26 9.62
CA ARG A 34 -7.68 -2.87 9.33
C ARG A 34 -7.54 -4.30 8.82
N LEU A 35 -6.32 -4.70 8.46
CA LEU A 35 -6.08 -6.05 7.97
C LEU A 35 -5.46 -6.93 9.05
N GLY A 36 -4.92 -6.31 10.08
CA GLY A 36 -4.32 -7.05 11.18
C GLY A 36 -2.87 -7.43 10.92
N LEU A 37 -2.16 -6.59 10.18
CA LEU A 37 -0.76 -6.85 9.85
C LEU A 37 0.11 -5.63 10.14
N SER A 38 1.42 -5.78 9.91
CA SER A 38 2.37 -4.71 10.14
C SER A 38 2.79 -4.06 8.82
N PRO A 39 2.92 -2.72 8.80
CA PRO A 39 3.29 -1.96 7.59
C PRO A 39 4.73 -2.22 7.12
N GLU A 40 5.56 -2.77 8.01
CA GLU A 40 6.96 -3.06 7.69
C GLU A 40 7.10 -4.30 6.79
N ASP A 41 6.07 -5.15 6.79
CA ASP A 41 6.09 -6.37 5.98
C ASP A 41 5.35 -6.18 4.65
N ILE A 42 4.39 -5.26 4.63
CA ILE A 42 3.62 -4.99 3.42
C ILE A 42 4.30 -3.94 2.56
N LYS A 43 4.57 -4.31 1.31
CA LYS A 43 5.21 -3.39 0.36
C LYS A 43 4.26 -3.04 -0.76
N LEU A 44 4.24 -1.77 -1.12
CA LEU A 44 3.39 -1.29 -2.20
C LEU A 44 4.12 -1.34 -3.53
N THR A 45 3.48 -1.91 -4.53
CA THR A 45 4.09 -2.01 -5.85
C THR A 45 3.21 -1.38 -6.92
N HIS A 46 3.80 -0.45 -7.68
CA HIS A 46 3.09 0.25 -8.73
C HIS A 46 3.94 0.32 -10.00
N ASN A 47 3.38 -0.21 -11.10
CA ASN A 47 4.06 -0.22 -12.41
C ASN A 47 5.36 -1.05 -12.37
N GLY A 48 5.41 -2.02 -11.47
CA GLY A 48 6.58 -2.88 -11.34
C GLY A 48 7.60 -2.36 -10.34
N LYS A 49 7.52 -1.07 -10.01
CA LYS A 49 8.44 -0.46 -9.06
C LYS A 49 7.82 -0.40 -7.66
N THR A 50 8.67 -0.48 -6.65
CA THR A 50 8.22 -0.44 -5.27
C THR A 50 8.31 0.97 -4.70
N LEU A 51 7.49 1.25 -3.70
CA LEU A 51 7.47 2.56 -3.06
C LEU A 51 8.21 2.55 -1.73
N ASP A 52 9.02 3.57 -1.50
CA ASP A 52 9.80 3.67 -0.27
C ASP A 52 9.01 4.43 0.81
N PRO A 53 9.04 3.94 2.07
CA PRO A 53 8.32 4.57 3.20
C PRO A 53 8.86 5.97 3.55
N SER A 54 10.11 6.25 3.17
CA SER A 54 10.73 7.53 3.46
C SER A 54 10.24 8.64 2.53
N LEU A 55 9.81 8.26 1.33
CA LEU A 55 9.35 9.22 0.36
C LEU A 55 7.87 9.54 0.54
N THR A 56 7.33 10.33 -0.37
CA THR A 56 5.94 10.75 -0.32
C THR A 56 5.15 10.19 -1.50
N LEU A 57 3.83 10.22 -1.38
CA LEU A 57 2.93 9.72 -2.43
C LEU A 57 2.89 10.66 -3.64
N ALA A 58 3.05 11.96 -3.39
CA ALA A 58 3.02 12.95 -4.45
C ALA A 58 4.35 13.06 -5.19
N GLU A 59 5.38 12.39 -4.69
CA GLU A 59 6.70 12.42 -5.32
C GLU A 59 6.77 11.42 -6.46
N TYR A 60 6.04 10.32 -6.30
CA TYR A 60 6.02 9.26 -7.30
C TYR A 60 5.06 9.59 -8.45
N GLY A 61 4.13 10.51 -8.20
CA GLY A 61 3.17 10.88 -9.22
C GLY A 61 1.95 9.98 -9.25
N ILE A 62 1.40 9.70 -8.06
CA ILE A 62 0.22 8.84 -7.95
C ILE A 62 -1.06 9.67 -7.79
N THR A 63 -2.13 9.21 -8.42
CA THR A 63 -3.42 9.89 -8.34
C THR A 63 -4.51 8.94 -7.86
N PRO A 64 -5.60 9.47 -7.29
CA PRO A 64 -6.72 8.65 -6.79
C PRO A 64 -7.50 7.99 -7.93
N GLY A 65 -7.86 6.73 -7.74
CA GLY A 65 -8.59 6.01 -8.77
C GLY A 65 -7.72 5.05 -9.54
N SER A 66 -6.51 4.81 -9.04
CA SER A 66 -5.58 3.90 -9.68
C SER A 66 -5.55 2.54 -8.97
N THR A 67 -5.07 1.52 -9.68
CA THR A 67 -5.00 0.17 -9.15
C THR A 67 -3.68 -0.05 -8.40
N ILE A 68 -3.78 -0.46 -7.14
CA ILE A 68 -2.59 -0.71 -6.32
C ILE A 68 -2.59 -2.14 -5.79
N THR A 69 -1.48 -2.83 -6.01
CA THR A 69 -1.33 -4.21 -5.57
C THR A 69 -0.31 -4.30 -4.44
N LEU A 70 -0.72 -4.88 -3.32
CA LEU A 70 0.17 -5.02 -2.16
C LEU A 70 0.83 -6.39 -2.14
N GLU A 71 1.92 -6.50 -1.38
CA GLU A 71 2.67 -7.76 -1.26
C GLU A 71 3.14 -7.98 0.18
N ILE A 72 3.14 -9.24 0.62
CA ILE A 72 3.55 -9.57 1.97
C ILE A 72 4.64 -10.65 1.95
N LYS A 73 5.54 -10.61 2.93
CA LYS A 73 6.62 -11.59 3.01
C LYS A 73 6.59 -12.33 4.35
N LYS A 74 6.43 -13.65 4.29
CA LYS A 74 6.37 -14.48 5.49
C LYS A 74 7.25 -15.71 5.34
N LYS A 75 7.76 -16.21 6.47
CA LYS A 75 8.62 -17.39 6.47
C LYS A 75 8.14 -18.41 7.49
N GLY A 76 8.15 -19.68 7.12
CA GLY A 76 7.71 -20.73 8.02
C GLY A 76 7.35 -22.01 7.29
N GLY A 77 7.71 -23.15 7.89
CA GLY A 77 7.40 -24.43 7.29
C GLY A 77 8.51 -25.45 7.50
N LEU A 78 8.12 -26.70 7.71
CA LEU A 78 9.09 -27.78 7.93
C LEU A 78 9.26 -28.60 6.66
N GLU A 79 10.51 -28.83 6.28
CA GLU A 79 10.82 -29.61 5.09
C GLU A 79 11.49 -30.93 5.46
N MET A 1 -11.44 12.25 -8.51
CA MET A 1 -11.48 11.10 -7.59
C MET A 1 -10.61 11.34 -6.38
N ASP A 2 -10.96 10.71 -5.26
CA ASP A 2 -10.21 10.85 -4.02
C ASP A 2 -10.02 9.50 -3.34
N THR A 3 -10.55 8.44 -3.94
CA THR A 3 -10.45 7.10 -3.37
C THR A 3 -9.54 6.22 -4.21
N ILE A 4 -8.91 5.25 -3.55
CA ILE A 4 -8.01 4.32 -4.23
C ILE A 4 -8.36 2.88 -3.89
N ASN A 5 -7.94 1.96 -4.75
CA ASN A 5 -8.19 0.55 -4.55
C ASN A 5 -6.97 -0.17 -4.02
N ILE A 6 -7.20 -1.26 -3.31
CA ILE A 6 -6.14 -2.08 -2.74
C ILE A 6 -6.43 -3.55 -3.01
N THR A 7 -5.60 -4.17 -3.84
CA THR A 7 -5.77 -5.58 -4.20
C THR A 7 -4.93 -6.50 -3.32
N LEU A 8 -5.58 -7.41 -2.64
CA LEU A 8 -4.92 -8.35 -1.77
C LEU A 8 -4.70 -9.68 -2.50
N PRO A 9 -3.80 -10.55 -1.98
CA PRO A 9 -3.55 -11.86 -2.59
C PRO A 9 -4.70 -12.84 -2.35
N ASP A 10 -5.72 -12.39 -1.62
CA ASP A 10 -6.88 -13.22 -1.33
C ASP A 10 -7.95 -13.05 -2.40
N GLY A 11 -7.84 -11.97 -3.17
CA GLY A 11 -8.79 -11.72 -4.23
C GLY A 11 -9.84 -10.68 -3.85
N LYS A 12 -9.70 -10.07 -2.68
CA LYS A 12 -10.64 -9.05 -2.24
C LYS A 12 -10.04 -7.65 -2.38
N THR A 13 -10.90 -6.68 -2.69
CA THR A 13 -10.47 -5.31 -2.87
C THR A 13 -10.95 -4.41 -1.73
N LEU A 14 -10.25 -3.30 -1.52
CA LEU A 14 -10.58 -2.35 -0.47
C LEU A 14 -10.44 -0.93 -0.99
N THR A 15 -11.24 -0.01 -0.45
CA THR A 15 -11.17 1.38 -0.87
C THR A 15 -10.76 2.30 0.28
N LEU A 16 -9.71 3.08 0.06
CA LEU A 16 -9.19 3.99 1.08
C LEU A 16 -9.06 5.40 0.52
N THR A 17 -8.90 6.39 1.40
CA THR A 17 -8.76 7.77 0.97
C THR A 17 -7.28 8.18 0.96
N VAL A 18 -6.90 9.01 -0.01
CA VAL A 18 -5.52 9.45 -0.13
C VAL A 18 -5.42 10.97 -0.14
N THR A 19 -4.30 11.48 0.39
CA THR A 19 -4.06 12.92 0.43
C THR A 19 -2.59 13.20 0.11
N PRO A 20 -2.28 14.43 -0.35
CA PRO A 20 -0.90 14.82 -0.68
C PRO A 20 -0.03 15.04 0.56
N GLU A 21 -0.65 14.97 1.73
CA GLU A 21 0.08 15.17 2.98
C GLU A 21 0.41 13.83 3.65
N PHE A 22 -0.22 12.76 3.18
CA PHE A 22 0.03 11.43 3.72
C PHE A 22 1.28 10.83 3.09
N THR A 23 2.06 10.14 3.90
CA THR A 23 3.26 9.48 3.41
C THR A 23 2.95 8.03 3.07
N VAL A 24 3.90 7.34 2.44
CA VAL A 24 3.69 5.94 2.10
C VAL A 24 3.63 5.08 3.36
N LYS A 25 4.38 5.51 4.38
CA LYS A 25 4.42 4.81 5.66
C LYS A 25 3.12 5.00 6.43
N GLU A 26 2.58 6.22 6.37
CA GLU A 26 1.34 6.54 7.06
C GLU A 26 0.14 5.88 6.38
N LEU A 27 0.10 5.95 5.06
CA LEU A 27 -0.98 5.32 4.31
C LEU A 27 -0.96 3.80 4.51
N ALA A 28 0.24 3.26 4.70
CA ALA A 28 0.41 1.82 4.92
C ALA A 28 -0.10 1.38 6.29
N GLU A 29 0.11 2.23 7.32
CA GLU A 29 -0.34 1.91 8.67
C GLU A 29 -1.86 1.95 8.77
N GLU A 30 -2.49 2.74 7.91
CA GLU A 30 -3.95 2.86 7.91
C GLU A 30 -4.59 1.56 7.46
N ILE A 31 -4.15 1.05 6.31
CA ILE A 31 -4.68 -0.20 5.76
C ILE A 31 -4.25 -1.41 6.60
N ALA A 32 -3.05 -1.33 7.19
CA ALA A 32 -2.51 -2.41 8.00
C ALA A 32 -3.27 -2.58 9.31
N ARG A 33 -3.86 -1.49 9.80
CA ARG A 33 -4.60 -1.50 11.05
C ARG A 33 -5.90 -2.30 10.93
N ARG A 34 -6.52 -2.27 9.75
CA ARG A 34 -7.78 -2.97 9.51
C ARG A 34 -7.57 -4.47 9.32
N LEU A 35 -6.41 -4.85 8.82
CA LEU A 35 -6.11 -6.26 8.56
C LEU A 35 -5.29 -6.88 9.69
N GLY A 36 -4.66 -6.05 10.50
CA GLY A 36 -3.85 -6.53 11.61
C GLY A 36 -2.45 -6.93 11.19
N LEU A 37 -1.78 -6.07 10.45
CA LEU A 37 -0.42 -6.34 9.98
C LEU A 37 0.49 -5.15 10.22
N SER A 38 1.76 -5.32 9.86
CA SER A 38 2.76 -4.26 10.05
C SER A 38 3.14 -3.64 8.68
N PRO A 39 3.37 -2.31 8.64
CA PRO A 39 3.72 -1.60 7.40
C PRO A 39 5.08 -2.03 6.83
N GLU A 40 5.95 -2.56 7.67
CA GLU A 40 7.28 -3.00 7.26
C GLU A 40 7.22 -4.32 6.49
N ASP A 41 6.09 -5.01 6.59
CA ASP A 41 5.90 -6.30 5.91
C ASP A 41 5.16 -6.13 4.58
N ILE A 42 4.28 -5.14 4.53
CA ILE A 42 3.49 -4.89 3.31
C ILE A 42 4.19 -3.88 2.41
N LYS A 43 4.42 -4.27 1.16
CA LYS A 43 5.05 -3.40 0.19
C LYS A 43 4.07 -3.02 -0.90
N LEU A 44 4.00 -1.73 -1.20
CA LEU A 44 3.11 -1.24 -2.23
C LEU A 44 3.82 -1.21 -3.58
N THR A 45 3.23 -1.88 -4.56
CA THR A 45 3.81 -1.95 -5.89
C THR A 45 2.88 -1.35 -6.95
N HIS A 46 3.43 -0.41 -7.73
CA HIS A 46 2.66 0.24 -8.78
C HIS A 46 3.44 0.22 -10.10
N ASN A 47 2.88 -0.49 -11.10
CA ASN A 47 3.50 -0.62 -12.42
C ASN A 47 4.82 -1.38 -12.36
N GLY A 48 4.96 -2.23 -11.34
CA GLY A 48 6.18 -3.00 -11.18
C GLY A 48 7.21 -2.32 -10.31
N LYS A 49 6.94 -1.06 -9.95
CA LYS A 49 7.87 -0.30 -9.11
C LYS A 49 7.38 -0.24 -7.67
N THR A 50 8.30 -0.40 -6.73
CA THR A 50 7.96 -0.37 -5.32
C THR A 50 8.07 1.04 -4.75
N LEU A 51 7.27 1.31 -3.72
CA LEU A 51 7.25 2.62 -3.08
C LEU A 51 8.02 2.60 -1.76
N ASP A 52 8.82 3.63 -1.53
CA ASP A 52 9.61 3.73 -0.31
C ASP A 52 8.82 4.40 0.81
N PRO A 53 8.82 3.81 2.03
CA PRO A 53 8.10 4.34 3.19
C PRO A 53 8.64 5.68 3.69
N SER A 54 9.90 5.97 3.36
CA SER A 54 10.54 7.21 3.79
C SER A 54 10.12 8.40 2.93
N LEU A 55 9.73 8.15 1.69
CA LEU A 55 9.34 9.20 0.79
C LEU A 55 7.84 9.50 0.89
N THR A 56 7.38 10.37 0.01
CA THR A 56 5.99 10.78 -0.01
C THR A 56 5.27 10.21 -1.23
N LEU A 57 3.94 10.17 -1.16
CA LEU A 57 3.12 9.64 -2.25
C LEU A 57 3.08 10.61 -3.44
N ALA A 58 3.15 11.90 -3.15
CA ALA A 58 3.10 12.93 -4.19
C ALA A 58 4.45 13.11 -4.90
N GLU A 59 5.49 12.47 -4.37
CA GLU A 59 6.83 12.57 -4.97
C GLU A 59 6.98 11.58 -6.12
N TYR A 60 6.18 10.53 -6.08
CA TYR A 60 6.22 9.50 -7.09
C TYR A 60 5.25 9.79 -8.24
N GLY A 61 4.27 10.66 -7.98
CA GLY A 61 3.31 11.01 -9.02
C GLY A 61 2.14 10.05 -9.08
N ILE A 62 1.58 9.70 -7.92
CA ILE A 62 0.44 8.79 -7.88
C ILE A 62 -0.88 9.55 -7.77
N THR A 63 -1.87 9.11 -8.53
CA THR A 63 -3.18 9.74 -8.54
C THR A 63 -4.29 8.73 -8.20
N PRO A 64 -5.43 9.20 -7.66
CA PRO A 64 -6.56 8.35 -7.29
C PRO A 64 -7.28 7.77 -8.51
N GLY A 65 -7.95 6.64 -8.32
CA GLY A 65 -8.66 5.99 -9.40
C GLY A 65 -7.87 4.86 -10.03
N SER A 66 -6.70 4.57 -9.47
CA SER A 66 -5.86 3.50 -9.97
C SER A 66 -5.86 2.31 -9.02
N THR A 67 -5.62 1.12 -9.58
CA THR A 67 -5.59 -0.09 -8.78
C THR A 67 -4.19 -0.35 -8.23
N ILE A 68 -4.10 -0.53 -6.92
CA ILE A 68 -2.80 -0.77 -6.28
C ILE A 68 -2.69 -2.20 -5.78
N THR A 69 -1.60 -2.86 -6.14
CA THR A 69 -1.35 -4.23 -5.74
C THR A 69 -0.28 -4.28 -4.66
N LEU A 70 -0.52 -5.08 -3.62
CA LEU A 70 0.43 -5.20 -2.53
C LEU A 70 1.14 -6.55 -2.56
N GLU A 71 2.28 -6.62 -1.87
CA GLU A 71 3.07 -7.84 -1.80
C GLU A 71 3.63 -8.03 -0.39
N ILE A 72 3.53 -9.26 0.11
CA ILE A 72 4.01 -9.58 1.45
C ILE A 72 5.23 -10.50 1.38
N LYS A 73 6.16 -10.31 2.31
CA LYS A 73 7.37 -11.11 2.35
C LYS A 73 7.25 -12.24 3.37
N LYS A 74 7.92 -13.35 3.09
CA LYS A 74 7.89 -14.50 3.98
C LYS A 74 9.30 -14.99 4.29
N LYS A 75 10.13 -15.06 3.25
CA LYS A 75 11.51 -15.52 3.39
C LYS A 75 12.48 -14.38 3.10
N GLY A 76 13.63 -14.40 3.78
CA GLY A 76 14.63 -13.38 3.58
C GLY A 76 16.04 -13.90 3.77
N GLY A 77 16.51 -13.87 5.02
CA GLY A 77 17.85 -14.35 5.32
C GLY A 77 18.21 -14.16 6.77
N LEU A 78 18.96 -13.10 7.05
CA LEU A 78 19.38 -12.81 8.43
C LEU A 78 18.95 -11.41 8.82
N GLU A 79 19.13 -10.45 7.92
CA GLU A 79 18.76 -9.06 8.16
C GLU A 79 17.39 -8.74 7.56
N MET A 1 -10.53 9.76 -7.97
CA MET A 1 -10.55 11.22 -7.69
C MET A 1 -10.22 11.51 -6.23
N ASP A 2 -10.71 10.65 -5.34
CA ASP A 2 -10.46 10.81 -3.91
C ASP A 2 -10.23 9.46 -3.25
N THR A 3 -10.79 8.41 -3.85
CA THR A 3 -10.66 7.05 -3.31
C THR A 3 -9.77 6.19 -4.20
N ILE A 4 -9.16 5.19 -3.60
CA ILE A 4 -8.29 4.26 -4.33
C ILE A 4 -8.66 2.82 -4.03
N ASN A 5 -8.22 1.91 -4.89
CA ASN A 5 -8.50 0.49 -4.71
C ASN A 5 -7.20 -0.27 -4.49
N ILE A 6 -7.17 -1.09 -3.44
CA ILE A 6 -6.00 -1.88 -3.12
C ILE A 6 -6.36 -3.36 -3.16
N THR A 7 -5.78 -4.07 -4.12
CA THR A 7 -6.06 -5.49 -4.30
C THR A 7 -5.17 -6.35 -3.41
N LEU A 8 -5.79 -7.32 -2.74
CA LEU A 8 -5.09 -8.22 -1.85
C LEU A 8 -4.85 -9.55 -2.57
N PRO A 9 -3.90 -10.37 -2.08
CA PRO A 9 -3.63 -11.69 -2.68
C PRO A 9 -4.74 -12.69 -2.35
N ASP A 10 -5.74 -12.24 -1.60
CA ASP A 10 -6.87 -13.09 -1.21
C ASP A 10 -8.00 -12.96 -2.23
N GLY A 11 -7.92 -11.93 -3.07
CA GLY A 11 -8.94 -11.72 -4.08
C GLY A 11 -9.94 -10.65 -3.72
N LYS A 12 -9.72 -9.96 -2.60
CA LYS A 12 -10.62 -8.90 -2.16
C LYS A 12 -9.98 -7.53 -2.32
N THR A 13 -10.81 -6.52 -2.53
CA THR A 13 -10.32 -5.16 -2.71
C THR A 13 -10.73 -4.25 -1.55
N LEU A 14 -9.85 -3.30 -1.23
CA LEU A 14 -10.09 -2.37 -0.14
C LEU A 14 -10.21 -0.94 -0.67
N THR A 15 -10.98 -0.12 0.02
CA THR A 15 -11.17 1.28 -0.39
C THR A 15 -10.70 2.23 0.71
N LEU A 16 -9.77 3.11 0.35
CA LEU A 16 -9.23 4.09 1.28
C LEU A 16 -9.11 5.45 0.63
N THR A 17 -9.01 6.49 1.45
CA THR A 17 -8.87 7.85 0.96
C THR A 17 -7.41 8.28 0.94
N VAL A 18 -6.98 8.90 -0.16
CA VAL A 18 -5.59 9.35 -0.28
C VAL A 18 -5.49 10.87 -0.35
N THR A 19 -4.39 11.39 0.18
CA THR A 19 -4.14 12.83 0.16
C THR A 19 -2.69 13.12 -0.16
N PRO A 20 -2.38 14.33 -0.67
CA PRO A 20 -1.01 14.72 -1.01
C PRO A 20 -0.15 14.99 0.23
N GLU A 21 -0.77 14.97 1.40
CA GLU A 21 -0.07 15.22 2.65
C GLU A 21 0.26 13.92 3.38
N PHE A 22 -0.31 12.81 2.89
CA PHE A 22 -0.06 11.52 3.50
C PHE A 22 1.22 10.91 2.95
N THR A 23 1.96 10.24 3.81
CA THR A 23 3.20 9.59 3.39
C THR A 23 2.92 8.14 3.08
N VAL A 24 3.89 7.44 2.51
CA VAL A 24 3.72 6.03 2.19
C VAL A 24 3.63 5.21 3.47
N LYS A 25 4.35 5.65 4.50
CA LYS A 25 4.35 4.98 5.79
C LYS A 25 3.03 5.19 6.52
N GLU A 26 2.46 6.39 6.37
CA GLU A 26 1.20 6.74 7.01
C GLU A 26 0.05 5.99 6.35
N LEU A 27 0.00 6.03 5.02
CA LEU A 27 -1.05 5.34 4.27
C LEU A 27 -0.99 3.83 4.52
N ALA A 28 0.22 3.30 4.69
CA ALA A 28 0.42 1.88 4.93
C ALA A 28 -0.05 1.47 6.33
N GLU A 29 0.16 2.33 7.32
CA GLU A 29 -0.24 2.02 8.70
C GLU A 29 -1.76 2.02 8.85
N GLU A 30 -2.45 2.76 7.99
CA GLU A 30 -3.91 2.83 8.03
C GLU A 30 -4.53 1.51 7.55
N ILE A 31 -4.06 1.04 6.39
CA ILE A 31 -4.56 -0.20 5.81
C ILE A 31 -4.10 -1.43 6.61
N ALA A 32 -2.91 -1.35 7.19
CA ALA A 32 -2.35 -2.45 7.98
C ALA A 32 -3.13 -2.69 9.26
N ARG A 33 -3.66 -1.62 9.83
CA ARG A 33 -4.42 -1.69 11.08
C ARG A 33 -5.69 -2.54 10.90
N ARG A 34 -6.28 -2.50 9.71
CA ARG A 34 -7.50 -3.24 9.44
C ARG A 34 -7.20 -4.66 8.96
N LEU A 35 -5.93 -4.94 8.65
CA LEU A 35 -5.53 -6.26 8.18
C LEU A 35 -5.02 -7.13 9.32
N GLY A 36 -4.63 -6.49 10.42
CA GLY A 36 -4.13 -7.22 11.58
C GLY A 36 -2.62 -7.41 11.60
N LEU A 37 -1.94 -7.02 10.53
CA LEU A 37 -0.48 -7.16 10.47
C LEU A 37 0.19 -5.81 10.31
N SER A 38 1.50 -5.77 10.57
CA SER A 38 2.27 -4.52 10.48
C SER A 38 2.72 -4.23 9.05
N PRO A 39 2.95 -2.94 8.73
CA PRO A 39 3.40 -2.49 7.40
C PRO A 39 4.80 -2.98 7.03
N GLU A 40 5.56 -3.44 8.03
CA GLU A 40 6.92 -3.94 7.82
C GLU A 40 6.95 -5.14 6.89
N ASP A 41 5.83 -5.86 6.80
CA ASP A 41 5.74 -7.04 5.94
C ASP A 41 5.02 -6.72 4.64
N ILE A 42 4.18 -5.69 4.67
CA ILE A 42 3.40 -5.28 3.49
C ILE A 42 4.13 -4.23 2.68
N LYS A 43 4.28 -4.49 1.39
CA LYS A 43 4.95 -3.54 0.50
C LYS A 43 4.04 -3.17 -0.66
N LEU A 44 4.06 -1.90 -1.03
CA LEU A 44 3.23 -1.41 -2.12
C LEU A 44 4.02 -1.40 -3.42
N THR A 45 3.40 -1.87 -4.49
CA THR A 45 4.05 -1.91 -5.79
C THR A 45 3.14 -1.30 -6.86
N HIS A 46 3.67 -0.34 -7.59
CA HIS A 46 2.92 0.34 -8.65
C HIS A 46 3.77 0.54 -9.89
N ASN A 47 3.25 0.09 -11.04
CA ASN A 47 3.94 0.21 -12.32
C ASN A 47 5.25 -0.59 -12.35
N GLY A 48 5.31 -1.63 -11.50
CA GLY A 48 6.50 -2.46 -11.44
C GLY A 48 7.52 -1.95 -10.44
N LYS A 49 7.41 -0.68 -10.06
CA LYS A 49 8.33 -0.08 -9.10
C LYS A 49 7.76 -0.13 -7.69
N THR A 50 8.64 -0.21 -6.70
CA THR A 50 8.22 -0.26 -5.31
C THR A 50 8.26 1.12 -4.67
N LEU A 51 7.48 1.29 -3.61
CA LEU A 51 7.41 2.57 -2.91
C LEU A 51 8.15 2.51 -1.58
N ASP A 52 8.94 3.54 -1.30
CA ASP A 52 9.71 3.61 -0.06
C ASP A 52 8.91 4.35 1.02
N PRO A 53 8.94 3.84 2.28
CA PRO A 53 8.22 4.46 3.41
C PRO A 53 8.74 5.86 3.76
N SER A 54 9.97 6.15 3.38
CA SER A 54 10.59 7.44 3.68
C SER A 54 10.12 8.54 2.73
N LEU A 55 9.75 8.16 1.51
CA LEU A 55 9.31 9.11 0.52
C LEU A 55 7.83 9.45 0.68
N THR A 56 7.33 10.23 -0.26
CA THR A 56 5.94 10.66 -0.24
C THR A 56 5.17 10.11 -1.44
N LEU A 57 3.84 10.15 -1.35
CA LEU A 57 2.99 9.65 -2.42
C LEU A 57 2.97 10.60 -3.62
N ALA A 58 3.14 11.88 -3.35
CA ALA A 58 3.14 12.89 -4.41
C ALA A 58 4.48 12.98 -5.13
N GLU A 59 5.50 12.33 -4.58
CA GLU A 59 6.84 12.35 -5.17
C GLU A 59 6.94 11.30 -6.28
N TYR A 60 6.10 10.27 -6.19
CA TYR A 60 6.09 9.20 -7.17
C TYR A 60 5.18 9.52 -8.35
N GLY A 61 4.25 10.46 -8.16
CA GLY A 61 3.33 10.83 -9.21
C GLY A 61 2.12 9.93 -9.27
N ILE A 62 1.52 9.66 -8.12
CA ILE A 62 0.34 8.80 -8.06
C ILE A 62 -0.95 9.62 -7.98
N THR A 63 -1.99 9.14 -8.66
CA THR A 63 -3.28 9.81 -8.68
C THR A 63 -4.38 8.87 -8.18
N PRO A 64 -5.39 9.40 -7.46
CA PRO A 64 -6.50 8.58 -6.93
C PRO A 64 -7.39 8.04 -8.05
N GLY A 65 -7.77 6.77 -7.94
CA GLY A 65 -8.61 6.16 -8.96
C GLY A 65 -7.88 5.09 -9.75
N SER A 66 -6.64 4.81 -9.35
CA SER A 66 -5.84 3.82 -10.04
C SER A 66 -5.86 2.49 -9.28
N THR A 67 -5.36 1.43 -9.92
CA THR A 67 -5.31 0.11 -9.32
C THR A 67 -3.97 -0.13 -8.63
N ILE A 68 -4.02 -0.43 -7.34
CA ILE A 68 -2.79 -0.69 -6.57
C ILE A 68 -2.76 -2.13 -6.07
N THR A 69 -1.61 -2.78 -6.22
CA THR A 69 -1.44 -4.16 -5.79
C THR A 69 -0.41 -4.25 -4.68
N LEU A 70 -0.77 -4.90 -3.59
CA LEU A 70 0.13 -5.06 -2.45
C LEU A 70 0.76 -6.45 -2.44
N GLU A 71 1.88 -6.58 -1.74
CA GLU A 71 2.59 -7.85 -1.63
C GLU A 71 3.12 -8.07 -0.22
N ILE A 72 3.19 -9.33 0.20
CA ILE A 72 3.69 -9.68 1.53
C ILE A 72 4.74 -10.78 1.42
N LYS A 73 5.76 -10.71 2.25
CA LYS A 73 6.82 -11.72 2.23
C LYS A 73 6.67 -12.68 3.41
N LYS A 74 7.07 -13.92 3.19
CA LYS A 74 6.97 -14.95 4.22
C LYS A 74 8.33 -15.59 4.48
N LYS A 75 9.02 -15.95 3.39
CA LYS A 75 10.33 -16.58 3.48
C LYS A 75 11.44 -15.56 3.26
N GLY A 76 12.45 -15.59 4.13
CA GLY A 76 13.57 -14.67 4.02
C GLY A 76 14.02 -14.14 5.37
N GLY A 77 13.07 -13.62 6.15
CA GLY A 77 13.40 -13.09 7.46
C GLY A 77 13.09 -14.06 8.58
N LEU A 78 11.90 -14.65 8.53
CA LEU A 78 11.48 -15.60 9.55
C LEU A 78 11.69 -17.03 9.07
N GLU A 79 12.42 -17.82 9.85
CA GLU A 79 12.68 -19.21 9.51
C GLU A 79 12.14 -20.15 10.58
N MET A 1 -11.13 12.84 -7.62
CA MET A 1 -11.30 11.58 -6.87
C MET A 1 -10.62 11.67 -5.50
N ASP A 2 -11.10 10.87 -4.57
CA ASP A 2 -10.56 10.84 -3.22
C ASP A 2 -10.44 9.41 -2.71
N THR A 3 -11.04 8.47 -3.44
CA THR A 3 -11.01 7.06 -3.05
C THR A 3 -10.09 6.26 -3.96
N ILE A 4 -9.50 5.21 -3.40
CA ILE A 4 -8.61 4.34 -4.15
C ILE A 4 -8.96 2.88 -3.94
N ASN A 5 -8.57 2.04 -4.90
CA ASN A 5 -8.83 0.62 -4.82
C ASN A 5 -7.52 -0.12 -4.53
N ILE A 6 -7.54 -0.96 -3.50
CA ILE A 6 -6.35 -1.71 -3.13
C ILE A 6 -6.59 -3.20 -3.29
N THR A 7 -5.91 -3.80 -4.27
CA THR A 7 -6.04 -5.22 -4.54
C THR A 7 -5.02 -6.03 -3.75
N LEU A 8 -5.51 -6.99 -2.97
CA LEU A 8 -4.65 -7.84 -2.17
C LEU A 8 -4.41 -9.16 -2.88
N PRO A 9 -3.36 -9.91 -2.49
CA PRO A 9 -3.07 -11.22 -3.08
C PRO A 9 -4.11 -12.28 -2.69
N ASP A 10 -5.09 -11.86 -1.89
CA ASP A 10 -6.14 -12.77 -1.44
C ASP A 10 -7.33 -12.72 -2.39
N GLY A 11 -7.40 -11.67 -3.20
CA GLY A 11 -8.49 -11.54 -4.15
C GLY A 11 -9.57 -10.57 -3.70
N LYS A 12 -9.36 -9.90 -2.57
CA LYS A 12 -10.33 -8.95 -2.06
C LYS A 12 -9.83 -7.52 -2.20
N THR A 13 -10.73 -6.62 -2.56
CA THR A 13 -10.39 -5.21 -2.75
C THR A 13 -10.97 -4.36 -1.62
N LEU A 14 -10.30 -3.25 -1.32
CA LEU A 14 -10.74 -2.35 -0.27
C LEU A 14 -10.76 -0.91 -0.76
N THR A 15 -11.67 -0.12 -0.20
CA THR A 15 -11.79 1.29 -0.57
C THR A 15 -11.31 2.18 0.58
N LEU A 16 -10.34 3.03 0.30
CA LEU A 16 -9.81 3.93 1.32
C LEU A 16 -9.70 5.36 0.79
N THR A 17 -9.81 6.32 1.70
CA THR A 17 -9.72 7.74 1.33
C THR A 17 -8.36 8.31 1.72
N VAL A 18 -7.61 8.81 0.74
CA VAL A 18 -6.29 9.37 1.00
C VAL A 18 -6.13 10.73 0.35
N THR A 19 -5.03 11.41 0.69
CA THR A 19 -4.74 12.73 0.12
C THR A 19 -3.27 12.82 -0.28
N PRO A 20 -2.92 13.84 -1.09
CA PRO A 20 -1.54 14.05 -1.53
C PRO A 20 -0.59 14.41 -0.38
N GLU A 21 -1.16 14.74 0.78
CA GLU A 21 -0.37 15.10 1.95
C GLU A 21 -0.02 13.86 2.77
N PHE A 22 -0.59 12.73 2.38
CA PHE A 22 -0.34 11.47 3.06
C PHE A 22 0.99 10.88 2.60
N THR A 23 1.74 10.33 3.54
CA THR A 23 3.02 9.71 3.21
C THR A 23 2.82 8.23 2.90
N VAL A 24 3.86 7.59 2.37
CA VAL A 24 3.77 6.17 2.06
C VAL A 24 3.65 5.35 3.34
N LYS A 25 4.30 5.84 4.40
CA LYS A 25 4.26 5.18 5.69
C LYS A 25 2.89 5.33 6.35
N GLU A 26 2.24 6.46 6.08
CA GLU A 26 0.91 6.73 6.63
C GLU A 26 -0.14 5.87 5.95
N LEU A 27 -0.15 5.88 4.62
CA LEU A 27 -1.09 5.09 3.85
C LEU A 27 -0.95 3.60 4.19
N ALA A 28 0.28 3.17 4.44
CA ALA A 28 0.57 1.78 4.76
C ALA A 28 0.09 1.40 6.17
N GLU A 29 0.22 2.33 7.12
CA GLU A 29 -0.20 2.06 8.49
C GLU A 29 -1.73 2.00 8.63
N GLU A 30 -2.43 2.67 7.71
CA GLU A 30 -3.89 2.68 7.73
C GLU A 30 -4.45 1.35 7.24
N ILE A 31 -3.94 0.87 6.11
CA ILE A 31 -4.39 -0.39 5.54
C ILE A 31 -3.96 -1.59 6.39
N ALA A 32 -2.78 -1.47 7.02
CA ALA A 32 -2.25 -2.55 7.85
C ALA A 32 -3.05 -2.72 9.14
N ARG A 33 -3.67 -1.64 9.60
CA ARG A 33 -4.47 -1.66 10.83
C ARG A 33 -5.72 -2.53 10.69
N ARG A 34 -6.28 -2.55 9.48
CA ARG A 34 -7.51 -3.33 9.23
C ARG A 34 -7.20 -4.80 8.96
N LEU A 35 -5.95 -5.09 8.55
CA LEU A 35 -5.56 -6.47 8.26
C LEU A 35 -4.84 -7.11 9.44
N GLY A 36 -4.36 -6.28 10.36
CA GLY A 36 -3.67 -6.78 11.53
C GLY A 36 -2.24 -7.21 11.24
N LEU A 37 -1.49 -6.38 10.52
CA LEU A 37 -0.11 -6.70 10.18
C LEU A 37 0.82 -5.54 10.52
N SER A 38 2.12 -5.75 10.29
CA SER A 38 3.12 -4.72 10.56
C SER A 38 3.63 -4.10 9.26
N PRO A 39 3.58 -2.77 9.15
CA PRO A 39 4.01 -2.03 7.95
C PRO A 39 5.48 -2.26 7.58
N GLU A 40 6.27 -2.75 8.53
CA GLU A 40 7.69 -3.00 8.30
C GLU A 40 7.92 -4.26 7.45
N ASP A 41 6.87 -5.07 7.32
CA ASP A 41 6.97 -6.32 6.54
C ASP A 41 6.18 -6.22 5.24
N ILE A 42 5.24 -5.29 5.18
CA ILE A 42 4.41 -5.10 3.99
C ILE A 42 5.05 -4.10 3.03
N LYS A 43 4.94 -4.38 1.73
CA LYS A 43 5.49 -3.50 0.72
C LYS A 43 4.49 -3.24 -0.40
N LEU A 44 4.59 -2.05 -0.99
CA LEU A 44 3.69 -1.67 -2.08
C LEU A 44 4.41 -1.77 -3.41
N THR A 45 3.74 -2.34 -4.41
CA THR A 45 4.33 -2.49 -5.72
C THR A 45 3.49 -1.81 -6.81
N HIS A 46 4.12 -0.92 -7.55
CA HIS A 46 3.44 -0.18 -8.61
C HIS A 46 4.28 -0.16 -9.88
N ASN A 47 3.75 -0.76 -10.95
CA ASN A 47 4.44 -0.82 -12.25
C ASN A 47 5.71 -1.66 -12.17
N GLY A 48 5.75 -2.58 -11.21
CA GLY A 48 6.91 -3.43 -11.05
C GLY A 48 7.92 -2.87 -10.06
N LYS A 49 7.80 -1.59 -9.75
CA LYS A 49 8.70 -0.94 -8.81
C LYS A 49 8.09 -0.87 -7.42
N THR A 50 8.93 -0.97 -6.40
CA THR A 50 8.46 -0.92 -5.02
C THR A 50 8.57 0.49 -4.45
N LEU A 51 7.66 0.82 -3.54
CA LEU A 51 7.64 2.13 -2.91
C LEU A 51 8.23 2.08 -1.50
N ASP A 52 9.06 3.06 -1.17
CA ASP A 52 9.69 3.11 0.14
C ASP A 52 8.86 3.97 1.11
N PRO A 53 8.77 3.56 2.38
CA PRO A 53 8.00 4.28 3.42
C PRO A 53 8.58 5.65 3.75
N SER A 54 9.85 5.86 3.46
CA SER A 54 10.52 7.12 3.77
C SER A 54 10.16 8.23 2.78
N LEU A 55 9.74 7.85 1.57
CA LEU A 55 9.39 8.81 0.56
C LEU A 55 7.93 9.23 0.65
N THR A 56 7.51 10.02 -0.32
CA THR A 56 6.14 10.51 -0.37
C THR A 56 5.39 9.99 -1.60
N LEU A 57 4.07 9.97 -1.52
CA LEU A 57 3.23 9.48 -2.60
C LEU A 57 3.19 10.46 -3.78
N ALA A 58 3.29 11.75 -3.46
CA ALA A 58 3.25 12.80 -4.48
C ALA A 58 4.55 12.89 -5.28
N GLU A 59 5.62 12.30 -4.75
CA GLU A 59 6.91 12.31 -5.44
C GLU A 59 6.99 11.21 -6.48
N TYR A 60 6.12 10.21 -6.34
CA TYR A 60 6.08 9.10 -7.26
C TYR A 60 5.11 9.37 -8.42
N GLY A 61 4.20 10.31 -8.21
CA GLY A 61 3.23 10.64 -9.24
C GLY A 61 1.99 9.77 -9.18
N ILE A 62 1.46 9.58 -7.98
CA ILE A 62 0.26 8.75 -7.80
C ILE A 62 -0.97 9.62 -7.50
N THR A 63 -2.09 9.30 -8.16
CA THR A 63 -3.33 10.04 -7.98
C THR A 63 -4.47 9.08 -7.60
N PRO A 64 -5.51 9.58 -6.93
CA PRO A 64 -6.66 8.76 -6.52
C PRO A 64 -7.51 8.33 -7.72
N GLY A 65 -7.96 7.08 -7.70
CA GLY A 65 -8.77 6.59 -8.79
C GLY A 65 -8.04 5.56 -9.64
N SER A 66 -6.77 5.36 -9.34
CA SER A 66 -5.95 4.39 -10.07
C SER A 66 -5.93 3.06 -9.35
N THR A 67 -5.49 2.02 -10.05
CA THR A 67 -5.41 0.68 -9.48
C THR A 67 -4.04 0.45 -8.85
N ILE A 68 -4.04 0.05 -7.57
CA ILE A 68 -2.80 -0.21 -6.85
C ILE A 68 -2.66 -1.68 -6.48
N THR A 69 -1.43 -2.18 -6.50
CA THR A 69 -1.16 -3.58 -6.19
C THR A 69 -0.38 -3.68 -4.88
N LEU A 70 -0.98 -4.32 -3.89
CA LEU A 70 -0.34 -4.48 -2.59
C LEU A 70 0.10 -5.92 -2.38
N GLU A 71 1.27 -6.11 -1.78
CA GLU A 71 1.82 -7.44 -1.52
C GLU A 71 2.31 -7.56 -0.09
N ILE A 72 2.13 -8.74 0.50
CA ILE A 72 2.58 -8.99 1.87
C ILE A 72 3.60 -10.13 1.91
N LYS A 73 4.67 -9.95 2.67
CA LYS A 73 5.71 -10.96 2.78
C LYS A 73 5.53 -11.79 4.05
N LYS A 74 5.61 -13.10 3.90
CA LYS A 74 5.47 -14.01 5.03
C LYS A 74 6.82 -14.62 5.39
N LYS A 75 7.47 -15.22 4.37
CA LYS A 75 8.79 -15.85 4.51
C LYS A 75 8.70 -17.17 5.30
N GLY A 76 9.18 -18.24 4.68
CA GLY A 76 9.15 -19.54 5.32
C GLY A 76 9.88 -20.60 4.53
N GLY A 77 9.33 -21.81 4.52
CA GLY A 77 9.94 -22.90 3.79
C GLY A 77 9.58 -24.26 4.37
N LEU A 78 9.52 -25.27 3.52
CA LEU A 78 9.19 -26.62 3.95
C LEU A 78 10.43 -27.50 3.99
N GLU A 79 10.64 -28.17 5.12
CA GLU A 79 11.80 -29.04 5.29
C GLU A 79 11.36 -30.44 5.73
N MET A 1 -10.85 9.80 -8.00
CA MET A 1 -10.54 11.25 -7.79
C MET A 1 -10.04 11.50 -6.37
N ASP A 2 -10.59 10.76 -5.41
CA ASP A 2 -10.20 10.91 -4.01
C ASP A 2 -10.04 9.54 -3.34
N THR A 3 -10.61 8.52 -3.95
CA THR A 3 -10.55 7.17 -3.41
C THR A 3 -9.64 6.26 -4.24
N ILE A 4 -9.06 5.26 -3.58
CA ILE A 4 -8.17 4.31 -4.25
C ILE A 4 -8.54 2.87 -3.89
N ASN A 5 -8.11 1.93 -4.72
CA ASN A 5 -8.38 0.52 -4.50
C ASN A 5 -7.16 -0.20 -3.96
N ILE A 6 -7.39 -1.28 -3.24
CA ILE A 6 -6.31 -2.07 -2.65
C ILE A 6 -6.60 -3.56 -2.83
N THR A 7 -5.68 -4.27 -3.48
CA THR A 7 -5.85 -5.69 -3.71
C THR A 7 -4.96 -6.52 -2.79
N LEU A 8 -5.59 -7.24 -1.87
CA LEU A 8 -4.89 -8.09 -0.93
C LEU A 8 -4.82 -9.53 -1.40
N PRO A 9 -3.92 -10.36 -0.82
CA PRO A 9 -3.78 -11.79 -1.18
C PRO A 9 -5.09 -12.57 -1.11
N ASP A 10 -6.05 -12.09 -0.31
CA ASP A 10 -7.34 -12.76 -0.20
C ASP A 10 -8.12 -12.67 -1.51
N GLY A 11 -7.81 -11.66 -2.31
CA GLY A 11 -8.47 -11.51 -3.60
C GLY A 11 -9.55 -10.45 -3.63
N LYS A 12 -9.87 -9.87 -2.48
CA LYS A 12 -10.90 -8.83 -2.43
C LYS A 12 -10.25 -7.45 -2.52
N THR A 13 -11.08 -6.43 -2.74
CA THR A 13 -10.57 -5.07 -2.87
C THR A 13 -11.12 -4.16 -1.78
N LEU A 14 -10.34 -3.15 -1.42
CA LEU A 14 -10.72 -2.19 -0.39
C LEU A 14 -10.59 -0.76 -0.92
N THR A 15 -11.43 0.15 -0.41
CA THR A 15 -11.39 1.53 -0.84
C THR A 15 -10.95 2.46 0.29
N LEU A 16 -9.88 3.20 0.05
CA LEU A 16 -9.35 4.13 1.06
C LEU A 16 -9.18 5.53 0.46
N THR A 17 -9.02 6.52 1.33
CA THR A 17 -8.84 7.90 0.89
C THR A 17 -7.36 8.29 0.93
N VAL A 18 -6.90 9.00 -0.10
CA VAL A 18 -5.50 9.41 -0.18
C VAL A 18 -5.37 10.93 -0.28
N THR A 19 -4.27 11.45 0.26
CA THR A 19 -3.99 12.88 0.23
C THR A 19 -2.53 13.13 -0.09
N PRO A 20 -2.19 14.33 -0.63
CA PRO A 20 -0.81 14.68 -0.97
C PRO A 20 0.05 14.95 0.26
N GLU A 21 -0.58 14.97 1.43
CA GLU A 21 0.13 15.21 2.69
C GLU A 21 0.45 13.91 3.41
N PHE A 22 -0.13 12.81 2.95
CA PHE A 22 0.11 11.52 3.57
C PHE A 22 1.35 10.87 2.97
N THR A 23 2.13 10.23 3.83
CA THR A 23 3.33 9.55 3.39
C THR A 23 3.01 8.09 3.11
N VAL A 24 3.95 7.37 2.50
CA VAL A 24 3.75 5.97 2.20
C VAL A 24 3.72 5.15 3.49
N LYS A 25 4.45 5.63 4.50
CA LYS A 25 4.51 4.96 5.80
C LYS A 25 3.20 5.12 6.56
N GLU A 26 2.61 6.32 6.47
CA GLU A 26 1.35 6.61 7.15
C GLU A 26 0.18 5.87 6.48
N LEU A 27 0.09 5.96 5.16
CA LEU A 27 -0.96 5.28 4.42
C LEU A 27 -0.89 3.76 4.62
N ALA A 28 0.33 3.25 4.80
CA ALA A 28 0.55 1.82 5.01
C ALA A 28 0.07 1.36 6.39
N GLU A 29 0.29 2.20 7.41
CA GLU A 29 -0.12 1.86 8.77
C GLU A 29 -1.65 1.88 8.94
N GLU A 30 -2.33 2.64 8.09
CA GLU A 30 -3.80 2.73 8.14
C GLU A 30 -4.43 1.43 7.65
N ILE A 31 -3.99 1.00 6.46
CA ILE A 31 -4.51 -0.23 5.84
C ILE A 31 -4.07 -1.49 6.61
N ALA A 32 -2.88 -1.43 7.21
CA ALA A 32 -2.34 -2.57 7.95
C ALA A 32 -3.11 -2.81 9.24
N ARG A 33 -3.69 -1.75 9.80
CA ARG A 33 -4.45 -1.83 11.04
C ARG A 33 -5.76 -2.60 10.86
N ARG A 34 -6.35 -2.48 9.68
CA ARG A 34 -7.63 -3.15 9.38
C ARG A 34 -7.44 -4.63 9.06
N LEU A 35 -6.25 -4.98 8.57
CA LEU A 35 -5.96 -6.37 8.22
C LEU A 35 -5.26 -7.11 9.37
N GLY A 36 -4.70 -6.36 10.30
CA GLY A 36 -4.03 -6.95 11.44
C GLY A 36 -2.61 -7.39 11.14
N LEU A 37 -1.88 -6.57 10.39
CA LEU A 37 -0.49 -6.89 10.04
C LEU A 37 0.43 -5.71 10.30
N SER A 38 1.72 -5.91 10.04
CA SER A 38 2.72 -4.88 10.24
C SER A 38 3.04 -4.16 8.93
N PRO A 39 3.09 -2.82 8.94
CA PRO A 39 3.35 -2.01 7.74
C PRO A 39 4.78 -2.15 7.21
N GLU A 40 5.70 -2.59 8.06
CA GLU A 40 7.10 -2.77 7.67
C GLU A 40 7.31 -4.01 6.81
N ASP A 41 6.31 -4.89 6.80
CA ASP A 41 6.38 -6.13 6.02
C ASP A 41 5.64 -5.98 4.69
N ILE A 42 4.62 -5.14 4.68
CA ILE A 42 3.82 -4.92 3.48
C ILE A 42 4.44 -3.86 2.58
N LYS A 43 4.70 -4.23 1.33
CA LYS A 43 5.28 -3.32 0.36
C LYS A 43 4.29 -3.01 -0.74
N LEU A 44 4.17 -1.73 -1.08
CA LEU A 44 3.25 -1.32 -2.13
C LEU A 44 3.98 -1.29 -3.47
N THR A 45 3.34 -1.83 -4.49
CA THR A 45 3.92 -1.87 -5.82
C THR A 45 3.00 -1.21 -6.85
N HIS A 46 3.53 -0.24 -7.57
CA HIS A 46 2.77 0.48 -8.58
C HIS A 46 3.59 0.64 -9.85
N ASN A 47 3.04 0.14 -10.97
CA ASN A 47 3.69 0.21 -12.29
C ASN A 47 5.01 -0.57 -12.31
N GLY A 48 5.11 -1.59 -11.45
CA GLY A 48 6.31 -2.41 -11.40
C GLY A 48 7.33 -1.92 -10.39
N LYS A 49 7.23 -0.64 -10.00
CA LYS A 49 8.15 -0.06 -9.04
C LYS A 49 7.55 -0.06 -7.64
N THR A 50 8.42 -0.13 -6.64
CA THR A 50 7.97 -0.14 -5.25
C THR A 50 8.03 1.25 -4.65
N LEU A 51 7.21 1.46 -3.62
CA LEU A 51 7.15 2.76 -2.95
C LEU A 51 7.96 2.74 -1.65
N ASP A 52 8.73 3.81 -1.43
CA ASP A 52 9.56 3.92 -0.23
C ASP A 52 8.78 4.55 0.92
N PRO A 53 8.86 3.95 2.13
CA PRO A 53 8.15 4.46 3.33
C PRO A 53 8.65 5.83 3.79
N SER A 54 9.88 6.18 3.40
CA SER A 54 10.47 7.46 3.80
C SER A 54 10.01 8.61 2.91
N LEU A 55 9.68 8.31 1.66
CA LEU A 55 9.25 9.31 0.73
C LEU A 55 7.74 9.55 0.81
N THR A 56 7.25 10.39 -0.10
CA THR A 56 5.84 10.74 -0.15
C THR A 56 5.16 10.11 -1.35
N LEU A 57 3.82 10.02 -1.28
CA LEU A 57 3.03 9.44 -2.36
C LEU A 57 2.97 10.35 -3.59
N ALA A 58 3.03 11.67 -3.35
CA ALA A 58 2.96 12.64 -4.42
C ALA A 58 4.30 12.85 -5.12
N GLU A 59 5.36 12.24 -4.59
CA GLU A 59 6.70 12.37 -5.17
C GLU A 59 6.88 11.38 -6.32
N TYR A 60 6.14 10.28 -6.26
CA TYR A 60 6.21 9.24 -7.27
C TYR A 60 5.34 9.56 -8.48
N GLY A 61 4.38 10.47 -8.30
CA GLY A 61 3.49 10.84 -9.39
C GLY A 61 2.31 9.91 -9.56
N ILE A 62 1.66 9.58 -8.44
CA ILE A 62 0.50 8.68 -8.48
C ILE A 62 -0.80 9.45 -8.33
N THR A 63 -1.84 8.99 -9.03
CA THR A 63 -3.15 9.62 -8.98
C THR A 63 -4.22 8.63 -8.52
N PRO A 64 -5.32 9.13 -7.91
CA PRO A 64 -6.42 8.28 -7.43
C PRO A 64 -7.23 7.68 -8.57
N GLY A 65 -7.91 6.57 -8.30
CA GLY A 65 -8.72 5.92 -9.31
C GLY A 65 -8.01 4.73 -9.95
N SER A 66 -6.81 4.44 -9.46
CA SER A 66 -6.02 3.33 -9.98
C SER A 66 -6.05 2.15 -9.01
N THR A 67 -5.81 0.96 -9.54
CA THR A 67 -5.80 -0.26 -8.74
C THR A 67 -4.40 -0.51 -8.18
N ILE A 68 -4.31 -0.68 -6.87
CA ILE A 68 -3.02 -0.92 -6.22
C ILE A 68 -2.92 -2.35 -5.70
N THR A 69 -1.75 -2.96 -5.90
CA THR A 69 -1.50 -4.32 -5.45
C THR A 69 -0.39 -4.34 -4.41
N LEU A 70 -0.63 -5.05 -3.30
CA LEU A 70 0.35 -5.13 -2.23
C LEU A 70 1.04 -6.50 -2.23
N GLU A 71 2.20 -6.57 -1.58
CA GLU A 71 2.96 -7.81 -1.49
C GLU A 71 3.54 -7.97 -0.08
N ILE A 72 3.74 -9.22 0.32
CA ILE A 72 4.29 -9.53 1.64
C ILE A 72 5.51 -10.44 1.49
N LYS A 73 6.55 -10.15 2.26
CA LYS A 73 7.77 -10.95 2.21
C LYS A 73 7.80 -11.98 3.34
N LYS A 74 8.10 -13.22 3.00
CA LYS A 74 8.15 -14.30 3.99
C LYS A 74 9.42 -15.13 3.81
N LYS A 75 9.74 -15.43 2.56
CA LYS A 75 10.93 -16.23 2.24
C LYS A 75 12.09 -15.33 1.83
N GLY A 76 13.30 -15.76 2.15
CA GLY A 76 14.47 -14.98 1.81
C GLY A 76 15.69 -15.40 2.62
N GLY A 77 15.71 -15.03 3.89
CA GLY A 77 16.81 -15.38 4.77
C GLY A 77 16.60 -14.94 6.19
N LEU A 78 17.09 -13.76 6.53
CA LEU A 78 16.95 -13.23 7.88
C LEU A 78 15.80 -12.23 7.96
N GLU A 79 14.71 -12.64 8.63
CA GLU A 79 13.52 -11.80 8.81
C GLU A 79 12.78 -11.58 7.49
N MET A 1 -11.13 10.49 -7.01
CA MET A 1 -10.72 11.87 -6.64
C MET A 1 -10.14 11.91 -5.24
N ASP A 2 -10.68 11.09 -4.34
CA ASP A 2 -10.21 11.03 -2.96
C ASP A 2 -10.11 9.59 -2.48
N THR A 3 -10.66 8.66 -3.26
CA THR A 3 -10.66 7.25 -2.90
C THR A 3 -9.71 6.44 -3.79
N ILE A 4 -9.14 5.39 -3.21
CA ILE A 4 -8.20 4.52 -3.91
C ILE A 4 -8.53 3.06 -3.65
N ASN A 5 -8.11 2.19 -4.56
CA ASN A 5 -8.36 0.77 -4.43
C ASN A 5 -7.12 0.06 -3.92
N ILE A 6 -7.33 -1.07 -3.27
CA ILE A 6 -6.23 -1.87 -2.72
C ILE A 6 -6.50 -3.35 -2.95
N THR A 7 -5.60 -4.00 -3.70
CA THR A 7 -5.76 -5.43 -4.00
C THR A 7 -4.77 -6.26 -3.21
N LEU A 8 -5.29 -7.10 -2.33
CA LEU A 8 -4.47 -7.99 -1.51
C LEU A 8 -4.40 -9.38 -2.12
N PRO A 9 -3.46 -10.23 -1.64
CA PRO A 9 -3.30 -11.62 -2.14
C PRO A 9 -4.58 -12.45 -2.08
N ASP A 10 -5.53 -12.05 -1.24
CA ASP A 10 -6.81 -12.75 -1.12
C ASP A 10 -7.64 -12.56 -2.40
N GLY A 11 -7.37 -11.47 -3.11
CA GLY A 11 -8.08 -11.22 -4.36
C GLY A 11 -9.18 -10.19 -4.26
N LYS A 12 -9.51 -9.77 -3.04
CA LYS A 12 -10.56 -8.76 -2.87
C LYS A 12 -9.96 -7.36 -2.85
N THR A 13 -10.80 -6.36 -3.03
CA THR A 13 -10.34 -4.97 -3.04
C THR A 13 -10.93 -4.18 -1.89
N LEU A 14 -10.24 -3.11 -1.52
CA LEU A 14 -10.69 -2.25 -0.42
C LEU A 14 -10.64 -0.79 -0.85
N THR A 15 -11.53 0.01 -0.28
CA THR A 15 -11.59 1.43 -0.60
C THR A 15 -11.05 2.27 0.56
N LEU A 16 -10.03 3.07 0.28
CA LEU A 16 -9.43 3.93 1.30
C LEU A 16 -9.43 5.39 0.86
N THR A 17 -9.52 6.29 1.83
CA THR A 17 -9.53 7.73 1.55
C THR A 17 -8.25 8.39 2.06
N VAL A 18 -7.47 8.96 1.15
CA VAL A 18 -6.22 9.61 1.52
C VAL A 18 -6.05 10.94 0.81
N THR A 19 -4.95 11.62 1.09
CA THR A 19 -4.66 12.92 0.47
C THR A 19 -3.20 12.97 0.02
N PRO A 20 -2.84 13.94 -0.84
CA PRO A 20 -1.47 14.11 -1.32
C PRO A 20 -0.48 14.46 -0.20
N GLU A 21 -1.02 14.84 0.97
CA GLU A 21 -0.19 15.20 2.11
C GLU A 21 0.16 13.97 2.94
N PHE A 22 -0.45 12.83 2.59
CA PHE A 22 -0.21 11.59 3.29
C PHE A 22 1.09 10.96 2.79
N THR A 23 1.88 10.42 3.71
CA THR A 23 3.13 9.78 3.34
C THR A 23 2.90 8.31 3.01
N VAL A 24 3.92 7.64 2.48
CA VAL A 24 3.79 6.22 2.14
C VAL A 24 3.67 5.40 3.42
N LYS A 25 4.31 5.87 4.49
CA LYS A 25 4.26 5.20 5.78
C LYS A 25 2.89 5.37 6.43
N GLU A 26 2.26 6.52 6.18
CA GLU A 26 0.93 6.80 6.73
C GLU A 26 -0.13 5.95 6.05
N LEU A 27 -0.10 5.92 4.70
CA LEU A 27 -1.05 5.13 3.94
C LEU A 27 -0.91 3.64 4.28
N ALA A 28 0.32 3.21 4.55
CA ALA A 28 0.60 1.82 4.88
C ALA A 28 0.09 1.43 6.27
N GLU A 29 0.16 2.37 7.23
CA GLU A 29 -0.29 2.10 8.59
C GLU A 29 -1.82 2.04 8.66
N GLU A 30 -2.49 2.71 7.71
CA GLU A 30 -3.95 2.72 7.67
C GLU A 30 -4.49 1.37 7.22
N ILE A 31 -3.96 0.87 6.10
CA ILE A 31 -4.40 -0.42 5.54
C ILE A 31 -3.99 -1.59 6.45
N ALA A 32 -2.84 -1.47 7.11
CA ALA A 32 -2.33 -2.52 7.99
C ALA A 32 -3.20 -2.68 9.24
N ARG A 33 -3.83 -1.58 9.66
CA ARG A 33 -4.69 -1.60 10.85
C ARG A 33 -5.97 -2.38 10.63
N ARG A 34 -6.50 -2.35 9.42
CA ARG A 34 -7.74 -3.05 9.10
C ARG A 34 -7.52 -4.54 8.87
N LEU A 35 -6.31 -4.91 8.45
CA LEU A 35 -6.00 -6.32 8.19
C LEU A 35 -5.36 -6.98 9.41
N GLY A 36 -4.84 -6.16 10.32
CA GLY A 36 -4.21 -6.68 11.52
C GLY A 36 -2.77 -7.13 11.29
N LEU A 37 -2.04 -6.36 10.50
CA LEU A 37 -0.64 -6.68 10.20
C LEU A 37 0.25 -5.47 10.39
N SER A 38 1.55 -5.66 10.17
CA SER A 38 2.53 -4.60 10.33
C SER A 38 2.89 -4.00 8.96
N PRO A 39 2.97 -2.67 8.87
CA PRO A 39 3.30 -1.95 7.62
C PRO A 39 4.73 -2.20 7.12
N GLU A 40 5.59 -2.70 8.00
CA GLU A 40 6.98 -2.98 7.65
C GLU A 40 7.11 -4.26 6.81
N ASP A 41 6.09 -5.12 6.90
CA ASP A 41 6.08 -6.37 6.15
C ASP A 41 5.36 -6.22 4.81
N ILE A 42 4.40 -5.29 4.77
CA ILE A 42 3.63 -5.05 3.55
C ILE A 42 4.29 -3.99 2.67
N LYS A 43 4.61 -4.37 1.44
CA LYS A 43 5.23 -3.46 0.50
C LYS A 43 4.27 -3.12 -0.64
N LEU A 44 4.32 -1.88 -1.09
CA LEU A 44 3.47 -1.43 -2.18
C LEU A 44 4.20 -1.52 -3.50
N THR A 45 3.55 -2.08 -4.50
CA THR A 45 4.17 -2.23 -5.82
C THR A 45 3.30 -1.60 -6.91
N HIS A 46 3.89 -0.68 -7.65
CA HIS A 46 3.19 0.01 -8.73
C HIS A 46 4.02 0.00 -10.00
N ASN A 47 3.49 -0.63 -11.05
CA ASN A 47 4.16 -0.72 -12.35
C ASN A 47 5.45 -1.53 -12.27
N GLY A 48 5.52 -2.42 -11.29
CA GLY A 48 6.70 -3.25 -11.11
C GLY A 48 7.71 -2.64 -10.17
N LYS A 49 7.52 -1.36 -9.82
CA LYS A 49 8.44 -0.66 -8.92
C LYS A 49 7.86 -0.62 -7.51
N THR A 50 8.74 -0.75 -6.52
CA THR A 50 8.33 -0.73 -5.12
C THR A 50 8.44 0.68 -4.54
N LEU A 51 7.60 0.96 -3.56
CA LEU A 51 7.58 2.27 -2.91
C LEU A 51 8.21 2.20 -1.51
N ASP A 52 9.05 3.19 -1.21
CA ASP A 52 9.72 3.26 0.09
C ASP A 52 8.88 4.05 1.11
N PRO A 53 8.80 3.57 2.36
CA PRO A 53 8.02 4.24 3.42
C PRO A 53 8.54 5.62 3.79
N SER A 54 9.82 5.88 3.49
CA SER A 54 10.44 7.16 3.81
C SER A 54 10.06 8.25 2.81
N LEU A 55 9.73 7.85 1.59
CA LEU A 55 9.38 8.77 0.55
C LEU A 55 7.92 9.21 0.65
N THR A 56 7.47 9.98 -0.34
CA THR A 56 6.11 10.49 -0.37
C THR A 56 5.36 9.97 -1.59
N LEU A 57 4.03 9.98 -1.50
CA LEU A 57 3.17 9.51 -2.60
C LEU A 57 3.17 10.48 -3.77
N ALA A 58 3.32 11.77 -3.48
CA ALA A 58 3.31 12.80 -4.51
C ALA A 58 4.62 12.86 -5.29
N GLU A 59 5.65 12.18 -4.78
CA GLU A 59 6.95 12.16 -5.45
C GLU A 59 6.97 11.10 -6.54
N TYR A 60 6.16 10.06 -6.35
CA TYR A 60 6.07 8.97 -7.30
C TYR A 60 5.13 9.29 -8.46
N GLY A 61 4.25 10.27 -8.25
CA GLY A 61 3.30 10.66 -9.29
C GLY A 61 2.06 9.79 -9.31
N ILE A 62 1.49 9.55 -8.13
CA ILE A 62 0.29 8.72 -8.03
C ILE A 62 -0.97 9.57 -7.87
N THR A 63 -2.05 9.14 -8.53
CA THR A 63 -3.32 9.85 -8.47
C THR A 63 -4.45 8.92 -7.99
N PRO A 64 -5.51 9.49 -7.39
CA PRO A 64 -6.65 8.71 -6.90
C PRO A 64 -7.50 8.14 -8.04
N GLY A 65 -8.12 6.98 -7.80
CA GLY A 65 -8.94 6.37 -8.82
C GLY A 65 -8.22 5.26 -9.56
N SER A 66 -7.01 4.93 -9.10
CA SER A 66 -6.20 3.90 -9.73
C SER A 66 -6.18 2.64 -8.85
N THR A 67 -5.82 1.51 -9.46
CA THR A 67 -5.75 0.25 -8.74
C THR A 67 -4.34 0.01 -8.21
N ILE A 68 -4.21 -0.13 -6.90
CA ILE A 68 -2.91 -0.36 -6.28
C ILE A 68 -2.80 -1.78 -5.74
N THR A 69 -1.73 -2.46 -6.15
CA THR A 69 -1.49 -3.83 -5.72
C THR A 69 -0.37 -3.87 -4.68
N LEU A 70 -0.50 -4.77 -3.71
CA LEU A 70 0.49 -4.90 -2.66
C LEU A 70 1.14 -6.29 -2.69
N GLU A 71 2.29 -6.39 -2.04
CA GLU A 71 3.03 -7.64 -1.97
C GLU A 71 3.55 -7.87 -0.55
N ILE A 72 3.34 -9.08 -0.04
CA ILE A 72 3.79 -9.42 1.31
C ILE A 72 5.00 -10.34 1.25
N LYS A 73 5.87 -10.23 2.26
CA LYS A 73 7.05 -11.06 2.33
C LYS A 73 6.88 -12.14 3.38
N LYS A 74 6.85 -13.39 2.93
CA LYS A 74 6.70 -14.53 3.83
C LYS A 74 8.01 -15.30 3.94
N LYS A 75 8.37 -15.67 5.17
CA LYS A 75 9.60 -16.41 5.40
C LYS A 75 9.33 -17.63 6.29
N GLY A 76 10.04 -18.72 6.01
CA GLY A 76 9.86 -19.94 6.79
C GLY A 76 8.99 -20.95 6.08
N GLY A 77 7.69 -20.85 6.29
CA GLY A 77 6.75 -21.78 5.68
C GLY A 77 5.47 -21.92 6.48
N LEU A 78 4.57 -20.95 6.31
CA LEU A 78 3.30 -20.96 7.02
C LEU A 78 2.16 -21.40 6.11
N GLU A 79 1.34 -22.33 6.61
CA GLU A 79 0.22 -22.85 5.84
C GLU A 79 -1.10 -22.53 6.53
N MET A 1 -11.09 12.64 -7.59
CA MET A 1 -11.21 11.39 -6.80
C MET A 1 -10.43 11.52 -5.49
N ASP A 2 -10.87 10.77 -4.47
CA ASP A 2 -10.23 10.79 -3.16
C ASP A 2 -10.09 9.38 -2.59
N THR A 3 -10.65 8.40 -3.31
CA THR A 3 -10.60 7.01 -2.87
C THR A 3 -9.71 6.18 -3.79
N ILE A 4 -9.10 5.15 -3.24
CA ILE A 4 -8.22 4.26 -4.00
C ILE A 4 -8.60 2.81 -3.77
N ASN A 5 -8.18 1.94 -4.68
CA ASN A 5 -8.47 0.52 -4.57
C ASN A 5 -7.18 -0.26 -4.30
N ILE A 6 -7.24 -1.10 -3.26
CA ILE A 6 -6.10 -1.91 -2.88
C ILE A 6 -6.45 -3.40 -3.02
N THR A 7 -5.82 -4.06 -3.98
CA THR A 7 -6.08 -5.47 -4.23
C THR A 7 -5.22 -6.37 -3.37
N LEU A 8 -5.85 -7.38 -2.78
CA LEU A 8 -5.18 -8.34 -1.94
C LEU A 8 -4.87 -9.61 -2.73
N PRO A 9 -3.95 -10.46 -2.24
CA PRO A 9 -3.62 -11.73 -2.92
C PRO A 9 -4.75 -12.75 -2.80
N ASP A 10 -5.83 -12.36 -2.10
CA ASP A 10 -6.98 -13.23 -1.91
C ASP A 10 -8.00 -13.02 -3.03
N GLY A 11 -7.88 -11.90 -3.75
CA GLY A 11 -8.78 -11.60 -4.84
C GLY A 11 -9.85 -10.59 -4.47
N LYS A 12 -9.75 -10.02 -3.26
CA LYS A 12 -10.72 -9.02 -2.82
C LYS A 12 -10.12 -7.62 -2.85
N THR A 13 -10.96 -6.63 -3.10
CA THR A 13 -10.53 -5.24 -3.18
C THR A 13 -10.94 -4.45 -1.93
N LEU A 14 -10.17 -3.40 -1.64
CA LEU A 14 -10.43 -2.55 -0.48
C LEU A 14 -10.45 -1.08 -0.89
N THR A 15 -11.23 -0.28 -0.18
CA THR A 15 -11.31 1.15 -0.47
C THR A 15 -10.82 1.98 0.72
N LEU A 16 -9.87 2.87 0.46
CA LEU A 16 -9.30 3.71 1.51
C LEU A 16 -9.34 5.19 1.09
N THR A 17 -9.52 6.06 2.08
CA THR A 17 -9.57 7.50 1.83
C THR A 17 -8.25 8.17 2.20
N VAL A 18 -7.57 8.72 1.19
CA VAL A 18 -6.29 9.38 1.42
C VAL A 18 -6.18 10.64 0.57
N THR A 19 -5.09 11.39 0.77
CA THR A 19 -4.86 12.62 0.01
C THR A 19 -3.40 12.70 -0.41
N PRO A 20 -3.07 13.62 -1.35
CA PRO A 20 -1.69 13.81 -1.82
C PRO A 20 -0.75 14.28 -0.69
N GLU A 21 -1.32 14.73 0.42
CA GLU A 21 -0.54 15.21 1.56
C GLU A 21 -0.14 14.04 2.47
N PHE A 22 -0.67 12.86 2.18
CA PHE A 22 -0.37 11.68 2.95
C PHE A 22 0.95 11.07 2.51
N THR A 23 1.72 10.58 3.46
CA THR A 23 3.01 9.96 3.14
C THR A 23 2.81 8.47 2.85
N VAL A 24 3.84 7.84 2.30
CA VAL A 24 3.77 6.40 1.99
C VAL A 24 3.65 5.60 3.29
N LYS A 25 4.30 6.09 4.35
CA LYS A 25 4.27 5.44 5.64
C LYS A 25 2.90 5.58 6.30
N GLU A 26 2.23 6.71 6.01
CA GLU A 26 0.91 6.98 6.57
C GLU A 26 -0.15 6.10 5.90
N LEU A 27 -0.10 6.02 4.58
CA LEU A 27 -1.03 5.18 3.83
C LEU A 27 -0.88 3.72 4.24
N ALA A 28 0.36 3.30 4.51
CA ALA A 28 0.67 1.93 4.90
C ALA A 28 0.21 1.61 6.32
N GLU A 29 0.26 2.59 7.22
CA GLU A 29 -0.15 2.39 8.61
C GLU A 29 -1.67 2.29 8.73
N GLU A 30 -2.38 2.89 7.80
CA GLU A 30 -3.84 2.88 7.79
C GLU A 30 -4.37 1.50 7.37
N ILE A 31 -3.81 0.96 6.30
CA ILE A 31 -4.22 -0.34 5.79
C ILE A 31 -3.81 -1.48 6.72
N ALA A 32 -2.68 -1.33 7.41
CA ALA A 32 -2.17 -2.35 8.32
C ALA A 32 -3.06 -2.50 9.54
N ARG A 33 -3.64 -1.38 9.99
CA ARG A 33 -4.50 -1.38 11.16
C ARG A 33 -5.80 -2.16 10.93
N ARG A 34 -6.29 -2.14 9.69
CA ARG A 34 -7.53 -2.84 9.34
C ARG A 34 -7.33 -4.34 9.24
N LEU A 35 -6.11 -4.77 8.94
CA LEU A 35 -5.81 -6.19 8.79
C LEU A 35 -5.29 -6.79 10.10
N GLY A 36 -4.83 -5.93 11.01
CA GLY A 36 -4.32 -6.39 12.29
C GLY A 36 -2.83 -6.71 12.28
N LEU A 37 -2.21 -6.66 11.11
CA LEU A 37 -0.79 -6.95 11.00
C LEU A 37 0.04 -5.66 10.97
N SER A 38 1.36 -5.81 10.94
CA SER A 38 2.26 -4.65 10.91
C SER A 38 2.54 -4.21 9.48
N PRO A 39 2.82 -2.90 9.28
CA PRO A 39 3.12 -2.33 7.95
C PRO A 39 4.47 -2.80 7.39
N GLU A 40 5.32 -3.33 8.26
CA GLU A 40 6.65 -3.81 7.86
C GLU A 40 6.56 -5.08 7.01
N ASP A 41 5.39 -5.71 7.01
CA ASP A 41 5.17 -6.93 6.23
C ASP A 41 4.54 -6.62 4.88
N ILE A 42 3.89 -5.46 4.78
CA ILE A 42 3.23 -5.06 3.54
C ILE A 42 4.14 -4.23 2.66
N LYS A 43 3.96 -4.35 1.35
CA LYS A 43 4.76 -3.61 0.38
C LYS A 43 3.88 -3.08 -0.74
N LEU A 44 3.98 -1.79 -1.00
CA LEU A 44 3.17 -1.15 -2.04
C LEU A 44 3.90 -1.22 -3.38
N THR A 45 3.27 -1.84 -4.36
CA THR A 45 3.87 -1.96 -5.68
C THR A 45 3.07 -1.19 -6.74
N HIS A 46 3.76 -0.35 -7.48
CA HIS A 46 3.14 0.45 -8.52
C HIS A 46 4.04 0.49 -9.77
N ASN A 47 3.49 0.01 -10.90
CA ASN A 47 4.22 -0.03 -12.17
C ASN A 47 5.42 -0.96 -12.12
N GLY A 48 5.38 -1.94 -11.22
CA GLY A 48 6.47 -2.88 -11.08
C GLY A 48 7.49 -2.45 -10.04
N LYS A 49 7.50 -1.17 -9.70
CA LYS A 49 8.43 -0.64 -8.71
C LYS A 49 7.76 -0.51 -7.35
N THR A 50 8.54 -0.66 -6.30
CA THR A 50 8.03 -0.55 -4.93
C THR A 50 8.19 0.85 -4.39
N LEU A 51 7.28 1.25 -3.50
CA LEU A 51 7.32 2.58 -2.90
C LEU A 51 7.99 2.54 -1.53
N ASP A 52 8.87 3.52 -1.29
CA ASP A 52 9.58 3.60 -0.01
C ASP A 52 8.79 4.42 1.02
N PRO A 53 8.74 3.95 2.28
CA PRO A 53 8.01 4.65 3.36
C PRO A 53 8.58 6.02 3.71
N SER A 54 9.85 6.25 3.38
CA SER A 54 10.50 7.52 3.70
C SER A 54 10.10 8.64 2.73
N LEU A 55 9.74 8.27 1.51
CA LEU A 55 9.37 9.24 0.52
C LEU A 55 7.87 9.56 0.57
N THR A 56 7.43 10.34 -0.40
CA THR A 56 6.03 10.75 -0.48
C THR A 56 5.34 10.17 -1.70
N LEU A 57 4.01 10.08 -1.65
CA LEU A 57 3.22 9.53 -2.75
C LEU A 57 3.15 10.48 -3.95
N ALA A 58 3.21 11.78 -3.66
CA ALA A 58 3.13 12.79 -4.71
C ALA A 58 4.46 12.99 -5.43
N GLU A 59 5.53 12.36 -4.93
CA GLU A 59 6.85 12.48 -5.55
C GLU A 59 6.99 11.50 -6.70
N TYR A 60 6.32 10.37 -6.56
CA TYR A 60 6.36 9.33 -7.57
C TYR A 60 5.36 9.58 -8.69
N GLY A 61 4.36 10.42 -8.42
CA GLY A 61 3.36 10.72 -9.43
C GLY A 61 2.16 9.81 -9.36
N ILE A 62 1.63 9.58 -8.15
CA ILE A 62 0.47 8.73 -7.97
C ILE A 62 -0.78 9.55 -7.69
N THR A 63 -1.89 9.19 -8.34
CA THR A 63 -3.15 9.89 -8.17
C THR A 63 -4.26 8.94 -7.70
N PRO A 64 -5.32 9.47 -7.06
CA PRO A 64 -6.43 8.65 -6.57
C PRO A 64 -7.27 8.08 -7.70
N GLY A 65 -7.67 6.81 -7.56
CA GLY A 65 -8.48 6.18 -8.59
C GLY A 65 -7.69 5.17 -9.40
N SER A 66 -6.47 4.90 -8.97
CA SER A 66 -5.61 3.93 -9.66
C SER A 66 -5.65 2.58 -8.97
N THR A 67 -5.07 1.57 -9.62
CA THR A 67 -5.04 0.22 -9.08
C THR A 67 -3.72 -0.03 -8.35
N ILE A 68 -3.81 -0.39 -7.07
CA ILE A 68 -2.62 -0.67 -6.26
C ILE A 68 -2.63 -2.10 -5.76
N THR A 69 -1.51 -2.80 -5.97
CA THR A 69 -1.39 -4.18 -5.54
C THR A 69 -0.37 -4.29 -4.40
N LEU A 70 -0.79 -4.91 -3.31
CA LEU A 70 0.08 -5.08 -2.16
C LEU A 70 0.78 -6.43 -2.20
N GLU A 71 1.87 -6.54 -1.44
CA GLU A 71 2.65 -7.77 -1.37
C GLU A 71 3.06 -8.07 0.06
N ILE A 72 3.13 -9.35 0.41
CA ILE A 72 3.52 -9.76 1.76
C ILE A 72 4.65 -10.79 1.69
N LYS A 73 5.69 -10.56 2.48
CA LYS A 73 6.84 -11.46 2.50
C LYS A 73 6.76 -12.42 3.68
N LYS A 74 6.93 -13.71 3.40
CA LYS A 74 6.89 -14.74 4.43
C LYS A 74 8.04 -15.71 4.25
N LYS A 75 8.70 -16.06 5.36
CA LYS A 75 9.82 -16.99 5.33
C LYS A 75 9.40 -18.39 5.78
N GLY A 76 9.95 -19.41 5.13
CA GLY A 76 9.61 -20.77 5.48
C GLY A 76 9.76 -21.73 4.30
N GLY A 77 11.00 -21.94 3.88
CA GLY A 77 11.26 -22.83 2.76
C GLY A 77 11.83 -22.08 1.57
N LEU A 78 13.13 -21.82 1.60
CA LEU A 78 13.79 -21.10 0.52
C LEU A 78 15.05 -21.83 0.07
N GLU A 79 15.14 -22.09 -1.23
CA GLU A 79 16.29 -22.77 -1.84
C GLU A 79 16.38 -24.24 -1.41
N MET A 1 -10.65 10.11 -7.11
CA MET A 1 -10.48 11.52 -6.67
C MET A 1 -10.15 11.59 -5.19
N ASP A 2 -10.80 10.75 -4.40
CA ASP A 2 -10.57 10.71 -2.95
C ASP A 2 -10.43 9.29 -2.45
N THR A 3 -10.89 8.32 -3.25
CA THR A 3 -10.83 6.91 -2.88
C THR A 3 -9.83 6.15 -3.73
N ILE A 4 -9.26 5.09 -3.15
CA ILE A 4 -8.29 4.25 -3.83
C ILE A 4 -8.66 2.78 -3.70
N ASN A 5 -8.20 1.95 -4.63
CA ASN A 5 -8.47 0.53 -4.59
C ASN A 5 -7.19 -0.24 -4.31
N ILE A 6 -7.27 -1.13 -3.33
CA ILE A 6 -6.11 -1.95 -2.96
C ILE A 6 -6.47 -3.42 -3.10
N THR A 7 -5.82 -4.08 -4.06
CA THR A 7 -6.08 -5.49 -4.33
C THR A 7 -5.22 -6.40 -3.47
N LEU A 8 -5.85 -7.41 -2.88
CA LEU A 8 -5.17 -8.37 -2.05
C LEU A 8 -4.88 -9.64 -2.85
N PRO A 9 -3.95 -10.50 -2.38
CA PRO A 9 -3.64 -11.76 -3.05
C PRO A 9 -4.76 -12.78 -2.91
N ASP A 10 -5.81 -12.41 -2.18
CA ASP A 10 -6.97 -13.28 -1.98
C ASP A 10 -8.01 -13.06 -3.06
N GLY A 11 -7.90 -11.95 -3.78
CA GLY A 11 -8.84 -11.64 -4.83
C GLY A 11 -9.89 -10.62 -4.42
N LYS A 12 -9.75 -10.07 -3.22
CA LYS A 12 -10.71 -9.07 -2.73
C LYS A 12 -10.08 -7.68 -2.74
N THR A 13 -10.88 -6.68 -3.05
CA THR A 13 -10.42 -5.30 -3.11
C THR A 13 -10.87 -4.49 -1.90
N LEU A 14 -10.15 -3.42 -1.61
CA LEU A 14 -10.45 -2.56 -0.47
C LEU A 14 -10.53 -1.10 -0.92
N THR A 15 -11.36 -0.32 -0.23
CA THR A 15 -11.51 1.09 -0.55
C THR A 15 -11.17 1.97 0.66
N LEU A 16 -10.21 2.87 0.47
CA LEU A 16 -9.78 3.78 1.54
C LEU A 16 -9.70 5.22 1.03
N THR A 17 -9.84 6.18 1.95
CA THR A 17 -9.78 7.59 1.61
C THR A 17 -8.39 8.17 1.90
N VAL A 18 -7.73 8.69 0.88
CA VAL A 18 -6.39 9.26 1.05
C VAL A 18 -6.26 10.62 0.38
N THR A 19 -5.15 11.31 0.63
CA THR A 19 -4.90 12.61 0.05
C THR A 19 -3.45 12.72 -0.42
N PRO A 20 -3.14 13.70 -1.29
CA PRO A 20 -1.79 13.90 -1.82
C PRO A 20 -0.81 14.37 -0.73
N GLU A 21 -1.35 14.81 0.41
CA GLU A 21 -0.53 15.27 1.53
C GLU A 21 -0.13 14.10 2.43
N PHE A 22 -0.64 12.92 2.11
CA PHE A 22 -0.34 11.73 2.87
C PHE A 22 1.00 11.14 2.43
N THR A 23 1.77 10.64 3.38
CA THR A 23 3.06 10.04 3.07
C THR A 23 2.88 8.54 2.81
N VAL A 24 3.92 7.89 2.28
CA VAL A 24 3.85 6.46 2.02
C VAL A 24 3.74 5.69 3.34
N LYS A 25 4.39 6.22 4.37
CA LYS A 25 4.37 5.61 5.69
C LYS A 25 3.00 5.77 6.35
N GLU A 26 2.35 6.90 6.07
CA GLU A 26 1.03 7.19 6.62
C GLU A 26 -0.03 6.33 5.96
N LEU A 27 0.00 6.26 4.63
CA LEU A 27 -0.95 5.44 3.88
C LEU A 27 -0.81 3.97 4.25
N ALA A 28 0.44 3.55 4.51
CA ALA A 28 0.73 2.16 4.88
C ALA A 28 0.25 1.82 6.28
N GLU A 29 0.34 2.77 7.21
CA GLU A 29 -0.08 2.53 8.60
C GLU A 29 -1.61 2.45 8.71
N GLU A 30 -2.31 3.07 7.76
CA GLU A 30 -3.77 3.07 7.75
C GLU A 30 -4.31 1.72 7.29
N ILE A 31 -3.76 1.21 6.18
CA ILE A 31 -4.18 -0.07 5.63
C ILE A 31 -3.74 -1.25 6.51
N ALA A 32 -2.59 -1.11 7.16
CA ALA A 32 -2.06 -2.17 8.02
C ALA A 32 -2.90 -2.37 9.27
N ARG A 33 -3.46 -1.27 9.79
CA ARG A 33 -4.28 -1.32 10.99
C ARG A 33 -5.55 -2.15 10.79
N ARG A 34 -6.08 -2.12 9.57
CA ARG A 34 -7.31 -2.86 9.26
C ARG A 34 -6.99 -4.29 8.81
N LEU A 35 -5.72 -4.57 8.57
CA LEU A 35 -5.32 -5.90 8.13
C LEU A 35 -4.86 -6.76 9.30
N GLY A 36 -4.53 -6.11 10.42
CA GLY A 36 -4.10 -6.84 11.61
C GLY A 36 -2.60 -7.07 11.68
N LEU A 37 -1.88 -6.70 10.65
CA LEU A 37 -0.42 -6.89 10.63
C LEU A 37 0.31 -5.55 10.46
N SER A 38 1.61 -5.57 10.75
CA SER A 38 2.45 -4.38 10.65
C SER A 38 2.82 -4.06 9.19
N PRO A 39 2.99 -2.76 8.87
CA PRO A 39 3.37 -2.32 7.51
C PRO A 39 4.74 -2.83 7.06
N GLU A 40 5.54 -3.30 8.01
CA GLU A 40 6.88 -3.83 7.72
C GLU A 40 6.82 -5.07 6.83
N ASP A 41 5.67 -5.76 6.85
CA ASP A 41 5.49 -6.96 6.04
C ASP A 41 4.77 -6.66 4.73
N ILE A 42 3.96 -5.60 4.74
CA ILE A 42 3.19 -5.20 3.55
C ILE A 42 3.95 -4.19 2.71
N LYS A 43 4.06 -4.48 1.42
CA LYS A 43 4.75 -3.59 0.50
C LYS A 43 3.82 -3.15 -0.63
N LEU A 44 3.94 -1.90 -1.02
CA LEU A 44 3.11 -1.35 -2.08
C LEU A 44 3.86 -1.33 -3.40
N THR A 45 3.27 -1.91 -4.43
CA THR A 45 3.89 -1.97 -5.75
C THR A 45 3.09 -1.16 -6.76
N HIS A 46 3.78 -0.25 -7.45
CA HIS A 46 3.15 0.59 -8.46
C HIS A 46 4.03 0.69 -9.69
N ASN A 47 3.48 0.28 -10.85
CA ASN A 47 4.20 0.32 -12.12
C ASN A 47 5.42 -0.62 -12.12
N GLY A 48 5.35 -1.66 -11.30
CA GLY A 48 6.45 -2.62 -11.21
C GLY A 48 7.48 -2.27 -10.16
N LYS A 49 7.51 -1.01 -9.74
CA LYS A 49 8.45 -0.55 -8.72
C LYS A 49 7.77 -0.44 -7.37
N THR A 50 8.56 -0.61 -6.31
CA THR A 50 8.05 -0.54 -4.95
C THR A 50 8.17 0.87 -4.39
N LEU A 51 7.26 1.21 -3.49
CA LEU A 51 7.26 2.53 -2.87
C LEU A 51 7.96 2.51 -1.51
N ASP A 52 8.81 3.51 -1.27
CA ASP A 52 9.54 3.60 0.00
C ASP A 52 8.74 4.41 1.03
N PRO A 53 8.69 3.93 2.29
CA PRO A 53 7.94 4.60 3.37
C PRO A 53 8.52 5.96 3.77
N SER A 54 9.80 6.17 3.47
CA SER A 54 10.46 7.43 3.81
C SER A 54 10.12 8.57 2.85
N LEU A 55 9.78 8.22 1.61
CA LEU A 55 9.46 9.21 0.62
C LEU A 55 7.98 9.56 0.62
N THR A 56 7.59 10.38 -0.35
CA THR A 56 6.20 10.83 -0.48
C THR A 56 5.53 10.22 -1.70
N LEU A 57 4.20 10.14 -1.65
CA LEU A 57 3.41 9.56 -2.73
C LEU A 57 3.35 10.49 -3.95
N ALA A 58 3.26 11.79 -3.69
CA ALA A 58 3.18 12.79 -4.76
C ALA A 58 4.50 12.94 -5.53
N GLU A 59 5.59 12.41 -4.98
CA GLU A 59 6.89 12.50 -5.62
C GLU A 59 7.06 11.40 -6.67
N TYR A 60 6.28 10.34 -6.52
CA TYR A 60 6.33 9.21 -7.42
C TYR A 60 5.35 9.40 -8.59
N GLY A 61 4.37 10.26 -8.40
CA GLY A 61 3.39 10.51 -9.45
C GLY A 61 2.17 9.62 -9.34
N ILE A 62 1.63 9.47 -8.13
CA ILE A 62 0.45 8.65 -7.91
C ILE A 62 -0.79 9.49 -7.65
N THR A 63 -1.92 9.08 -8.23
CA THR A 63 -3.17 9.80 -8.08
C THR A 63 -4.27 8.88 -7.52
N PRO A 64 -5.31 9.46 -6.88
CA PRO A 64 -6.41 8.67 -6.32
C PRO A 64 -7.31 8.07 -7.39
N GLY A 65 -7.70 6.82 -7.19
CA GLY A 65 -8.55 6.14 -8.16
C GLY A 65 -7.76 5.21 -9.05
N SER A 66 -6.53 4.91 -8.64
CA SER A 66 -5.65 4.02 -9.40
C SER A 66 -5.66 2.61 -8.81
N THR A 67 -5.07 1.67 -9.52
CA THR A 67 -5.00 0.28 -9.07
C THR A 67 -3.67 0.02 -8.37
N ILE A 68 -3.74 -0.44 -7.12
CA ILE A 68 -2.54 -0.73 -6.35
C ILE A 68 -2.56 -2.17 -5.84
N THR A 69 -1.46 -2.87 -6.04
CA THR A 69 -1.34 -4.26 -5.60
C THR A 69 -0.34 -4.39 -4.48
N LEU A 70 -0.78 -4.98 -3.37
CA LEU A 70 0.09 -5.18 -2.21
C LEU A 70 0.73 -6.57 -2.24
N GLU A 71 1.81 -6.72 -1.48
CA GLU A 71 2.52 -7.99 -1.40
C GLU A 71 3.00 -8.24 0.02
N ILE A 72 3.15 -9.52 0.38
CA ILE A 72 3.60 -9.90 1.72
C ILE A 72 4.80 -10.83 1.63
N LYS A 73 5.80 -10.58 2.48
CA LYS A 73 7.01 -11.40 2.49
C LYS A 73 7.28 -11.94 3.89
N LYS A 74 7.90 -13.12 3.94
CA LYS A 74 8.21 -13.76 5.21
C LYS A 74 9.69 -14.14 5.27
N LYS A 75 10.24 -14.20 6.47
CA LYS A 75 11.65 -14.55 6.65
C LYS A 75 11.79 -16.03 7.02
N GLY A 76 12.72 -16.71 6.34
CA GLY A 76 12.95 -18.12 6.61
C GLY A 76 13.41 -18.88 5.39
N GLY A 77 14.73 -18.93 5.19
CA GLY A 77 15.29 -19.63 4.04
C GLY A 77 16.76 -19.33 3.85
N LEU A 78 17.60 -19.89 4.70
CA LEU A 78 19.04 -19.68 4.62
C LEU A 78 19.77 -21.01 4.43
N GLU A 79 19.36 -22.01 5.18
CA GLU A 79 19.97 -23.34 5.10
C GLU A 79 19.06 -24.30 4.35
N MET A 1 -10.97 13.02 -7.45
CA MET A 1 -11.11 11.74 -6.72
C MET A 1 -10.34 11.77 -5.41
N ASP A 2 -10.83 11.05 -4.41
CA ASP A 2 -10.18 11.00 -3.10
C ASP A 2 -10.08 9.56 -2.59
N THR A 3 -10.63 8.62 -3.35
CA THR A 3 -10.61 7.22 -2.97
C THR A 3 -9.69 6.41 -3.88
N ILE A 4 -9.10 5.36 -3.32
CA ILE A 4 -8.18 4.50 -4.06
C ILE A 4 -8.51 3.03 -3.85
N ASN A 5 -8.12 2.19 -4.80
CA ASN A 5 -8.38 0.76 -4.73
C ASN A 5 -7.13 0.01 -4.32
N ILE A 6 -7.32 -1.15 -3.71
CA ILE A 6 -6.22 -2.00 -3.26
C ILE A 6 -6.50 -3.46 -3.62
N THR A 7 -5.60 -4.04 -4.41
CA THR A 7 -5.77 -5.44 -4.82
C THR A 7 -4.91 -6.37 -3.96
N LEU A 8 -5.56 -7.33 -3.32
CA LEU A 8 -4.88 -8.28 -2.46
C LEU A 8 -4.62 -9.58 -3.23
N PRO A 9 -3.69 -10.43 -2.74
CA PRO A 9 -3.39 -11.71 -3.39
C PRO A 9 -4.55 -12.70 -3.21
N ASP A 10 -5.60 -12.27 -2.51
CA ASP A 10 -6.77 -13.12 -2.27
C ASP A 10 -7.80 -12.94 -3.38
N GLY A 11 -7.70 -11.81 -4.10
CA GLY A 11 -8.62 -11.55 -5.18
C GLY A 11 -9.70 -10.56 -4.82
N LYS A 12 -9.61 -9.97 -3.62
CA LYS A 12 -10.60 -8.99 -3.18
C LYS A 12 -10.03 -7.58 -3.21
N THR A 13 -10.89 -6.62 -3.52
CA THR A 13 -10.49 -5.22 -3.59
C THR A 13 -10.97 -4.43 -2.38
N LEU A 14 -10.24 -3.37 -2.04
CA LEU A 14 -10.57 -2.53 -0.90
C LEU A 14 -10.51 -1.05 -1.30
N THR A 15 -11.33 -0.22 -0.65
CA THR A 15 -11.35 1.20 -0.92
C THR A 15 -10.87 2.00 0.29
N LEU A 16 -9.89 2.86 0.07
CA LEU A 16 -9.35 3.69 1.16
C LEU A 16 -9.39 5.17 0.78
N THR A 17 -9.55 6.03 1.78
CA THR A 17 -9.61 7.46 1.56
C THR A 17 -8.35 8.15 2.08
N VAL A 18 -7.59 8.77 1.18
CA VAL A 18 -6.35 9.45 1.56
C VAL A 18 -6.22 10.78 0.82
N THR A 19 -5.14 11.51 1.13
CA THR A 19 -4.88 12.79 0.49
C THR A 19 -3.44 12.86 0.01
N PRO A 20 -3.11 13.83 -0.86
CA PRO A 20 -1.74 14.00 -1.39
C PRO A 20 -0.72 14.37 -0.30
N GLU A 21 -1.23 14.78 0.87
CA GLU A 21 -0.38 15.17 1.98
C GLU A 21 0.01 13.94 2.82
N PHE A 22 -0.65 12.82 2.55
CA PHE A 22 -0.38 11.58 3.24
C PHE A 22 0.92 10.97 2.75
N THR A 23 1.73 10.49 3.67
CA THR A 23 3.00 9.87 3.32
C THR A 23 2.80 8.38 3.06
N VAL A 24 3.84 7.72 2.57
CA VAL A 24 3.76 6.28 2.32
C VAL A 24 3.64 5.53 3.63
N LYS A 25 4.28 6.06 4.68
CA LYS A 25 4.25 5.44 6.00
C LYS A 25 2.86 5.59 6.62
N GLU A 26 2.21 6.72 6.34
CA GLU A 26 0.87 7.00 6.88
C GLU A 26 -0.17 6.13 6.19
N LEU A 27 -0.13 6.07 4.86
CA LEU A 27 -1.06 5.26 4.08
C LEU A 27 -0.93 3.78 4.45
N ALA A 28 0.32 3.32 4.65
CA ALA A 28 0.59 1.93 5.02
C ALA A 28 0.14 1.65 6.45
N GLU A 29 0.18 2.68 7.30
CA GLU A 29 -0.23 2.57 8.69
C GLU A 29 -1.75 2.41 8.81
N GLU A 30 -2.48 2.91 7.81
CA GLU A 30 -3.93 2.82 7.79
C GLU A 30 -4.39 1.41 7.47
N ILE A 31 -3.82 0.83 6.40
CA ILE A 31 -4.17 -0.52 5.96
C ILE A 31 -3.67 -1.59 6.96
N ALA A 32 -2.52 -1.33 7.58
CA ALA A 32 -1.92 -2.25 8.54
C ALA A 32 -2.75 -2.35 9.82
N ARG A 33 -3.46 -1.28 10.15
CA ARG A 33 -4.29 -1.24 11.36
C ARG A 33 -5.54 -2.10 11.23
N ARG A 34 -6.10 -2.19 10.03
CA ARG A 34 -7.32 -2.96 9.79
C ARG A 34 -7.05 -4.46 9.76
N LEU A 35 -5.89 -4.85 9.24
CA LEU A 35 -5.55 -6.28 9.14
C LEU A 35 -4.73 -6.74 10.34
N GLY A 36 -4.13 -5.80 11.07
CA GLY A 36 -3.34 -6.15 12.23
C GLY A 36 -1.95 -6.65 11.88
N LEU A 37 -1.24 -5.89 11.05
CA LEU A 37 0.12 -6.29 10.64
C LEU A 37 1.10 -5.13 10.82
N SER A 38 2.36 -5.41 10.50
CA SER A 38 3.42 -4.42 10.62
C SER A 38 3.84 -3.90 9.24
N PRO A 39 4.15 -2.59 9.12
CA PRO A 39 4.55 -1.97 7.84
C PRO A 39 5.86 -2.55 7.28
N GLU A 40 6.64 -3.22 8.12
CA GLU A 40 7.90 -3.82 7.72
C GLU A 40 7.69 -5.08 6.89
N ASP A 41 6.52 -5.69 7.03
CA ASP A 41 6.18 -6.93 6.30
C ASP A 41 5.38 -6.63 5.04
N ILE A 42 4.64 -5.52 5.06
CA ILE A 42 3.81 -5.14 3.91
C ILE A 42 4.61 -4.31 2.91
N LYS A 43 4.47 -4.64 1.63
CA LYS A 43 5.17 -3.92 0.58
C LYS A 43 4.20 -3.46 -0.51
N LEU A 44 4.26 -2.18 -0.84
CA LEU A 44 3.39 -1.63 -1.86
C LEU A 44 4.10 -1.60 -3.21
N THR A 45 3.43 -2.07 -4.24
CA THR A 45 4.01 -2.10 -5.57
C THR A 45 3.17 -1.32 -6.57
N HIS A 46 3.83 -0.63 -7.46
CA HIS A 46 3.17 0.17 -8.49
C HIS A 46 3.98 0.13 -9.78
N ASN A 47 3.46 -0.62 -10.77
CA ASN A 47 4.12 -0.76 -12.08
C ASN A 47 5.43 -1.53 -11.94
N GLY A 48 5.54 -2.35 -10.91
CA GLY A 48 6.73 -3.13 -10.69
C GLY A 48 7.72 -2.45 -9.74
N LYS A 49 7.42 -1.20 -9.37
CA LYS A 49 8.29 -0.44 -8.48
C LYS A 49 7.71 -0.42 -7.06
N THR A 50 8.60 -0.56 -6.08
CA THR A 50 8.18 -0.55 -4.68
C THR A 50 8.28 0.85 -4.09
N LEU A 51 7.36 1.16 -3.18
CA LEU A 51 7.33 2.47 -2.54
C LEU A 51 8.04 2.44 -1.19
N ASP A 52 8.85 3.47 -0.94
CA ASP A 52 9.60 3.58 0.30
C ASP A 52 8.83 4.40 1.34
N PRO A 53 8.83 3.96 2.62
CA PRO A 53 8.12 4.65 3.71
C PRO A 53 8.61 6.07 3.99
N SER A 54 9.86 6.36 3.60
CA SER A 54 10.44 7.69 3.83
C SER A 54 10.01 8.70 2.78
N LEU A 55 9.66 8.23 1.59
CA LEU A 55 9.24 9.09 0.51
C LEU A 55 7.77 9.44 0.59
N THR A 56 7.29 10.14 -0.42
CA THR A 56 5.89 10.55 -0.48
C THR A 56 5.18 9.92 -1.68
N LEU A 57 3.85 9.91 -1.63
CA LEU A 57 3.04 9.34 -2.71
C LEU A 57 3.05 10.22 -3.95
N ALA A 58 3.12 11.54 -3.75
CA ALA A 58 3.12 12.49 -4.85
C ALA A 58 4.48 12.59 -5.55
N GLU A 59 5.51 12.00 -4.94
CA GLU A 59 6.86 12.03 -5.51
C GLU A 59 7.02 10.93 -6.56
N TYR A 60 6.16 9.93 -6.47
CA TYR A 60 6.18 8.80 -7.39
C TYR A 60 5.30 9.07 -8.62
N GLY A 61 4.37 10.01 -8.49
CA GLY A 61 3.48 10.33 -9.60
C GLY A 61 2.22 9.51 -9.59
N ILE A 62 1.59 9.37 -8.42
CA ILE A 62 0.36 8.61 -8.30
C ILE A 62 -0.82 9.49 -7.92
N THR A 63 -1.96 9.25 -8.56
CA THR A 63 -3.17 10.01 -8.30
C THR A 63 -4.32 9.09 -7.90
N PRO A 64 -5.34 9.63 -7.19
CA PRO A 64 -6.50 8.86 -6.75
C PRO A 64 -7.40 8.46 -7.92
N GLY A 65 -7.99 7.27 -7.83
CA GLY A 65 -8.85 6.79 -8.90
C GLY A 65 -8.22 5.68 -9.71
N SER A 66 -7.00 5.28 -9.33
CA SER A 66 -6.29 4.23 -10.03
C SER A 66 -6.24 2.96 -9.17
N THR A 67 -6.01 1.83 -9.83
CA THR A 67 -5.94 0.55 -9.14
C THR A 67 -4.51 0.26 -8.66
N ILE A 68 -4.35 0.03 -7.37
CA ILE A 68 -3.04 -0.26 -6.80
C ILE A 68 -2.91 -1.74 -6.46
N THR A 69 -1.69 -2.26 -6.55
CA THR A 69 -1.43 -3.65 -6.28
C THR A 69 -0.67 -3.79 -4.96
N LEU A 70 -1.07 -4.74 -4.14
CA LEU A 70 -0.43 -4.94 -2.85
C LEU A 70 0.02 -6.38 -2.66
N GLU A 71 1.20 -6.55 -2.08
CA GLU A 71 1.76 -7.87 -1.83
C GLU A 71 2.27 -7.99 -0.40
N ILE A 72 1.89 -9.08 0.27
CA ILE A 72 2.30 -9.32 1.65
C ILE A 72 3.15 -10.58 1.74
N LYS A 73 4.16 -10.55 2.62
CA LYS A 73 5.04 -11.70 2.81
C LYS A 73 4.97 -12.21 4.24
N LYS A 74 5.06 -13.53 4.39
CA LYS A 74 5.01 -14.15 5.72
C LYS A 74 6.38 -14.69 6.11
N LYS A 75 6.61 -14.82 7.41
CA LYS A 75 7.89 -15.31 7.92
C LYS A 75 7.81 -16.78 8.28
N GLY A 76 6.67 -17.39 8.00
CA GLY A 76 6.48 -18.80 8.29
C GLY A 76 5.58 -19.02 9.50
N GLY A 77 4.89 -20.16 9.51
CA GLY A 77 4.00 -20.49 10.61
C GLY A 77 3.80 -21.98 10.77
N LEU A 78 4.86 -22.68 11.17
CA LEU A 78 4.79 -24.13 11.35
C LEU A 78 4.67 -24.48 12.83
N GLU A 79 3.74 -25.38 13.13
CA GLU A 79 3.52 -25.82 14.51
C GLU A 79 3.58 -27.34 14.61
N MET A 1 -11.23 9.84 -7.86
CA MET A 1 -11.04 11.30 -7.59
C MET A 1 -10.48 11.52 -6.19
N ASP A 2 -10.97 10.74 -5.22
CA ASP A 2 -10.51 10.84 -3.84
C ASP A 2 -10.33 9.47 -3.20
N THR A 3 -10.89 8.45 -3.85
CA THR A 3 -10.81 7.09 -3.35
C THR A 3 -9.89 6.22 -4.21
N ILE A 4 -9.32 5.20 -3.59
CA ILE A 4 -8.43 4.28 -4.29
C ILE A 4 -8.80 2.84 -3.97
N ASN A 5 -8.32 1.91 -4.80
CA ASN A 5 -8.60 0.50 -4.60
C ASN A 5 -7.32 -0.21 -4.16
N ILE A 6 -7.44 -1.02 -3.12
CA ILE A 6 -6.32 -1.78 -2.60
C ILE A 6 -6.56 -3.26 -2.84
N THR A 7 -5.75 -3.86 -3.71
CA THR A 7 -5.91 -5.27 -4.05
C THR A 7 -5.00 -6.15 -3.22
N LEU A 8 -5.62 -7.10 -2.52
CA LEU A 8 -4.89 -8.03 -1.67
C LEU A 8 -4.64 -9.33 -2.43
N PRO A 9 -3.70 -10.18 -1.95
CA PRO A 9 -3.42 -11.47 -2.59
C PRO A 9 -4.55 -12.47 -2.38
N ASP A 10 -5.58 -12.05 -1.65
CA ASP A 10 -6.73 -12.91 -1.39
C ASP A 10 -7.80 -12.74 -2.47
N GLY A 11 -7.72 -11.63 -3.20
CA GLY A 11 -8.67 -11.37 -4.26
C GLY A 11 -9.75 -10.38 -3.87
N LYS A 12 -9.64 -9.79 -2.68
CA LYS A 12 -10.63 -8.82 -2.22
C LYS A 12 -10.10 -7.40 -2.36
N THR A 13 -11.00 -6.45 -2.57
CA THR A 13 -10.63 -5.06 -2.75
C THR A 13 -11.10 -4.20 -1.57
N LEU A 14 -10.39 -3.10 -1.32
CA LEU A 14 -10.72 -2.19 -0.24
C LEU A 14 -10.71 -0.75 -0.74
N THR A 15 -11.54 0.09 -0.14
CA THR A 15 -11.61 1.51 -0.52
C THR A 15 -11.09 2.40 0.60
N LEU A 16 -10.07 3.19 0.28
CA LEU A 16 -9.47 4.10 1.25
C LEU A 16 -9.31 5.51 0.66
N THR A 17 -9.19 6.50 1.52
CA THR A 17 -9.02 7.88 1.08
C THR A 17 -7.55 8.26 1.06
N VAL A 18 -7.13 8.91 -0.03
CA VAL A 18 -5.73 9.32 -0.17
C VAL A 18 -5.61 10.84 -0.23
N THR A 19 -4.50 11.36 0.30
CA THR A 19 -4.23 12.79 0.29
C THR A 19 -2.76 13.05 -0.04
N PRO A 20 -2.44 14.26 -0.53
CA PRO A 20 -1.06 14.63 -0.88
C PRO A 20 -0.20 14.88 0.36
N GLU A 21 -0.82 14.86 1.54
CA GLU A 21 -0.12 15.09 2.78
C GLU A 21 0.24 13.77 3.47
N PHE A 22 -0.35 12.68 2.99
CA PHE A 22 -0.10 11.37 3.57
C PHE A 22 1.17 10.77 2.98
N THR A 23 1.94 10.09 3.81
CA THR A 23 3.17 9.45 3.36
C THR A 23 2.89 7.98 3.03
N VAL A 24 3.85 7.31 2.43
CA VAL A 24 3.69 5.89 2.10
C VAL A 24 3.63 5.05 3.38
N LYS A 25 4.36 5.51 4.40
CA LYS A 25 4.41 4.82 5.68
C LYS A 25 3.09 5.01 6.45
N GLU A 26 2.52 6.21 6.32
CA GLU A 26 1.26 6.54 6.99
C GLU A 26 0.10 5.82 6.33
N LEU A 27 0.04 5.89 5.01
CA LEU A 27 -1.03 5.22 4.26
C LEU A 27 -0.97 3.70 4.48
N ALA A 28 0.24 3.17 4.69
CA ALA A 28 0.43 1.75 4.91
C ALA A 28 -0.06 1.33 6.30
N GLU A 29 0.12 2.18 7.31
CA GLU A 29 -0.32 1.87 8.66
C GLU A 29 -1.85 1.91 8.78
N GLU A 30 -2.49 2.68 7.89
CA GLU A 30 -3.95 2.79 7.89
C GLU A 30 -4.58 1.47 7.44
N ILE A 31 -4.11 0.96 6.31
CA ILE A 31 -4.62 -0.30 5.77
C ILE A 31 -4.19 -1.51 6.61
N ALA A 32 -2.98 -1.43 7.19
CA ALA A 32 -2.45 -2.52 8.00
C ALA A 32 -3.20 -2.66 9.32
N ARG A 33 -3.76 -1.56 9.82
CA ARG A 33 -4.50 -1.57 11.06
C ARG A 33 -5.81 -2.37 10.95
N ARG A 34 -6.41 -2.34 9.78
CA ARG A 34 -7.67 -3.05 9.56
C ARG A 34 -7.44 -4.51 9.17
N LEU A 35 -6.21 -4.84 8.76
CA LEU A 35 -5.89 -6.20 8.37
C LEU A 35 -5.16 -6.96 9.48
N GLY A 36 -4.61 -6.21 10.44
CA GLY A 36 -3.91 -6.81 11.55
C GLY A 36 -2.48 -7.20 11.21
N LEU A 37 -1.79 -6.35 10.44
CA LEU A 37 -0.42 -6.62 10.05
C LEU A 37 0.48 -5.40 10.29
N SER A 38 1.76 -5.57 9.99
CA SER A 38 2.75 -4.50 10.17
C SER A 38 3.13 -3.90 8.82
N PRO A 39 3.34 -2.56 8.76
CA PRO A 39 3.72 -1.86 7.53
C PRO A 39 5.10 -2.25 7.00
N GLU A 40 5.93 -2.84 7.86
CA GLU A 40 7.28 -3.26 7.48
C GLU A 40 7.26 -4.53 6.63
N ASP A 41 6.16 -5.27 6.71
CA ASP A 41 6.02 -6.52 5.96
C ASP A 41 5.28 -6.29 4.64
N ILE A 42 4.39 -5.30 4.63
CA ILE A 42 3.62 -5.00 3.43
C ILE A 42 4.30 -3.95 2.57
N LYS A 43 4.55 -4.31 1.32
CA LYS A 43 5.20 -3.40 0.38
C LYS A 43 4.25 -3.04 -0.75
N LEU A 44 4.25 -1.78 -1.14
CA LEU A 44 3.40 -1.31 -2.21
C LEU A 44 4.14 -1.37 -3.55
N THR A 45 3.50 -1.95 -4.55
CA THR A 45 4.11 -2.06 -5.88
C THR A 45 3.25 -1.41 -6.94
N HIS A 46 3.85 -0.48 -7.68
CA HIS A 46 3.14 0.23 -8.73
C HIS A 46 3.99 0.28 -10.00
N ASN A 47 3.44 -0.26 -11.10
CA ASN A 47 4.12 -0.29 -12.41
C ASN A 47 5.42 -1.11 -12.35
N GLY A 48 5.47 -2.08 -11.44
CA GLY A 48 6.64 -2.93 -11.30
C GLY A 48 7.65 -2.41 -10.30
N LYS A 49 7.55 -1.12 -9.96
CA LYS A 49 8.47 -0.50 -9.00
C LYS A 49 7.86 -0.46 -7.61
N THR A 50 8.70 -0.54 -6.60
CA THR A 50 8.25 -0.51 -5.21
C THR A 50 8.36 0.89 -4.63
N LEU A 51 7.51 1.16 -3.64
CA LEU A 51 7.50 2.47 -2.99
C LEU A 51 8.19 2.42 -1.64
N ASP A 52 9.00 3.44 -1.38
CA ASP A 52 9.75 3.52 -0.12
C ASP A 52 8.94 4.27 0.94
N PRO A 53 8.94 3.78 2.21
CA PRO A 53 8.21 4.40 3.32
C PRO A 53 8.74 5.79 3.68
N SER A 54 9.99 6.07 3.32
CA SER A 54 10.62 7.35 3.64
C SER A 54 10.16 8.47 2.70
N LEU A 55 9.74 8.10 1.49
CA LEU A 55 9.32 9.06 0.51
C LEU A 55 7.83 9.41 0.67
N THR A 56 7.33 10.21 -0.25
CA THR A 56 5.94 10.65 -0.22
C THR A 56 5.17 10.12 -1.42
N LEU A 57 3.84 10.13 -1.32
CA LEU A 57 2.97 9.65 -2.38
C LEU A 57 2.92 10.61 -3.56
N ALA A 58 3.10 11.90 -3.29
CA ALA A 58 3.06 12.92 -4.32
C ALA A 58 4.38 13.05 -5.07
N GLU A 59 5.42 12.36 -4.58
CA GLU A 59 6.74 12.40 -5.21
C GLU A 59 6.80 11.42 -6.37
N TYR A 60 6.05 10.33 -6.24
CA TYR A 60 6.02 9.29 -7.24
C TYR A 60 5.06 9.64 -8.38
N GLY A 61 4.14 10.56 -8.12
CA GLY A 61 3.19 10.96 -9.15
C GLY A 61 1.99 10.04 -9.22
N ILE A 62 1.42 9.70 -8.07
CA ILE A 62 0.26 8.81 -8.01
C ILE A 62 -1.04 9.60 -7.88
N THR A 63 -2.06 9.15 -8.60
CA THR A 63 -3.37 9.80 -8.57
C THR A 63 -4.46 8.80 -8.19
N PRO A 64 -5.60 9.29 -7.65
CA PRO A 64 -6.71 8.44 -7.24
C PRO A 64 -7.44 7.82 -8.44
N GLY A 65 -7.94 6.60 -8.26
CA GLY A 65 -8.64 5.93 -9.33
C GLY A 65 -7.78 4.89 -10.03
N SER A 66 -6.59 4.65 -9.47
CA SER A 66 -5.66 3.68 -10.03
C SER A 66 -5.67 2.39 -9.22
N THR A 67 -5.17 1.31 -9.82
CA THR A 67 -5.11 0.00 -9.16
C THR A 67 -3.81 -0.17 -8.39
N ILE A 68 -3.93 -0.42 -7.09
CA ILE A 68 -2.75 -0.60 -6.25
C ILE A 68 -2.66 -2.04 -5.76
N THR A 69 -1.57 -2.72 -6.12
CA THR A 69 -1.35 -4.10 -5.73
C THR A 69 -0.26 -4.19 -4.66
N LEU A 70 -0.59 -4.78 -3.53
CA LEU A 70 0.36 -4.92 -2.44
C LEU A 70 1.04 -6.28 -2.46
N GLU A 71 2.20 -6.37 -1.81
CA GLU A 71 2.95 -7.62 -1.74
C GLU A 71 3.53 -7.80 -0.33
N ILE A 72 3.69 -9.06 0.08
CA ILE A 72 4.23 -9.36 1.40
C ILE A 72 5.45 -10.26 1.29
N LYS A 73 6.44 -10.02 2.15
CA LYS A 73 7.67 -10.80 2.13
C LYS A 73 7.91 -11.46 3.49
N LYS A 74 8.33 -12.72 3.46
CA LYS A 74 8.61 -13.47 4.69
C LYS A 74 10.07 -13.84 4.77
N LYS A 75 10.63 -13.81 5.97
CA LYS A 75 12.03 -14.14 6.18
C LYS A 75 12.18 -15.16 7.31
N GLY A 76 13.02 -16.18 7.07
CA GLY A 76 13.23 -17.20 8.07
C GLY A 76 13.59 -18.55 7.45
N GLY A 77 14.72 -18.58 6.76
CA GLY A 77 15.16 -19.82 6.13
C GLY A 77 16.14 -19.58 5.00
N LEU A 78 17.04 -20.53 4.79
CA LEU A 78 18.03 -20.42 3.73
C LEU A 78 17.65 -21.27 2.52
N GLU A 79 17.75 -20.68 1.34
CA GLU A 79 17.41 -21.37 0.10
C GLU A 79 18.67 -21.84 -0.61
N MET A 1 -10.98 12.56 -7.85
CA MET A 1 -11.13 11.33 -7.03
C MET A 1 -10.44 11.50 -5.69
N ASP A 2 -10.91 10.74 -4.69
CA ASP A 2 -10.34 10.80 -3.35
C ASP A 2 -10.17 9.40 -2.76
N THR A 3 -10.75 8.41 -3.44
CA THR A 3 -10.67 7.02 -2.98
C THR A 3 -9.83 6.17 -3.92
N ILE A 4 -9.21 5.13 -3.36
CA ILE A 4 -8.36 4.22 -4.14
C ILE A 4 -8.75 2.77 -3.89
N ASN A 5 -8.48 1.92 -4.86
CA ASN A 5 -8.79 0.50 -4.75
C ASN A 5 -7.53 -0.29 -4.41
N ILE A 6 -7.67 -1.21 -3.46
CA ILE A 6 -6.55 -2.02 -3.03
C ILE A 6 -6.76 -3.47 -3.44
N THR A 7 -5.96 -3.95 -4.38
CA THR A 7 -6.08 -5.32 -4.86
C THR A 7 -5.10 -6.24 -4.13
N LEU A 8 -5.64 -7.24 -3.45
CA LEU A 8 -4.84 -8.18 -2.70
C LEU A 8 -4.66 -9.47 -3.50
N PRO A 9 -3.66 -10.29 -3.15
CA PRO A 9 -3.42 -11.58 -3.83
C PRO A 9 -4.50 -12.61 -3.48
N ASP A 10 -5.44 -12.21 -2.63
CA ASP A 10 -6.54 -13.08 -2.22
C ASP A 10 -7.74 -12.93 -3.15
N GLY A 11 -7.77 -11.83 -3.88
CA GLY A 11 -8.86 -11.57 -4.81
C GLY A 11 -9.89 -10.60 -4.27
N LYS A 12 -9.62 -10.00 -3.11
CA LYS A 12 -10.54 -9.04 -2.52
C LYS A 12 -9.99 -7.62 -2.64
N THR A 13 -10.91 -6.66 -2.81
CA THR A 13 -10.52 -5.27 -2.95
C THR A 13 -11.00 -4.44 -1.76
N LEU A 14 -10.20 -3.43 -1.41
CA LEU A 14 -10.51 -2.55 -0.28
C LEU A 14 -10.55 -1.10 -0.75
N THR A 15 -11.37 -0.28 -0.09
CA THR A 15 -11.49 1.13 -0.44
C THR A 15 -11.00 2.01 0.71
N LEU A 16 -10.00 2.83 0.43
CA LEU A 16 -9.44 3.72 1.43
C LEU A 16 -9.31 5.14 0.88
N THR A 17 -9.58 6.14 1.71
CA THR A 17 -9.47 7.52 1.29
C THR A 17 -8.18 8.15 1.80
N VAL A 18 -7.47 8.85 0.91
CA VAL A 18 -6.21 9.49 1.25
C VAL A 18 -6.03 10.78 0.47
N THR A 19 -4.95 11.50 0.75
CA THR A 19 -4.65 12.75 0.07
C THR A 19 -3.18 12.81 -0.32
N PRO A 20 -2.81 13.74 -1.21
CA PRO A 20 -1.40 13.91 -1.65
C PRO A 20 -0.47 14.31 -0.50
N GLU A 21 -1.04 14.71 0.63
CA GLU A 21 -0.26 15.12 1.79
C GLU A 21 0.11 13.91 2.65
N PHE A 22 -0.56 12.78 2.39
CA PHE A 22 -0.30 11.56 3.13
C PHE A 22 1.00 10.93 2.65
N THR A 23 1.81 10.48 3.60
CA THR A 23 3.07 9.84 3.27
C THR A 23 2.86 8.36 3.00
N VAL A 24 3.89 7.68 2.49
CA VAL A 24 3.79 6.25 2.22
C VAL A 24 3.66 5.48 3.52
N LYS A 25 4.29 5.99 4.57
CA LYS A 25 4.24 5.36 5.90
C LYS A 25 2.86 5.55 6.53
N GLU A 26 2.23 6.68 6.22
CA GLU A 26 0.90 6.98 6.75
C GLU A 26 -0.16 6.10 6.09
N LEU A 27 -0.12 6.01 4.76
CA LEU A 27 -1.05 5.18 4.01
C LEU A 27 -0.91 3.70 4.43
N ALA A 28 0.31 3.28 4.70
CA ALA A 28 0.61 1.91 5.09
C ALA A 28 0.11 1.60 6.51
N GLU A 29 0.20 2.57 7.41
CA GLU A 29 -0.23 2.36 8.80
C GLU A 29 -1.76 2.31 8.91
N GLU A 30 -2.44 2.92 7.94
CA GLU A 30 -3.91 2.92 7.92
C GLU A 30 -4.45 1.55 7.52
N ILE A 31 -3.92 1.00 6.43
CA ILE A 31 -4.35 -0.31 5.93
C ILE A 31 -3.92 -1.44 6.88
N ALA A 32 -2.75 -1.28 7.50
CA ALA A 32 -2.22 -2.29 8.43
C ALA A 32 -3.04 -2.38 9.70
N ARG A 33 -3.67 -1.27 10.08
CA ARG A 33 -4.49 -1.22 11.30
C ARG A 33 -5.77 -2.05 11.19
N ARG A 34 -6.34 -2.12 9.99
CA ARG A 34 -7.58 -2.85 9.77
C ARG A 34 -7.35 -4.36 9.68
N LEU A 35 -6.18 -4.76 9.18
CA LEU A 35 -5.87 -6.18 9.02
C LEU A 35 -5.06 -6.71 10.22
N GLY A 36 -4.46 -5.80 10.98
CA GLY A 36 -3.68 -6.21 12.15
C GLY A 36 -2.28 -6.68 11.79
N LEU A 37 -1.58 -5.90 10.99
CA LEU A 37 -0.21 -6.24 10.56
C LEU A 37 0.74 -5.06 10.75
N SER A 38 2.01 -5.30 10.44
CA SER A 38 3.05 -4.28 10.56
C SER A 38 3.44 -3.74 9.18
N PRO A 39 3.71 -2.42 9.07
CA PRO A 39 4.08 -1.79 7.80
C PRO A 39 5.44 -2.25 7.26
N GLU A 40 6.25 -2.87 8.13
CA GLU A 40 7.57 -3.37 7.74
C GLU A 40 7.48 -4.65 6.92
N ASP A 41 6.33 -5.32 6.98
CA ASP A 41 6.12 -6.57 6.25
C ASP A 41 5.35 -6.32 4.96
N ILE A 42 4.49 -5.31 4.97
CA ILE A 42 3.68 -4.98 3.80
C ILE A 42 4.40 -4.01 2.88
N LYS A 43 4.51 -4.37 1.61
CA LYS A 43 5.18 -3.53 0.63
C LYS A 43 4.24 -3.20 -0.52
N LEU A 44 4.22 -1.94 -0.91
CA LEU A 44 3.38 -1.47 -2.00
C LEU A 44 4.14 -1.51 -3.31
N THR A 45 3.52 -2.05 -4.34
CA THR A 45 4.14 -2.17 -5.65
C THR A 45 3.27 -1.56 -6.74
N HIS A 46 3.87 -0.70 -7.55
CA HIS A 46 3.15 -0.05 -8.64
C HIS A 46 3.94 -0.17 -9.93
N ASN A 47 3.30 -0.71 -10.97
CA ASN A 47 3.89 -0.92 -12.31
C ASN A 47 5.30 -1.55 -12.25
N GLY A 48 5.52 -2.40 -11.25
CA GLY A 48 6.80 -3.08 -11.13
C GLY A 48 7.83 -2.31 -10.32
N LYS A 49 7.36 -1.42 -9.45
CA LYS A 49 8.25 -0.62 -8.60
C LYS A 49 7.76 -0.58 -7.17
N THR A 50 8.68 -0.67 -6.22
CA THR A 50 8.33 -0.65 -4.81
C THR A 50 8.41 0.76 -4.24
N LEU A 51 7.54 1.04 -3.27
CA LEU A 51 7.48 2.36 -2.64
C LEU A 51 8.16 2.34 -1.28
N ASP A 52 8.96 3.37 -1.01
CA ASP A 52 9.68 3.47 0.26
C ASP A 52 8.85 4.26 1.28
N PRO A 53 8.82 3.80 2.55
CA PRO A 53 8.07 4.47 3.64
C PRO A 53 8.58 5.88 3.96
N SER A 54 9.83 6.15 3.62
CA SER A 54 10.44 7.45 3.90
C SER A 54 10.03 8.51 2.87
N LEU A 55 9.73 8.08 1.65
CA LEU A 55 9.36 8.98 0.59
C LEU A 55 7.87 9.35 0.65
N THR A 56 7.43 10.09 -0.35
CA THR A 56 6.04 10.53 -0.43
C THR A 56 5.34 9.95 -1.65
N LEU A 57 4.01 9.89 -1.59
CA LEU A 57 3.21 9.35 -2.68
C LEU A 57 3.15 10.29 -3.88
N ALA A 58 3.22 11.59 -3.60
CA ALA A 58 3.17 12.61 -4.66
C ALA A 58 4.49 12.73 -5.42
N GLU A 59 5.57 12.17 -4.86
CA GLU A 59 6.89 12.23 -5.50
C GLU A 59 7.02 11.13 -6.55
N TYR A 60 6.18 10.11 -6.43
CA TYR A 60 6.20 8.98 -7.35
C TYR A 60 5.28 9.24 -8.55
N GLY A 61 4.34 10.17 -8.38
CA GLY A 61 3.41 10.48 -9.46
C GLY A 61 2.16 9.62 -9.42
N ILE A 62 1.58 9.46 -8.24
CA ILE A 62 0.37 8.65 -8.09
C ILE A 62 -0.83 9.51 -7.74
N THR A 63 -1.96 9.22 -8.37
CA THR A 63 -3.20 9.94 -8.13
C THR A 63 -4.31 8.99 -7.71
N PRO A 64 -5.37 9.50 -7.03
CA PRO A 64 -6.50 8.67 -6.59
C PRO A 64 -7.35 8.19 -7.77
N GLY A 65 -7.81 6.94 -7.69
CA GLY A 65 -8.62 6.39 -8.76
C GLY A 65 -7.86 5.36 -9.57
N SER A 66 -6.63 5.07 -9.17
CA SER A 66 -5.80 4.10 -9.87
C SER A 66 -5.80 2.75 -9.14
N THR A 67 -5.34 1.71 -9.83
CA THR A 67 -5.29 0.38 -9.27
C THR A 67 -3.97 0.16 -8.53
N ILE A 68 -4.07 -0.26 -7.27
CA ILE A 68 -2.87 -0.50 -6.45
C ILE A 68 -2.61 -2.00 -6.31
N THR A 69 -1.34 -2.37 -6.17
CA THR A 69 -0.94 -3.76 -6.03
C THR A 69 -0.30 -3.99 -4.67
N LEU A 70 -0.96 -4.80 -3.85
CA LEU A 70 -0.45 -5.10 -2.51
C LEU A 70 0.25 -6.45 -2.49
N GLU A 71 1.48 -6.46 -1.98
CA GLU A 71 2.26 -7.68 -1.89
C GLU A 71 2.92 -7.79 -0.51
N ILE A 72 2.77 -8.96 0.11
CA ILE A 72 3.35 -9.21 1.43
C ILE A 72 4.39 -10.31 1.37
N LYS A 73 5.44 -10.19 2.16
CA LYS A 73 6.50 -11.19 2.19
C LYS A 73 6.33 -12.13 3.38
N LYS A 74 6.37 -13.43 3.10
CA LYS A 74 6.22 -14.44 4.14
C LYS A 74 7.57 -15.03 4.52
N LYS A 75 7.69 -15.46 5.76
CA LYS A 75 8.94 -16.05 6.24
C LYS A 75 8.78 -17.54 6.50
N GLY A 76 9.82 -18.31 6.19
CA GLY A 76 9.77 -19.75 6.39
C GLY A 76 10.71 -20.51 5.48
N GLY A 77 11.19 -21.65 5.94
CA GLY A 77 12.10 -22.47 5.14
C GLY A 77 13.50 -22.50 5.72
N LEU A 78 14.49 -22.74 4.86
CA LEU A 78 15.88 -22.79 5.29
C LEU A 78 16.63 -21.56 4.82
N GLU A 79 17.31 -20.90 5.77
CA GLU A 79 18.09 -19.70 5.46
C GLU A 79 19.58 -19.96 5.66
N MET A 1 -11.26 10.12 -7.08
CA MET A 1 -10.98 11.56 -6.84
C MET A 1 -10.23 11.76 -5.52
N ASP A 2 -10.58 10.95 -4.53
CA ASP A 2 -9.95 11.03 -3.21
C ASP A 2 -9.76 9.64 -2.61
N THR A 3 -10.33 8.64 -3.26
CA THR A 3 -10.24 7.26 -2.80
C THR A 3 -9.35 6.42 -3.70
N ILE A 4 -8.74 5.39 -3.11
CA ILE A 4 -7.83 4.50 -3.85
C ILE A 4 -8.20 3.04 -3.62
N ASN A 5 -7.81 2.18 -4.55
CA ASN A 5 -8.08 0.76 -4.45
C ASN A 5 -6.86 0.01 -3.92
N ILE A 6 -7.12 -1.12 -3.29
CA ILE A 6 -6.07 -1.98 -2.74
C ILE A 6 -6.36 -3.44 -3.07
N THR A 7 -5.47 -4.06 -3.83
CA THR A 7 -5.64 -5.45 -4.25
C THR A 7 -4.81 -6.39 -3.38
N LEU A 8 -5.50 -7.30 -2.70
CA LEU A 8 -4.86 -8.26 -1.85
C LEU A 8 -4.61 -9.56 -2.61
N PRO A 9 -3.72 -10.44 -2.10
CA PRO A 9 -3.45 -11.74 -2.75
C PRO A 9 -4.60 -12.73 -2.61
N ASP A 10 -5.66 -12.30 -1.91
CA ASP A 10 -6.82 -13.14 -1.70
C ASP A 10 -7.84 -12.95 -2.83
N GLY A 11 -7.70 -11.85 -3.57
CA GLY A 11 -8.60 -11.57 -4.68
C GLY A 11 -9.67 -10.55 -4.34
N LYS A 12 -9.59 -9.96 -3.15
CA LYS A 12 -10.57 -8.96 -2.72
C LYS A 12 -9.97 -7.56 -2.78
N THR A 13 -10.82 -6.58 -3.10
CA THR A 13 -10.38 -5.19 -3.20
C THR A 13 -10.93 -4.35 -2.06
N LEU A 14 -10.22 -3.28 -1.75
CA LEU A 14 -10.60 -2.38 -0.67
C LEU A 14 -10.42 -0.92 -1.09
N THR A 15 -11.24 -0.03 -0.55
CA THR A 15 -11.16 1.39 -0.87
C THR A 15 -10.78 2.21 0.35
N LEU A 16 -9.73 3.01 0.22
CA LEU A 16 -9.27 3.85 1.33
C LEU A 16 -9.30 5.33 0.95
N THR A 17 -9.54 6.18 1.94
CA THR A 17 -9.61 7.63 1.71
C THR A 17 -8.33 8.30 2.19
N VAL A 18 -7.60 8.91 1.25
CA VAL A 18 -6.34 9.59 1.58
C VAL A 18 -6.20 10.87 0.77
N THR A 19 -5.08 11.57 0.98
CA THR A 19 -4.81 12.81 0.26
C THR A 19 -3.35 12.86 -0.18
N PRO A 20 -2.99 13.77 -1.10
CA PRO A 20 -1.61 13.92 -1.58
C PRO A 20 -0.65 14.36 -0.48
N GLU A 21 -1.20 14.82 0.65
CA GLU A 21 -0.39 15.27 1.78
C GLU A 21 -0.02 14.10 2.70
N PHE A 22 -0.59 12.93 2.41
CA PHE A 22 -0.33 11.74 3.19
C PHE A 22 1.00 11.11 2.74
N THR A 23 1.72 10.53 3.69
CA THR A 23 2.99 9.88 3.37
C THR A 23 2.75 8.40 3.08
N VAL A 24 3.77 7.73 2.55
CA VAL A 24 3.65 6.30 2.24
C VAL A 24 3.53 5.50 3.54
N LYS A 25 4.18 5.99 4.60
CA LYS A 25 4.14 5.34 5.90
C LYS A 25 2.77 5.51 6.55
N GLU A 26 2.14 6.66 6.30
CA GLU A 26 0.82 6.95 6.85
C GLU A 26 -0.25 6.11 6.16
N LEU A 27 -0.21 6.08 4.83
CA LEU A 27 -1.17 5.29 4.06
C LEU A 27 -1.05 3.80 4.41
N ALA A 28 0.17 3.35 4.67
CA ALA A 28 0.43 1.95 5.00
C ALA A 28 -0.09 1.59 6.40
N GLU A 29 0.04 2.51 7.35
CA GLU A 29 -0.41 2.27 8.73
C GLU A 29 -1.94 2.24 8.82
N GLU A 30 -2.61 2.92 7.89
CA GLU A 30 -4.08 2.96 7.88
C GLU A 30 -4.66 1.62 7.42
N ILE A 31 -4.16 1.12 6.29
CA ILE A 31 -4.65 -0.15 5.73
C ILE A 31 -4.22 -1.35 6.59
N ALA A 32 -3.02 -1.28 7.17
CA ALA A 32 -2.49 -2.37 8.00
C ALA A 32 -3.26 -2.52 9.31
N ARG A 33 -3.83 -1.40 9.78
CA ARG A 33 -4.59 -1.40 11.04
C ARG A 33 -5.90 -2.19 10.91
N ARG A 34 -6.51 -2.17 9.74
CA ARG A 34 -7.77 -2.86 9.50
C ARG A 34 -7.57 -4.33 9.13
N LEU A 35 -6.35 -4.67 8.70
CA LEU A 35 -6.05 -6.05 8.32
C LEU A 35 -5.33 -6.79 9.44
N GLY A 36 -4.77 -6.05 10.38
CA GLY A 36 -4.07 -6.65 11.51
C GLY A 36 -2.68 -7.12 11.16
N LEU A 37 -1.95 -6.33 10.38
CA LEU A 37 -0.59 -6.67 9.97
C LEU A 37 0.36 -5.52 10.24
N SER A 38 1.64 -5.75 9.94
CA SER A 38 2.68 -4.75 10.15
C SER A 38 3.00 -4.02 8.85
N PRO A 39 3.03 -2.66 8.88
CA PRO A 39 3.31 -1.83 7.69
C PRO A 39 4.69 -2.06 7.10
N GLU A 40 5.64 -2.50 7.93
CA GLU A 40 7.01 -2.75 7.50
C GLU A 40 7.14 -4.04 6.68
N ASP A 41 6.11 -4.88 6.74
CA ASP A 41 6.11 -6.15 6.01
C ASP A 41 5.36 -6.02 4.69
N ILE A 42 4.39 -5.11 4.63
CA ILE A 42 3.60 -4.89 3.42
C ILE A 42 4.27 -3.86 2.52
N LYS A 43 4.53 -4.26 1.28
CA LYS A 43 5.15 -3.37 0.32
C LYS A 43 4.16 -2.99 -0.77
N LEU A 44 4.16 -1.72 -1.14
CA LEU A 44 3.27 -1.23 -2.18
C LEU A 44 3.95 -1.31 -3.54
N THR A 45 3.22 -1.83 -4.52
CA THR A 45 3.75 -1.97 -5.87
C THR A 45 2.83 -1.34 -6.90
N HIS A 46 3.40 -0.49 -7.75
CA HIS A 46 2.65 0.19 -8.79
C HIS A 46 3.36 0.04 -10.14
N ASN A 47 2.62 -0.49 -11.13
CA ASN A 47 3.12 -0.71 -12.50
C ASN A 47 4.51 -1.39 -12.54
N GLY A 48 4.78 -2.25 -11.56
CA GLY A 48 6.05 -2.96 -11.53
C GLY A 48 7.15 -2.22 -10.79
N LYS A 49 6.76 -1.31 -9.89
CA LYS A 49 7.72 -0.54 -9.11
C LYS A 49 7.34 -0.54 -7.63
N THR A 50 8.34 -0.75 -6.78
CA THR A 50 8.13 -0.79 -5.34
C THR A 50 8.26 0.60 -4.72
N LEU A 51 7.51 0.81 -3.65
CA LEU A 51 7.51 2.09 -2.94
C LEU A 51 7.96 1.92 -1.50
N ASP A 52 8.82 2.83 -1.04
CA ASP A 52 9.32 2.78 0.33
C ASP A 52 8.48 3.68 1.25
N PRO A 53 8.29 3.27 2.52
CA PRO A 53 7.50 4.04 3.50
C PRO A 53 8.12 5.39 3.89
N SER A 54 9.43 5.52 3.70
CA SER A 54 10.15 6.75 4.04
C SER A 54 9.85 7.88 3.06
N LEU A 55 9.52 7.54 1.82
CA LEU A 55 9.26 8.52 0.80
C LEU A 55 7.81 9.01 0.85
N THR A 56 7.45 9.83 -0.13
CA THR A 56 6.10 10.40 -0.21
C THR A 56 5.36 9.88 -1.44
N LEU A 57 4.03 9.94 -1.38
CA LEU A 57 3.18 9.48 -2.47
C LEU A 57 3.22 10.42 -3.67
N ALA A 58 3.39 11.71 -3.39
CA ALA A 58 3.41 12.73 -4.44
C ALA A 58 4.75 12.74 -5.20
N GLU A 59 5.74 12.02 -4.68
CA GLU A 59 7.05 11.95 -5.32
C GLU A 59 7.06 10.90 -6.42
N TYR A 60 6.21 9.88 -6.25
CA TYR A 60 6.11 8.79 -7.20
C TYR A 60 5.16 9.13 -8.35
N GLY A 61 4.29 10.12 -8.13
CA GLY A 61 3.35 10.52 -9.17
C GLY A 61 2.11 9.65 -9.20
N ILE A 62 1.52 9.39 -8.03
CA ILE A 62 0.32 8.56 -7.94
C ILE A 62 -0.94 9.42 -7.85
N THR A 63 -2.01 8.96 -8.49
CA THR A 63 -3.28 9.67 -8.49
C THR A 63 -4.42 8.77 -7.98
N PRO A 64 -5.50 9.37 -7.45
CA PRO A 64 -6.64 8.61 -6.93
C PRO A 64 -7.45 7.95 -8.05
N GLY A 65 -8.01 6.79 -7.74
CA GLY A 65 -8.80 6.07 -8.73
C GLY A 65 -8.01 4.99 -9.46
N SER A 66 -6.81 4.70 -8.95
CA SER A 66 -5.96 3.69 -9.57
C SER A 66 -5.93 2.42 -8.71
N THR A 67 -5.59 1.30 -9.35
CA THR A 67 -5.51 0.02 -8.66
C THR A 67 -4.10 -0.22 -8.13
N ILE A 68 -3.98 -0.42 -6.83
CA ILE A 68 -2.68 -0.65 -6.21
C ILE A 68 -2.56 -2.09 -5.71
N THR A 69 -1.49 -2.75 -6.12
CA THR A 69 -1.24 -4.12 -5.74
C THR A 69 -0.19 -4.18 -4.63
N LEU A 70 -0.41 -5.02 -3.64
CA LEU A 70 0.52 -5.14 -2.52
C LEU A 70 1.26 -6.49 -2.55
N GLU A 71 2.38 -6.54 -1.84
CA GLU A 71 3.18 -7.76 -1.75
C GLU A 71 3.68 -7.96 -0.33
N ILE A 72 3.57 -9.19 0.17
CA ILE A 72 4.01 -9.52 1.53
C ILE A 72 5.25 -10.40 1.48
N LYS A 73 6.15 -10.20 2.44
CA LYS A 73 7.38 -10.99 2.51
C LYS A 73 7.38 -11.88 3.74
N LYS A 74 7.99 -13.05 3.62
CA LYS A 74 8.07 -14.00 4.72
C LYS A 74 9.52 -14.21 5.16
N LYS A 75 9.71 -14.46 6.44
CA LYS A 75 11.06 -14.68 6.99
C LYS A 75 11.09 -15.97 7.82
N GLY A 76 12.26 -16.58 7.91
CA GLY A 76 12.40 -17.80 8.68
C GLY A 76 13.34 -18.81 8.03
N GLY A 77 13.00 -19.23 6.82
CA GLY A 77 13.83 -20.19 6.10
C GLY A 77 13.04 -20.98 5.09
N LEU A 78 12.23 -20.28 4.29
CA LEU A 78 11.41 -20.92 3.27
C LEU A 78 11.54 -20.20 1.93
N GLU A 79 11.86 -20.96 0.88
CA GLU A 79 12.03 -20.40 -0.45
C GLU A 79 11.19 -21.17 -1.46
#